data_2P2J
#
_entry.id   2P2J
#
_cell.length_a   91.675
_cell.length_b   94.500
_cell.length_c   167.506
_cell.angle_alpha   90.00
_cell.angle_beta   90.00
_cell.angle_gamma   90.00
#
_symmetry.space_group_name_H-M   'P 21 21 21'
#
loop_
_entity.id
_entity.type
_entity.pdbx_description
1 polymer 'Acetyl-coenzyme A synthetase'
2 non-polymer 'COENZYME A'
3 non-polymer "ADENOSINE-5'-MONOPHOSPHATE-PROPYL ESTER"
4 water water
#
_entity_poly.entity_id   1
_entity_poly.type   'polypeptide(L)'
_entity_poly.pdbx_seq_one_letter_code
;MSQTHKHAIPANIADRCLINPEQYETKYKQSINDPDTFWGEQGKILDWITPYQKVKNTSFAPGNVSIKWYEDGTLNLAAN
CLDRHLQENGDRTAIIWEGDDTSQSKHISYRELHRDVCRFANTLLDLGIKKGDVVAIYMPMVPEAAVAMLACARIGAVHS
VIFGGFSPEAVAGRIIDSSSRLVITADEGVRAGRSIPLKKNVDDALKNPNVTSVEHVIVLKRTGSDIDWQEGRDLWWRDL
IEKASPEHQPEAMNAEDPLFILYTSGSTGKPKGVLHTTGGYLVYAATTFKYVFDYHPGDIYWCTADVGWVTGHSYLLYGP
LACGATTLMFEGVPNWPTPARMCQVVDKHQVNILYTAPTAIRALMAEGDKAIEGTDRSSLRILGSVGEPINPEAWEWYWK
KIGKEKCPVVDTWWQTETGGFMITPLPGAIELKAGSATRPFFGVQPALVDNEGHPQEGATEGNLVITDSWPGQARTLFGD
HERFEQTYFSTFKNMYFSGDGARRDEDGYYWITGRVDDVLNVSGHRLGTAEIESALVAHPKIAEAAVVGIPHAIKGQAIY
AYVTLNHGEEPSPELYAEVRNWVRKEIGPLATPDVLHWTDSLPKTRSGAIMRRILRKIAAGDTSNLGDTSTLADPGVVEK
LLEEKQAIAMPS
;
_entity_poly.pdbx_strand_id   A,B
#
loop_
_chem_comp.id
_chem_comp.type
_chem_comp.name
_chem_comp.formula
COA non-polymer 'COENZYME A' 'C21 H36 N7 O16 P3 S'
PRX non-polymer 'ADENOSINE-5'-MONOPHOSPHATE-PROPYL ESTER' 'C13 H20 N5 O7 P'
#
# COMPACT_ATOMS: atom_id res chain seq x y z
N HIS A 5 33.02 13.00 4.45
CA HIS A 5 33.67 14.17 3.79
C HIS A 5 33.17 14.41 2.35
N LYS A 6 33.89 15.22 1.59
CA LYS A 6 33.52 15.57 0.21
C LYS A 6 33.65 14.38 -0.76
N HIS A 7 32.77 14.33 -1.78
CA HIS A 7 32.94 13.45 -2.93
C HIS A 7 33.55 14.23 -4.09
N ALA A 8 34.73 13.77 -4.52
CA ALA A 8 35.45 14.41 -5.60
C ALA A 8 34.75 14.19 -6.94
N ILE A 9 34.99 15.10 -7.86
CA ILE A 9 34.47 14.99 -9.21
C ILE A 9 35.16 13.80 -9.94
N PRO A 10 34.39 12.81 -10.44
CA PRO A 10 35.08 11.70 -11.10
C PRO A 10 35.60 12.10 -12.49
N ALA A 11 36.63 11.38 -12.94
CA ALA A 11 37.33 11.68 -14.19
C ALA A 11 36.42 11.71 -15.42
N ASN A 12 35.51 10.74 -15.54
CA ASN A 12 34.59 10.72 -16.69
C ASN A 12 33.77 11.99 -16.77
N ILE A 13 33.36 12.51 -15.60
CA ILE A 13 32.65 13.78 -15.55
C ILE A 13 33.62 14.92 -15.87
N ALA A 14 34.78 14.95 -15.22
CA ALA A 14 35.81 15.94 -15.55
C ALA A 14 36.10 16.04 -17.05
N ASP A 15 36.15 14.90 -17.75
CA ASP A 15 36.46 14.88 -19.19
C ASP A 15 35.32 15.42 -20.07
N ARG A 16 34.11 15.47 -19.54
CA ARG A 16 32.96 15.87 -20.35
C ARG A 16 32.20 17.12 -19.91
N CYS A 17 32.30 17.46 -18.62
CA CYS A 17 31.48 18.53 -18.02
C CYS A 17 31.55 19.83 -18.82
N LEU A 18 30.38 20.44 -18.99
CA LEU A 18 30.27 21.74 -19.62
C LEU A 18 30.89 22.81 -18.71
N ILE A 19 30.71 22.65 -17.39
CA ILE A 19 31.19 23.64 -16.45
C ILE A 19 32.13 22.98 -15.45
N ASN A 20 33.40 23.34 -15.53
CA ASN A 20 34.42 22.89 -14.57
C ASN A 20 34.53 23.89 -13.41
N PRO A 21 35.38 23.62 -12.39
CA PRO A 21 35.34 24.49 -11.21
C PRO A 21 35.74 25.94 -11.49
N GLU A 22 36.69 26.14 -12.40
CA GLU A 22 37.13 27.49 -12.77
C GLU A 22 36.04 28.25 -13.56
N GLN A 23 35.38 27.53 -14.46
CA GLN A 23 34.28 28.10 -15.22
C GLN A 23 33.10 28.47 -14.31
N TYR A 24 32.84 27.63 -13.30
CA TYR A 24 31.80 27.97 -12.35
C TYR A 24 32.12 29.33 -11.71
N GLU A 25 33.33 29.46 -11.15
CA GLU A 25 33.72 30.67 -10.39
C GLU A 25 33.69 31.93 -11.25
N THR A 26 34.20 31.80 -12.48
CA THR A 26 34.21 32.89 -13.45
C THR A 26 32.78 33.33 -13.81
N LYS A 27 31.95 32.36 -14.21
CA LYS A 27 30.60 32.67 -14.63
C LYS A 27 29.79 33.26 -13.50
N TYR A 28 29.91 32.68 -12.30
CA TYR A 28 29.13 33.14 -11.16
C TYR A 28 29.46 34.60 -10.84
N LYS A 29 30.75 34.90 -10.73
CA LYS A 29 31.20 36.25 -10.43
C LYS A 29 30.73 37.27 -11.49
N GLN A 30 30.79 36.90 -12.78
CA GLN A 30 30.21 37.77 -13.82
C GLN A 30 28.69 37.87 -13.68
N SER A 31 28.05 36.76 -13.28
CA SER A 31 26.59 36.77 -13.18
C SER A 31 26.14 37.80 -12.14
N ILE A 32 26.93 37.99 -11.09
CA ILE A 32 26.64 38.94 -10.03
C ILE A 32 27.14 40.36 -10.33
N ASN A 33 28.37 40.47 -10.86
CA ASN A 33 28.99 41.76 -11.11
C ASN A 33 28.40 42.46 -12.33
N ASP A 34 28.05 41.67 -13.33
CA ASP A 34 27.59 42.22 -14.60
C ASP A 34 26.54 41.30 -15.19
N PRO A 35 25.33 41.29 -14.58
CA PRO A 35 24.23 40.40 -15.00
C PRO A 35 23.71 40.71 -16.41
N ASP A 36 23.74 41.99 -16.79
CA ASP A 36 23.37 42.41 -18.17
C ASP A 36 24.25 41.78 -19.27
N THR A 37 25.58 41.82 -19.09
CA THR A 37 26.46 41.08 -20.01
C THR A 37 26.18 39.58 -19.86
N PHE A 38 26.24 39.09 -18.62
CA PHE A 38 26.10 37.66 -18.41
C PHE A 38 24.80 37.07 -18.97
N TRP A 39 23.65 37.64 -18.57
CA TRP A 39 22.36 37.17 -19.08
C TRP A 39 22.03 37.66 -20.48
N GLY A 40 22.64 38.77 -20.89
CA GLY A 40 22.54 39.24 -22.27
C GLY A 40 23.09 38.17 -23.22
N GLU A 41 24.29 37.69 -22.93
CA GLU A 41 24.94 36.59 -23.66
C GLU A 41 24.21 35.25 -23.41
N GLN A 42 23.81 35.00 -22.18
CA GLN A 42 23.25 33.71 -21.86
C GLN A 42 21.81 33.52 -22.39
N GLY A 43 21.10 34.64 -22.53
CA GLY A 43 19.76 34.65 -23.15
C GLY A 43 19.75 34.09 -24.56
N LYS A 44 20.90 34.04 -25.20
CA LYS A 44 21.01 33.51 -26.55
C LYS A 44 20.82 31.98 -26.61
N ILE A 45 20.64 31.35 -25.45
CA ILE A 45 20.24 29.95 -25.42
C ILE A 45 18.87 29.77 -26.14
N LEU A 46 18.15 30.86 -26.33
CA LEU A 46 16.87 30.80 -27.06
C LEU A 46 16.87 31.54 -28.39
N ASP A 47 15.86 31.26 -29.20
CA ASP A 47 15.59 32.00 -30.41
C ASP A 47 14.64 33.11 -30.06
N TRP A 48 15.01 34.33 -30.42
CA TRP A 48 14.14 35.47 -30.23
C TRP A 48 13.65 35.99 -31.57
N ILE A 49 12.37 36.39 -31.62
CA ILE A 49 11.80 36.90 -32.86
C ILE A 49 12.28 38.35 -33.08
N THR A 50 12.06 39.22 -32.10
CA THR A 50 12.79 40.48 -32.05
C THR A 50 13.70 40.46 -30.80
N PRO A 51 14.99 40.82 -30.97
CA PRO A 51 15.95 40.67 -29.89
C PRO A 51 15.67 41.69 -28.80
N TYR A 52 15.99 41.34 -27.56
CA TYR A 52 15.92 42.28 -26.45
C TYR A 52 17.11 43.21 -26.52
N GLN A 53 17.00 44.34 -25.83
CA GLN A 53 18.11 45.25 -25.63
C GLN A 53 18.31 45.43 -24.13
N LYS A 54 17.21 45.66 -23.41
CA LYS A 54 17.24 45.62 -21.95
C LYS A 54 17.35 44.15 -21.51
N VAL A 55 18.16 43.94 -20.47
CA VAL A 55 18.30 42.63 -19.86
C VAL A 55 17.67 42.67 -18.47
N LYS A 56 18.42 43.08 -17.45
CA LYS A 56 17.90 43.09 -16.07
C LYS A 56 17.21 44.41 -15.72
N ASN A 57 15.97 44.31 -15.23
CA ASN A 57 15.19 45.50 -14.85
C ASN A 57 14.22 45.18 -13.72
N THR A 58 14.78 45.07 -12.53
CA THR A 58 14.09 44.52 -11.39
C THR A 58 14.20 45.49 -10.20
N SER A 59 13.26 45.39 -9.27
CA SER A 59 13.34 46.06 -7.97
C SER A 59 12.62 45.22 -6.95
N PHE A 60 13.15 45.13 -5.73
CA PHE A 60 12.49 44.45 -4.63
C PHE A 60 11.97 45.47 -3.61
N ALA A 61 12.08 46.76 -3.94
CA ALA A 61 11.78 47.85 -3.00
C ALA A 61 10.30 47.92 -2.56
N PRO A 62 10.05 48.24 -1.26
CA PRO A 62 8.69 48.40 -0.74
C PRO A 62 7.83 49.30 -1.62
N GLY A 63 6.62 48.85 -1.91
CA GLY A 63 5.70 49.56 -2.82
C GLY A 63 6.11 49.61 -4.30
N ASN A 64 7.24 48.99 -4.63
CA ASN A 64 7.74 48.98 -6.00
C ASN A 64 8.42 47.66 -6.39
N VAL A 65 7.78 46.56 -6.05
CA VAL A 65 8.29 45.25 -6.40
C VAL A 65 7.98 45.04 -7.89
N SER A 66 9.02 44.96 -8.69
CA SER A 66 8.85 44.93 -10.13
C SER A 66 9.99 44.17 -10.77
N ILE A 67 9.66 43.13 -11.53
CA ILE A 67 10.66 42.20 -12.04
C ILE A 67 10.51 42.02 -13.54
N LYS A 68 11.53 42.45 -14.27
CA LYS A 68 11.50 42.33 -15.70
C LYS A 68 12.84 41.89 -16.26
N TRP A 69 12.77 40.94 -17.19
CA TRP A 69 13.93 40.47 -17.87
C TRP A 69 13.65 40.41 -19.36
N TYR A 70 14.63 40.88 -20.14
CA TYR A 70 14.56 40.84 -21.59
C TYR A 70 13.30 41.51 -22.14
N GLU A 71 12.81 42.51 -21.43
CA GLU A 71 11.42 42.98 -21.60
C GLU A 71 10.99 43.43 -23.01
N ASP A 72 11.97 43.88 -23.81
CA ASP A 72 11.67 44.49 -25.12
C ASP A 72 11.87 43.48 -26.25
N GLY A 73 12.09 42.23 -25.86
CA GLY A 73 12.28 41.16 -26.80
C GLY A 73 11.01 40.35 -26.92
N THR A 74 10.87 39.66 -28.05
CA THR A 74 9.75 38.77 -28.27
C THR A 74 10.27 37.37 -28.64
N LEU A 75 9.43 36.36 -28.38
CA LEU A 75 9.75 34.96 -28.62
C LEU A 75 8.49 34.12 -28.56
N ASN A 76 8.63 32.84 -28.87
CA ASN A 76 7.56 31.87 -28.67
C ASN A 76 8.15 30.62 -28.00
N LEU A 77 7.59 30.24 -26.84
CA LEU A 77 8.14 29.09 -26.07
C LEU A 77 7.97 27.78 -26.85
N ALA A 78 6.83 27.63 -27.52
CA ALA A 78 6.59 26.46 -28.36
C ALA A 78 7.59 26.34 -29.52
N ALA A 79 7.98 27.47 -30.12
CA ALA A 79 9.00 27.46 -31.19
C ALA A 79 10.37 27.04 -30.68
N ASN A 80 10.73 27.50 -29.49
CA ASN A 80 12.01 27.14 -28.87
C ASN A 80 12.08 25.69 -28.40
N CYS A 81 10.93 25.12 -28.06
CA CYS A 81 10.84 23.74 -27.56
C CYS A 81 10.56 22.77 -28.69
N LEU A 82 10.18 23.27 -29.86
CA LEU A 82 9.73 22.39 -30.94
C LEU A 82 10.22 22.78 -32.33
N ASP A 83 9.69 23.87 -32.86
CA ASP A 83 9.92 24.28 -34.24
C ASP A 83 11.40 24.34 -34.60
N ARG A 84 12.19 25.00 -33.75
CA ARG A 84 13.61 25.20 -34.06
C ARG A 84 14.41 23.88 -34.14
N HIS A 85 13.93 22.81 -33.51
CA HIS A 85 14.66 21.52 -33.55
C HIS A 85 14.33 20.68 -34.78
N LEU A 86 13.26 21.03 -35.50
CA LEU A 86 12.72 20.19 -36.58
C LEU A 86 13.68 19.96 -37.76
N GLN A 87 14.31 21.04 -38.23
CA GLN A 87 15.22 21.00 -39.38
C GLN A 87 16.32 19.95 -39.28
N GLU A 88 17.09 19.98 -38.18
CA GLU A 88 18.20 19.04 -37.97
C GLU A 88 17.84 17.83 -37.10
N ASN A 89 16.85 17.99 -36.21
CA ASN A 89 16.54 16.93 -35.24
C ASN A 89 15.06 16.51 -35.11
N GLY A 90 14.28 16.73 -36.15
CA GLY A 90 12.86 16.37 -36.17
C GLY A 90 12.54 14.90 -35.99
N ASP A 91 13.47 14.00 -36.36
CA ASP A 91 13.31 12.54 -36.14
C ASP A 91 13.72 12.08 -34.72
N ARG A 92 14.41 12.93 -33.98
CA ARG A 92 14.78 12.63 -32.61
C ARG A 92 13.55 12.57 -31.70
N THR A 93 13.58 11.61 -30.77
CA THR A 93 12.56 11.47 -29.73
C THR A 93 12.57 12.68 -28.79
N ALA A 94 11.45 13.39 -28.75
CA ALA A 94 11.27 14.49 -27.83
C ALA A 94 10.86 13.88 -26.50
N ILE A 95 9.85 13.02 -26.56
CA ILE A 95 9.29 12.37 -25.35
C ILE A 95 9.20 10.86 -25.48
N ILE A 96 9.80 10.18 -24.50
CA ILE A 96 9.57 8.75 -24.32
C ILE A 96 8.49 8.66 -23.27
N TRP A 97 7.39 8.01 -23.61
CA TRP A 97 6.33 7.77 -22.65
C TRP A 97 6.33 6.32 -22.21
N GLU A 98 6.48 6.11 -20.90
CA GLU A 98 6.43 4.76 -20.32
C GLU A 98 5.14 4.63 -19.51
N GLY A 99 4.28 3.68 -19.92
CA GLY A 99 3.00 3.43 -19.26
C GLY A 99 3.15 2.76 -17.92
N ASP A 100 2.15 2.95 -17.05
CA ASP A 100 2.00 2.24 -15.79
C ASP A 100 2.16 0.72 -16.04
N ASP A 101 1.50 0.26 -17.11
CA ASP A 101 1.71 -1.05 -17.70
C ASP A 101 2.86 -0.95 -18.70
N THR A 102 3.93 -1.69 -18.42
CA THR A 102 5.17 -1.53 -19.16
C THR A 102 5.06 -1.99 -20.63
N SER A 103 4.09 -2.86 -20.91
CA SER A 103 3.78 -3.23 -22.29
C SER A 103 3.29 -2.05 -23.16
N GLN A 104 2.91 -0.94 -22.53
CA GLN A 104 2.48 0.26 -23.24
C GLN A 104 3.55 1.35 -23.18
N SER A 105 4.09 1.75 -24.33
CA SER A 105 4.98 2.90 -24.38
C SER A 105 5.02 3.54 -25.78
N LYS A 106 5.67 4.69 -25.87
CA LYS A 106 5.75 5.48 -27.09
C LYS A 106 7.03 6.29 -27.11
N HIS A 107 7.57 6.42 -28.31
CA HIS A 107 8.58 7.40 -28.66
C HIS A 107 7.92 8.44 -29.54
N ILE A 108 8.01 9.69 -29.14
CA ILE A 108 7.35 10.77 -29.88
C ILE A 108 8.42 11.72 -30.36
N SER A 109 8.66 11.72 -31.67
CA SER A 109 9.67 12.57 -32.29
C SER A 109 9.33 14.05 -32.08
N TYR A 110 10.31 14.93 -32.26
CA TYR A 110 10.01 16.34 -32.22
C TYR A 110 8.98 16.72 -33.29
N ARG A 111 9.05 16.06 -34.45
CA ARG A 111 8.16 16.37 -35.56
C ARG A 111 6.72 15.95 -35.22
N GLU A 112 6.58 14.79 -34.59
CA GLU A 112 5.28 14.26 -34.17
C GLU A 112 4.66 15.08 -33.03
N LEU A 113 5.48 15.42 -32.05
CA LEU A 113 5.08 16.37 -30.99
C LEU A 113 4.68 17.75 -31.56
N HIS A 114 5.49 18.30 -32.46
CA HIS A 114 5.18 19.59 -33.06
C HIS A 114 3.83 19.57 -33.76
N ARG A 115 3.57 18.50 -34.52
CA ARG A 115 2.34 18.36 -35.29
C ARG A 115 1.07 18.38 -34.44
N ASP A 116 1.08 17.58 -33.36
CA ASP A 116 -0.04 17.52 -32.43
C ASP A 116 -0.24 18.80 -31.67
N VAL A 117 0.85 19.48 -31.38
CA VAL A 117 0.78 20.78 -30.73
C VAL A 117 0.19 21.84 -31.67
N CYS A 118 0.55 21.78 -32.95
CA CYS A 118 -0.07 22.67 -33.95
C CYS A 118 -1.55 22.39 -34.07
N ARG A 119 -1.91 21.12 -34.16
CA ARG A 119 -3.31 20.74 -34.26
C ARG A 119 -4.09 21.17 -33.00
N PHE A 120 -3.53 20.91 -31.83
CA PHE A 120 -4.23 21.30 -30.62
C PHE A 120 -4.30 22.83 -30.43
N ALA A 121 -3.30 23.55 -30.92
CA ALA A 121 -3.33 24.99 -30.87
C ALA A 121 -4.47 25.55 -31.71
N ASN A 122 -4.67 25.00 -32.92
CA ASN A 122 -5.77 25.40 -33.77
C ASN A 122 -7.10 25.00 -33.13
N THR A 123 -7.14 23.79 -32.55
CA THR A 123 -8.27 23.34 -31.74
C THR A 123 -8.62 24.42 -30.70
N LEU A 124 -7.66 24.83 -29.89
CA LEU A 124 -7.93 25.87 -28.87
C LEU A 124 -8.53 27.16 -29.48
N LEU A 125 -7.91 27.64 -30.56
CA LEU A 125 -8.32 28.89 -31.19
C LEU A 125 -9.74 28.80 -31.75
N ASP A 126 -10.00 27.70 -32.47
CA ASP A 126 -11.34 27.39 -32.95
C ASP A 126 -12.41 27.35 -31.85
N LEU A 127 -12.00 27.10 -30.60
CA LEU A 127 -12.92 27.03 -29.48
C LEU A 127 -13.12 28.42 -28.87
N GLY A 128 -12.53 29.43 -29.48
CA GLY A 128 -12.64 30.79 -28.99
C GLY A 128 -11.64 31.15 -27.90
N ILE A 129 -10.69 30.26 -27.64
CA ILE A 129 -9.61 30.56 -26.70
C ILE A 129 -8.63 31.58 -27.33
N LYS A 130 -8.24 32.57 -26.56
CA LYS A 130 -7.37 33.65 -27.04
C LYS A 130 -6.15 33.81 -26.12
N LYS A 131 -5.17 34.55 -26.60
CA LYS A 131 -4.00 34.89 -25.81
C LYS A 131 -4.46 35.51 -24.50
N GLY A 132 -3.88 35.11 -23.38
CA GLY A 132 -4.26 35.68 -22.08
C GLY A 132 -5.34 34.93 -21.29
N ASP A 133 -6.17 34.14 -21.97
CA ASP A 133 -7.15 33.28 -21.31
C ASP A 133 -6.49 32.19 -20.48
N VAL A 134 -7.13 31.85 -19.36
CA VAL A 134 -6.63 30.77 -18.52
C VAL A 134 -7.35 29.47 -18.87
N VAL A 135 -6.54 28.42 -19.02
CA VAL A 135 -6.98 27.09 -19.41
C VAL A 135 -6.54 26.15 -18.30
N ALA A 136 -7.51 25.50 -17.65
CA ALA A 136 -7.21 24.49 -16.63
C ALA A 136 -6.87 23.15 -17.29
N ILE A 137 -5.76 22.57 -16.83
CA ILE A 137 -5.33 21.25 -17.26
C ILE A 137 -5.28 20.34 -16.03
N TYR A 138 -6.14 19.31 -16.04
CA TYR A 138 -6.28 18.38 -14.93
C TYR A 138 -6.06 17.03 -15.57
N MET A 139 -4.79 16.71 -15.76
CA MET A 139 -4.42 15.58 -16.60
C MET A 139 -3.55 14.56 -15.83
N PRO A 140 -3.59 13.29 -16.25
CA PRO A 140 -2.65 12.29 -15.78
C PRO A 140 -1.30 12.40 -16.54
N MET A 141 -0.35 11.54 -16.21
CA MET A 141 0.98 11.59 -16.81
C MET A 141 1.00 10.90 -18.18
N VAL A 142 0.34 11.56 -19.14
CA VAL A 142 0.21 11.09 -20.52
C VAL A 142 0.74 12.22 -21.44
N PRO A 143 1.20 11.87 -22.65
CA PRO A 143 1.79 12.91 -23.53
C PRO A 143 0.82 14.03 -23.92
N GLU A 144 -0.47 13.73 -23.91
CA GLU A 144 -1.49 14.74 -24.23
C GLU A 144 -1.51 15.89 -23.22
N ALA A 145 -1.04 15.66 -22.00
CA ALA A 145 -0.82 16.76 -21.04
C ALA A 145 0.24 17.74 -21.54
N ALA A 146 1.31 17.22 -22.13
CA ALA A 146 2.39 18.05 -22.62
C ALA A 146 1.92 18.80 -23.86
N VAL A 147 1.18 18.12 -24.72
CA VAL A 147 0.58 18.74 -25.91
C VAL A 147 -0.27 19.94 -25.49
N ALA A 148 -1.11 19.75 -24.48
CA ALA A 148 -2.01 20.79 -24.01
C ALA A 148 -1.23 22.00 -23.50
N MET A 149 -0.27 21.77 -22.61
CA MET A 149 0.57 22.85 -22.09
C MET A 149 1.31 23.63 -23.20
N LEU A 150 2.00 22.90 -24.08
CA LEU A 150 2.77 23.54 -25.15
C LEU A 150 1.92 24.29 -26.16
N ALA A 151 0.70 23.81 -26.40
CA ALA A 151 -0.24 24.47 -27.30
C ALA A 151 -0.82 25.75 -26.68
N CYS A 152 -1.00 25.73 -25.37
CA CYS A 152 -1.42 26.92 -24.66
C CYS A 152 -0.35 28.01 -24.79
N ALA A 153 0.90 27.59 -24.54
CA ALA A 153 2.04 28.50 -24.57
C ALA A 153 2.22 29.05 -25.99
N ARG A 154 2.01 28.20 -26.99
CA ARG A 154 2.16 28.58 -28.40
C ARG A 154 1.24 29.76 -28.78
N ILE A 155 0.01 29.74 -28.26
CA ILE A 155 -0.95 30.76 -28.56
C ILE A 155 -1.02 31.85 -27.48
N GLY A 156 -0.14 31.78 -26.50
CA GLY A 156 -0.12 32.82 -25.46
C GLY A 156 -1.28 32.68 -24.50
N ALA A 157 -1.95 31.53 -24.50
CA ALA A 157 -2.94 31.22 -23.47
C ALA A 157 -2.14 30.89 -22.20
N VAL A 158 -2.74 31.12 -21.04
CA VAL A 158 -2.07 30.96 -19.75
C VAL A 158 -2.58 29.67 -19.11
N HIS A 159 -1.78 28.60 -19.14
CA HIS A 159 -2.28 27.35 -18.59
C HIS A 159 -2.16 27.35 -17.08
N SER A 160 -3.08 26.63 -16.46
CA SER A 160 -3.06 26.38 -15.03
C SER A 160 -3.23 24.89 -14.82
N VAL A 161 -2.11 24.22 -14.62
CA VAL A 161 -2.11 22.79 -14.41
C VAL A 161 -2.50 22.50 -12.95
N ILE A 162 -3.47 21.61 -12.82
CA ILE A 162 -3.97 21.15 -11.54
C ILE A 162 -3.61 19.68 -11.38
N PHE A 163 -2.72 19.41 -10.43
CA PHE A 163 -2.29 18.05 -10.07
C PHE A 163 -3.49 17.10 -10.00
N GLY A 164 -3.38 15.95 -10.69
CA GLY A 164 -4.50 15.01 -10.80
C GLY A 164 -5.03 14.47 -9.48
N GLY A 165 -4.23 14.60 -8.42
CA GLY A 165 -4.57 14.05 -7.12
C GLY A 165 -5.43 14.96 -6.26
N PHE A 166 -5.64 16.21 -6.70
CA PHE A 166 -6.57 17.12 -6.01
C PHE A 166 -8.01 16.63 -6.16
N SER A 167 -8.82 16.88 -5.14
CA SER A 167 -10.26 16.60 -5.13
C SER A 167 -11.11 17.62 -5.92
N PRO A 168 -12.36 17.24 -6.28
CA PRO A 168 -13.29 18.20 -6.89
C PRO A 168 -13.29 19.60 -6.25
N GLU A 169 -13.20 19.66 -4.93
CA GLU A 169 -13.27 20.92 -4.21
C GLU A 169 -11.98 21.74 -4.45
N ALA A 170 -10.83 21.08 -4.41
CA ALA A 170 -9.55 21.71 -4.71
C ALA A 170 -9.50 22.21 -6.15
N VAL A 171 -10.09 21.43 -7.06
CA VAL A 171 -10.19 21.78 -8.48
C VAL A 171 -11.08 23.00 -8.72
N ALA A 172 -12.31 22.96 -8.19
CA ALA A 172 -13.21 24.08 -8.27
C ALA A 172 -12.56 25.36 -7.75
N GLY A 173 -11.97 25.30 -6.57
CA GLY A 173 -11.25 26.45 -6.02
C GLY A 173 -10.33 27.09 -7.05
N ARG A 174 -9.51 26.28 -7.72
CA ARG A 174 -8.50 26.77 -8.65
C ARG A 174 -9.14 27.36 -9.91
N ILE A 175 -10.22 26.74 -10.36
CA ILE A 175 -10.95 27.21 -11.52
C ILE A 175 -11.62 28.56 -11.22
N ILE A 176 -12.16 28.71 -10.01
CA ILE A 176 -12.84 29.95 -9.62
C ILE A 176 -11.84 31.10 -9.49
N ASP A 177 -10.69 30.86 -8.86
CA ASP A 177 -9.75 31.94 -8.63
C ASP A 177 -9.19 32.45 -9.94
N SER A 178 -8.99 31.54 -10.88
CA SER A 178 -8.29 31.84 -12.13
C SER A 178 -9.25 32.23 -13.27
N SER A 179 -10.55 32.10 -13.02
CA SER A 179 -11.59 32.21 -14.04
C SER A 179 -11.27 31.36 -15.29
N SER A 180 -10.84 30.11 -15.09
CA SER A 180 -10.56 29.19 -16.21
C SER A 180 -11.71 29.10 -17.18
N ARG A 181 -11.40 29.16 -18.47
CA ARG A 181 -12.43 29.20 -19.51
C ARG A 181 -12.73 27.81 -20.07
N LEU A 182 -11.83 26.89 -19.77
CA LEU A 182 -11.78 25.57 -20.38
C LEU A 182 -11.08 24.64 -19.41
N VAL A 183 -11.54 23.40 -19.38
CA VAL A 183 -10.91 22.35 -18.59
C VAL A 183 -10.51 21.20 -19.53
N ILE A 184 -9.23 20.81 -19.43
CA ILE A 184 -8.67 19.70 -20.18
C ILE A 184 -8.34 18.53 -19.25
N THR A 185 -8.99 17.38 -19.47
CA THR A 185 -8.87 16.24 -18.59
C THR A 185 -8.94 14.95 -19.38
N ALA A 186 -8.90 13.81 -18.68
CA ALA A 186 -9.03 12.48 -19.29
C ALA A 186 -10.18 11.78 -18.59
N ASP A 187 -10.81 10.81 -19.27
CA ASP A 187 -11.83 9.98 -18.61
C ASP A 187 -11.35 9.42 -17.26
N GLU A 188 -10.15 8.82 -17.29
CA GLU A 188 -9.49 8.31 -16.09
C GLU A 188 -7.97 8.37 -16.23
N GLY A 189 -7.30 8.62 -15.11
CA GLY A 189 -5.86 8.38 -15.02
C GLY A 189 -5.64 6.93 -14.61
N VAL A 190 -4.43 6.43 -14.88
CA VAL A 190 -4.02 5.08 -14.50
C VAL A 190 -2.73 5.15 -13.67
N ARG A 191 -2.77 4.61 -12.46
CA ARG A 191 -1.63 4.63 -11.56
C ARG A 191 -1.66 3.41 -10.67
N ALA A 192 -0.56 2.66 -10.62
CA ALA A 192 -0.48 1.41 -9.86
C ALA A 192 -1.64 0.41 -10.11
N GLY A 193 -1.91 0.17 -11.40
CA GLY A 193 -2.94 -0.78 -11.85
C GLY A 193 -4.35 -0.34 -11.50
N ARG A 194 -4.48 0.92 -11.11
CA ARG A 194 -5.74 1.50 -10.65
C ARG A 194 -6.16 2.73 -11.46
N SER A 195 -7.47 2.96 -11.58
CA SER A 195 -8.01 4.16 -12.24
C SER A 195 -8.17 5.35 -11.30
N ILE A 196 -7.93 6.55 -11.81
CA ILE A 196 -8.24 7.80 -11.11
C ILE A 196 -9.44 8.44 -11.83
N PRO A 197 -10.52 8.74 -11.09
CA PRO A 197 -11.71 9.22 -11.84
C PRO A 197 -11.66 10.72 -12.14
N LEU A 198 -10.75 11.13 -13.03
CA LEU A 198 -10.55 12.56 -13.32
C LEU A 198 -11.78 13.28 -13.90
N LYS A 199 -12.38 12.73 -14.95
CA LYS A 199 -13.53 13.41 -15.56
C LYS A 199 -14.70 13.55 -14.57
N LYS A 200 -14.95 12.50 -13.78
CA LYS A 200 -16.00 12.56 -12.76
C LYS A 200 -15.71 13.62 -11.70
N ASN A 201 -14.46 13.70 -11.24
CA ASN A 201 -13.99 14.82 -10.40
C ASN A 201 -14.24 16.19 -11.03
N VAL A 202 -14.05 16.27 -12.34
CA VAL A 202 -14.35 17.51 -13.04
C VAL A 202 -15.86 17.80 -12.98
N ASP A 203 -16.68 16.77 -13.19
CA ASP A 203 -18.13 16.91 -13.15
C ASP A 203 -18.56 17.48 -11.82
N ASP A 204 -18.02 16.92 -10.74
CA ASP A 204 -18.34 17.32 -9.37
C ASP A 204 -17.88 18.75 -9.09
N ALA A 205 -16.66 19.08 -9.53
CA ALA A 205 -16.11 20.43 -9.36
C ALA A 205 -16.99 21.49 -10.03
N LEU A 206 -17.43 21.20 -11.26
CA LEU A 206 -18.27 22.10 -12.05
C LEU A 206 -19.72 22.24 -11.57
N LYS A 207 -20.15 21.40 -10.64
CA LYS A 207 -21.47 21.59 -10.00
C LYS A 207 -21.47 22.66 -8.90
N ASN A 208 -20.29 22.98 -8.38
CA ASN A 208 -20.12 24.06 -7.44
C ASN A 208 -20.68 25.33 -8.08
N PRO A 209 -21.69 25.96 -7.43
CA PRO A 209 -22.43 27.06 -8.05
C PRO A 209 -21.57 28.32 -8.22
N ASN A 210 -20.37 28.31 -7.62
CA ASN A 210 -19.45 29.45 -7.76
C ASN A 210 -18.55 29.33 -8.98
N VAL A 211 -18.60 28.17 -9.63
CA VAL A 211 -17.89 27.98 -10.90
C VAL A 211 -18.79 28.50 -11.99
N THR A 212 -18.34 29.58 -12.66
CA THR A 212 -19.16 30.29 -13.64
C THR A 212 -18.44 30.49 -14.99
N SER A 213 -17.14 30.24 -15.00
CA SER A 213 -16.27 30.72 -16.06
C SER A 213 -16.04 29.69 -17.16
N VAL A 214 -16.39 28.43 -16.89
CA VAL A 214 -16.05 27.31 -17.77
C VAL A 214 -17.08 27.08 -18.87
N GLU A 215 -16.62 27.08 -20.11
CA GLU A 215 -17.49 26.90 -21.26
C GLU A 215 -17.43 25.48 -21.82
N HIS A 216 -16.23 24.92 -21.90
CA HIS A 216 -16.10 23.55 -22.39
C HIS A 216 -15.21 22.73 -21.50
N VAL A 217 -15.37 21.42 -21.62
CA VAL A 217 -14.42 20.44 -21.10
C VAL A 217 -13.97 19.52 -22.24
N ILE A 218 -12.66 19.49 -22.49
CA ILE A 218 -12.06 18.56 -23.46
C ILE A 218 -11.60 17.32 -22.70
N VAL A 219 -11.94 16.16 -23.26
CA VAL A 219 -11.76 14.89 -22.58
C VAL A 219 -10.99 13.89 -23.44
N LEU A 220 -9.83 13.49 -22.95
CA LEU A 220 -9.08 12.40 -23.53
C LEU A 220 -9.59 11.01 -23.10
N LYS A 221 -10.03 10.20 -24.07
CA LYS A 221 -10.36 8.78 -23.81
C LYS A 221 -9.08 7.95 -23.54
N ARG A 222 -8.63 7.97 -22.29
CA ARG A 222 -7.45 7.21 -21.89
C ARG A 222 -7.75 5.74 -21.62
N THR A 223 -8.83 5.48 -20.90
CA THR A 223 -9.21 4.11 -20.56
C THR A 223 -10.47 3.61 -21.29
N GLY A 224 -11.31 4.51 -21.79
CA GLY A 224 -12.55 4.12 -22.42
C GLY A 224 -13.64 3.72 -21.44
N SER A 225 -13.43 4.02 -20.16
CA SER A 225 -14.46 3.76 -19.15
C SER A 225 -15.74 4.52 -19.42
N ASP A 226 -16.82 4.00 -18.88
CA ASP A 226 -18.13 4.63 -18.92
C ASP A 226 -18.10 5.87 -18.04
N ILE A 227 -18.46 7.01 -18.61
CA ILE A 227 -18.51 8.26 -17.84
C ILE A 227 -19.80 8.99 -18.18
N ASP A 228 -20.19 9.92 -17.34
CA ASP A 228 -21.26 10.85 -17.70
C ASP A 228 -20.73 11.90 -18.71
N TRP A 229 -21.68 12.48 -19.46
CA TRP A 229 -21.38 13.40 -20.55
C TRP A 229 -22.42 14.51 -20.56
N GLN A 230 -21.97 15.76 -20.62
CA GLN A 230 -22.85 16.92 -20.82
C GLN A 230 -22.72 17.41 -22.25
N GLU A 231 -23.68 17.03 -23.08
CA GLU A 231 -23.80 17.45 -24.49
C GLU A 231 -23.56 18.97 -24.66
N GLY A 232 -22.76 19.33 -25.66
CA GLY A 232 -22.40 20.73 -25.87
C GLY A 232 -21.20 21.17 -25.06
N ARG A 233 -21.21 20.93 -23.75
CA ARG A 233 -20.05 21.25 -22.92
C ARG A 233 -18.87 20.31 -23.17
N ASP A 234 -19.14 19.01 -23.17
CA ASP A 234 -18.08 18.00 -23.20
C ASP A 234 -17.69 17.60 -24.61
N LEU A 235 -16.39 17.63 -24.86
CA LEU A 235 -15.83 17.33 -26.17
C LEU A 235 -14.68 16.33 -26.03
N TRP A 236 -14.71 15.30 -26.88
CA TRP A 236 -13.63 14.33 -26.92
C TRP A 236 -12.41 14.94 -27.60
N TRP A 237 -11.24 14.69 -27.01
CA TRP A 237 -9.95 15.14 -27.50
C TRP A 237 -9.74 14.75 -28.98
N ARG A 238 -9.93 13.46 -29.27
CA ARG A 238 -9.75 12.89 -30.59
C ARG A 238 -10.67 13.52 -31.66
N ASP A 239 -11.95 13.70 -31.32
CA ASP A 239 -12.90 14.36 -32.22
C ASP A 239 -12.36 15.72 -32.69
N LEU A 240 -11.89 16.50 -31.72
CA LEU A 240 -11.40 17.84 -32.01
C LEU A 240 -10.08 17.86 -32.78
N ILE A 241 -9.10 17.09 -32.31
CA ILE A 241 -7.76 17.17 -32.86
C ILE A 241 -7.65 16.61 -34.28
N GLU A 242 -8.43 15.56 -34.58
CA GLU A 242 -8.44 14.93 -35.90
C GLU A 242 -9.05 15.84 -36.98
N LYS A 243 -9.89 16.78 -36.57
CA LYS A 243 -10.44 17.72 -37.54
C LYS A 243 -9.60 19.01 -37.65
N ALA A 244 -8.57 19.12 -36.83
CA ALA A 244 -7.75 20.32 -36.80
C ALA A 244 -6.60 20.27 -37.82
N SER A 245 -6.23 21.43 -38.32
CA SER A 245 -5.12 21.57 -39.24
C SER A 245 -3.78 21.42 -38.49
N PRO A 246 -2.80 20.72 -39.09
CA PRO A 246 -1.46 20.59 -38.54
C PRO A 246 -0.56 21.77 -38.83
N GLU A 247 -1.11 22.80 -39.49
CA GLU A 247 -0.34 23.98 -39.87
C GLU A 247 -0.66 25.08 -38.88
N HIS A 248 0.36 25.50 -38.12
CA HIS A 248 0.19 26.65 -37.26
C HIS A 248 1.46 27.46 -37.17
N GLN A 249 1.32 28.73 -37.49
CA GLN A 249 2.44 29.63 -37.50
C GLN A 249 2.44 30.37 -36.17
N PRO A 250 3.55 30.28 -35.43
CA PRO A 250 3.59 30.83 -34.07
C PRO A 250 3.81 32.34 -34.07
N GLU A 251 3.04 33.04 -33.24
CA GLU A 251 3.16 34.49 -33.11
C GLU A 251 4.18 34.82 -32.03
N ALA A 252 4.76 36.01 -32.15
CA ALA A 252 5.62 36.57 -31.14
C ALA A 252 4.80 36.97 -29.90
N MET A 253 5.27 36.49 -28.75
CA MET A 253 4.83 36.91 -27.43
C MET A 253 5.92 37.79 -26.84
N ASN A 254 5.53 38.77 -26.05
CA ASN A 254 6.51 39.53 -25.27
C ASN A 254 7.14 38.65 -24.17
N ALA A 255 8.40 38.94 -23.87
CA ALA A 255 9.16 38.26 -22.83
C ALA A 255 8.41 38.26 -21.49
N GLU A 256 7.64 39.32 -21.23
CA GLU A 256 6.84 39.43 -20.00
C GLU A 256 5.35 39.07 -20.15
N ASP A 257 4.92 38.55 -21.30
CA ASP A 257 3.57 38.02 -21.38
C ASP A 257 3.49 36.82 -20.42
N PRO A 258 2.37 36.72 -19.67
CA PRO A 258 2.18 35.62 -18.74
C PRO A 258 2.26 34.25 -19.45
N LEU A 259 2.93 33.30 -18.83
CA LEU A 259 3.09 31.97 -19.41
C LEU A 259 2.21 30.93 -18.71
N PHE A 260 2.32 30.88 -17.38
CA PHE A 260 1.45 30.00 -16.59
C PHE A 260 1.23 30.46 -15.15
N ILE A 261 0.18 29.89 -14.54
CA ILE A 261 -0.12 29.97 -13.12
C ILE A 261 0.12 28.59 -12.54
N LEU A 262 0.63 28.54 -11.30
CA LEU A 262 0.63 27.31 -10.51
C LEU A 262 0.22 27.58 -9.09
N TYR A 263 -0.92 27.05 -8.70
CA TYR A 263 -1.39 27.21 -7.31
C TYR A 263 -0.45 26.53 -6.32
N THR A 264 -0.03 27.30 -5.33
CA THR A 264 1.01 26.92 -4.39
C THR A 264 0.52 27.27 -2.99
N SER A 265 0.67 26.30 -2.09
CA SER A 265 0.32 26.49 -0.71
C SER A 265 1.26 27.50 -0.05
N GLY A 266 0.69 28.35 0.79
CA GLY A 266 1.47 29.32 1.53
C GLY A 266 1.27 29.17 3.02
N SER A 267 2.00 30.02 3.76
CA SER A 267 1.92 30.11 5.20
C SER A 267 0.57 30.59 5.73
N THR A 268 -0.13 31.45 4.98
CA THR A 268 -1.50 31.78 5.35
C THR A 268 -2.45 31.66 4.17
N GLY A 269 -3.70 31.33 4.50
CA GLY A 269 -4.78 31.29 3.52
C GLY A 269 -4.74 30.13 2.54
N LYS A 270 -5.56 30.24 1.51
CA LYS A 270 -5.67 29.18 0.53
C LYS A 270 -4.57 29.36 -0.53
N PRO A 271 -4.24 28.29 -1.30
CA PRO A 271 -3.18 28.41 -2.28
C PRO A 271 -3.44 29.55 -3.26
N LYS A 272 -2.36 30.22 -3.66
CA LYS A 272 -2.40 31.30 -4.65
C LYS A 272 -1.65 30.93 -5.95
N GLY A 273 -2.10 31.52 -7.05
CA GLY A 273 -1.49 31.27 -8.36
C GLY A 273 -0.18 31.98 -8.57
N VAL A 274 0.92 31.28 -8.33
CA VAL A 274 2.27 31.79 -8.67
C VAL A 274 2.38 31.93 -10.20
N LEU A 275 2.63 33.16 -10.65
CA LEU A 275 2.68 33.48 -12.07
C LEU A 275 4.08 33.62 -12.67
N HIS A 276 4.33 32.86 -13.73
CA HIS A 276 5.53 33.04 -14.52
C HIS A 276 5.22 33.62 -15.88
N THR A 277 6.14 34.45 -16.36
CA THR A 277 6.10 34.96 -17.72
C THR A 277 7.02 34.12 -18.61
N THR A 278 7.45 34.67 -19.74
CA THR A 278 7.95 33.83 -20.83
C THR A 278 9.47 33.78 -21.04
N GLY A 279 10.08 34.94 -21.27
CA GLY A 279 11.48 35.01 -21.67
C GLY A 279 12.41 34.52 -20.57
N GLY A 280 12.48 35.29 -19.47
CA GLY A 280 13.34 34.95 -18.33
C GLY A 280 13.12 33.54 -17.77
N TYR A 281 11.87 33.15 -17.61
CA TYR A 281 11.53 31.80 -17.17
C TYR A 281 12.22 30.74 -18.04
N LEU A 282 12.05 30.85 -19.36
CA LEU A 282 12.54 29.84 -20.29
C LEU A 282 14.06 29.85 -20.43
N VAL A 283 14.63 31.06 -20.40
CA VAL A 283 16.08 31.20 -20.41
C VAL A 283 16.62 30.49 -19.17
N TYR A 284 15.99 30.70 -18.01
CA TYR A 284 16.53 30.19 -16.75
C TYR A 284 16.37 28.67 -16.69
N ALA A 285 15.21 28.16 -17.10
CA ALA A 285 14.95 26.72 -17.13
C ALA A 285 15.94 26.00 -18.01
N ALA A 286 16.13 26.48 -19.25
CA ALA A 286 17.06 25.83 -20.18
C ALA A 286 18.51 25.86 -19.68
N THR A 287 18.93 27.00 -19.15
CA THR A 287 20.30 27.23 -18.67
C THR A 287 20.63 26.33 -17.48
N THR A 288 19.70 26.24 -16.53
CA THR A 288 19.92 25.40 -15.36
C THR A 288 19.85 23.92 -15.74
N PHE A 289 18.86 23.52 -16.53
CA PHE A 289 18.79 22.14 -16.99
C PHE A 289 20.11 21.72 -17.67
N LYS A 290 20.56 22.50 -18.66
CA LYS A 290 21.79 22.16 -19.40
C LYS A 290 23.01 22.01 -18.48
N TYR A 291 23.30 23.03 -17.69
CA TYR A 291 24.50 23.09 -16.90
C TYR A 291 24.51 22.11 -15.71
N VAL A 292 23.38 22.08 -14.98
CA VAL A 292 23.27 21.27 -13.78
C VAL A 292 23.19 19.75 -14.08
N PHE A 293 22.50 19.38 -15.15
CA PHE A 293 22.45 17.98 -15.56
C PHE A 293 23.55 17.61 -16.57
N ASP A 294 24.39 18.61 -16.89
CA ASP A 294 25.51 18.46 -17.80
C ASP A 294 25.05 17.84 -19.14
N TYR A 295 23.95 18.40 -19.66
CA TYR A 295 23.29 17.78 -20.78
C TYR A 295 24.13 17.83 -22.01
N HIS A 296 24.37 16.64 -22.60
CA HIS A 296 25.08 16.51 -23.89
C HIS A 296 24.08 15.93 -24.86
N PRO A 297 24.10 16.36 -26.14
CA PRO A 297 23.15 15.75 -27.08
C PRO A 297 23.22 14.21 -27.09
N GLY A 298 22.05 13.58 -27.22
CA GLY A 298 21.94 12.14 -27.08
C GLY A 298 21.64 11.64 -25.67
N ASP A 299 21.72 12.52 -24.66
CA ASP A 299 21.51 12.09 -23.26
C ASP A 299 20.02 11.77 -23.02
N ILE A 300 19.73 10.58 -22.52
CA ILE A 300 18.34 10.25 -22.15
C ILE A 300 18.10 10.74 -20.73
N TYR A 301 17.02 11.50 -20.58
CA TYR A 301 16.75 12.24 -19.36
C TYR A 301 15.37 11.92 -18.82
N TRP A 302 15.33 11.64 -17.51
CA TRP A 302 14.11 11.30 -16.80
C TRP A 302 14.01 12.00 -15.47
N CYS A 303 13.07 12.94 -15.42
CA CYS A 303 12.61 13.55 -14.20
C CYS A 303 11.29 12.90 -13.82
N THR A 304 11.18 12.48 -12.55
CA THR A 304 10.02 11.71 -12.10
C THR A 304 8.82 12.55 -11.62
N ALA A 305 9.03 13.86 -11.50
CA ALA A 305 8.03 14.76 -10.95
C ALA A 305 6.78 14.77 -11.78
N ASP A 306 5.63 14.94 -11.13
CA ASP A 306 4.40 15.05 -11.85
C ASP A 306 4.34 16.37 -12.59
N VAL A 307 3.73 16.35 -13.77
CA VAL A 307 3.43 17.53 -14.58
C VAL A 307 2.66 18.62 -13.79
N GLY A 308 1.86 18.19 -12.80
CA GLY A 308 1.05 19.12 -12.00
C GLY A 308 1.82 20.03 -11.05
N TRP A 309 3.14 19.86 -10.99
CA TRP A 309 3.99 20.62 -10.08
C TRP A 309 5.08 21.33 -10.88
N VAL A 310 5.66 22.38 -10.29
CA VAL A 310 6.69 23.18 -10.95
C VAL A 310 7.86 22.34 -11.51
N THR A 311 8.26 21.30 -10.78
CA THR A 311 9.37 20.45 -11.22
C THR A 311 9.00 19.83 -12.57
N GLY A 312 7.73 19.46 -12.71
CA GLY A 312 7.22 18.90 -13.94
C GLY A 312 7.14 19.92 -15.06
N HIS A 313 6.95 21.19 -14.73
CA HIS A 313 6.92 22.23 -15.77
C HIS A 313 8.32 22.48 -16.28
N SER A 314 9.21 22.84 -15.36
CA SER A 314 10.52 23.34 -15.71
C SER A 314 11.46 22.22 -16.12
N TYR A 315 11.35 21.06 -15.47
CA TYR A 315 12.35 20.01 -15.67
C TYR A 315 11.86 18.66 -16.20
N LEU A 316 10.57 18.53 -16.47
CA LEU A 316 10.11 17.42 -17.30
C LEU A 316 9.95 17.92 -18.71
N LEU A 317 9.37 19.12 -18.88
CA LEU A 317 8.97 19.63 -20.20
C LEU A 317 9.81 20.82 -20.68
N TYR A 318 9.69 21.97 -20.03
CA TYR A 318 10.25 23.18 -20.62
C TYR A 318 11.79 23.25 -20.77
N GLY A 319 12.53 23.01 -19.70
CA GLY A 319 14.00 23.00 -19.76
C GLY A 319 14.53 22.00 -20.77
N PRO A 320 14.15 20.72 -20.64
CA PRO A 320 14.56 19.67 -21.56
C PRO A 320 14.24 19.97 -23.01
N LEU A 321 12.98 20.29 -23.31
CA LEU A 321 12.56 20.50 -24.69
C LEU A 321 13.23 21.70 -25.34
N ALA A 322 13.36 22.81 -24.60
CA ALA A 322 14.09 23.96 -25.10
C ALA A 322 15.49 23.56 -25.53
N CYS A 323 16.07 22.59 -24.83
CA CYS A 323 17.45 22.21 -25.04
C CYS A 323 17.61 21.13 -26.10
N GLY A 324 16.47 20.64 -26.62
CA GLY A 324 16.44 19.63 -27.69
C GLY A 324 16.68 18.24 -27.15
N ALA A 325 16.38 18.05 -25.86
CA ALA A 325 16.60 16.76 -25.19
C ALA A 325 15.51 15.70 -25.44
N THR A 326 15.85 14.44 -25.16
CA THR A 326 14.86 13.41 -25.03
C THR A 326 14.53 13.36 -23.55
N THR A 327 13.25 13.59 -23.26
CA THR A 327 12.79 13.61 -21.88
C THR A 327 11.78 12.49 -21.70
N LEU A 328 11.86 11.80 -20.57
CA LEU A 328 11.00 10.63 -20.33
C LEU A 328 9.85 11.04 -19.44
N MET A 329 8.65 10.64 -19.87
CA MET A 329 7.43 10.83 -19.10
C MET A 329 6.89 9.46 -18.67
N PHE A 330 6.93 9.22 -17.38
CA PHE A 330 6.50 7.95 -16.81
C PHE A 330 5.08 8.11 -16.27
N GLU A 331 4.18 7.22 -16.69
CA GLU A 331 2.79 7.25 -16.29
C GLU A 331 2.52 6.83 -14.83
N GLY A 332 3.41 6.00 -14.28
CA GLY A 332 3.12 5.31 -13.02
C GLY A 332 3.82 5.79 -11.77
N VAL A 333 4.19 4.82 -10.94
CA VAL A 333 4.83 5.02 -9.64
C VAL A 333 6.13 4.19 -9.67
N PRO A 334 7.24 4.78 -9.21
CA PRO A 334 8.59 4.17 -9.34
C PRO A 334 8.75 2.82 -8.63
N ASN A 335 7.75 2.40 -7.86
CA ASN A 335 7.83 1.15 -7.09
C ASN A 335 6.67 0.18 -7.31
N TRP A 336 5.98 0.36 -8.43
CA TRP A 336 4.89 -0.54 -8.80
C TRP A 336 5.11 -1.04 -10.23
N PRO A 337 4.90 -2.36 -10.47
CA PRO A 337 4.44 -3.40 -9.53
C PRO A 337 5.44 -3.81 -8.43
N THR A 338 6.73 -3.57 -8.63
CA THR A 338 7.79 -3.99 -7.68
C THR A 338 8.71 -2.79 -7.43
N PRO A 339 9.43 -2.77 -6.29
CA PRO A 339 10.37 -1.69 -5.96
C PRO A 339 11.49 -1.51 -7.02
N ALA A 340 11.72 -2.52 -7.87
CA ALA A 340 12.69 -2.42 -8.98
C ALA A 340 12.20 -1.62 -10.19
N ARG A 341 10.95 -1.13 -10.15
CA ARG A 341 10.39 -0.50 -11.34
C ARG A 341 11.26 0.64 -11.88
N MET A 342 11.62 1.57 -11.00
CA MET A 342 12.40 2.75 -11.39
C MET A 342 13.65 2.38 -12.19
N CYS A 343 14.43 1.46 -11.65
CA CYS A 343 15.65 0.98 -12.31
C CYS A 343 15.40 0.12 -13.55
N GLN A 344 14.25 -0.57 -13.60
CA GLN A 344 13.81 -1.29 -14.84
C GLN A 344 13.49 -0.32 -15.96
N VAL A 345 12.89 0.84 -15.62
CA VAL A 345 12.66 1.94 -16.58
C VAL A 345 13.99 2.52 -17.07
N VAL A 346 14.95 2.67 -16.17
CA VAL A 346 16.30 3.13 -16.52
C VAL A 346 16.98 2.20 -17.52
N ASP A 347 16.97 0.90 -17.23
CA ASP A 347 17.50 -0.10 -18.15
C ASP A 347 16.74 -0.09 -19.45
N LYS A 348 15.41 -0.11 -19.38
CA LYS A 348 14.54 -0.21 -20.57
C LYS A 348 14.85 0.94 -21.55
N HIS A 349 14.98 2.15 -21.04
CA HIS A 349 15.15 3.29 -21.92
C HIS A 349 16.58 3.85 -22.00
N GLN A 350 17.53 3.13 -21.42
CA GLN A 350 18.94 3.55 -21.38
C GLN A 350 19.10 5.01 -20.88
N VAL A 351 18.41 5.32 -19.77
CA VAL A 351 18.38 6.65 -19.16
C VAL A 351 19.75 7.04 -18.61
N ASN A 352 20.24 8.21 -19.00
CA ASN A 352 21.57 8.69 -18.58
C ASN A 352 21.51 9.67 -17.41
N ILE A 353 20.39 10.39 -17.29
CA ILE A 353 20.21 11.37 -16.21
C ILE A 353 18.90 11.08 -15.51
N LEU A 354 19.00 10.86 -14.19
CA LEU A 354 17.81 10.56 -13.40
C LEU A 354 17.64 11.61 -12.31
N TYR A 355 16.44 12.18 -12.24
CA TYR A 355 16.14 13.29 -11.33
C TYR A 355 14.88 12.93 -10.57
N THR A 356 15.01 12.64 -9.28
CA THR A 356 13.83 12.23 -8.49
C THR A 356 13.71 12.90 -7.12
N ALA A 357 12.82 12.39 -6.28
CA ALA A 357 12.52 12.96 -4.95
C ALA A 357 13.01 12.07 -3.79
N PRO A 358 13.50 12.68 -2.69
CA PRO A 358 13.89 11.93 -1.49
C PRO A 358 12.83 10.98 -0.93
N THR A 359 11.55 11.35 -1.05
CA THR A 359 10.49 10.47 -0.55
C THR A 359 10.52 9.16 -1.36
N ALA A 360 10.66 9.29 -2.69
CA ALA A 360 10.80 8.12 -3.57
C ALA A 360 12.05 7.33 -3.19
N ILE A 361 13.19 8.01 -3.06
CA ILE A 361 14.44 7.34 -2.67
C ILE A 361 14.29 6.58 -1.34
N ARG A 362 13.66 7.23 -0.36
CA ARG A 362 13.42 6.60 0.94
C ARG A 362 12.49 5.40 0.85
N ALA A 363 11.44 5.51 0.00
CA ALA A 363 10.53 4.40 -0.24
C ALA A 363 11.25 3.18 -0.86
N LEU A 364 12.20 3.44 -1.76
CA LEU A 364 12.98 2.36 -2.39
C LEU A 364 14.00 1.77 -1.41
N MET A 365 14.62 2.63 -0.61
CA MET A 365 15.66 2.24 0.32
C MET A 365 15.09 1.34 1.39
N ALA A 366 13.84 1.56 1.78
CA ALA A 366 13.17 0.66 2.71
C ALA A 366 13.15 -0.76 2.16
N GLU A 367 13.17 -0.89 0.84
CA GLU A 367 13.13 -2.21 0.18
C GLU A 367 14.52 -2.76 -0.13
N GLY A 368 15.55 -1.99 0.21
CA GLY A 368 16.92 -2.45 0.04
C GLY A 368 17.22 -2.87 -1.39
N ASP A 369 17.88 -4.03 -1.55
CA ASP A 369 18.33 -4.47 -2.87
C ASP A 369 17.18 -4.91 -3.79
N LYS A 370 15.98 -5.06 -3.22
CA LYS A 370 14.77 -5.30 -4.03
C LYS A 370 14.50 -4.14 -4.98
N ALA A 371 15.05 -2.97 -4.68
CA ALA A 371 14.95 -1.83 -5.57
C ALA A 371 15.88 -1.90 -6.79
N ILE A 372 16.90 -2.78 -6.75
CA ILE A 372 17.88 -2.92 -7.85
C ILE A 372 17.97 -4.35 -8.46
N GLU A 373 17.23 -5.28 -7.89
CA GLU A 373 17.36 -6.68 -8.24
C GLU A 373 17.02 -6.93 -9.71
N GLY A 374 17.94 -7.59 -10.42
CA GLY A 374 17.77 -7.91 -11.84
C GLY A 374 18.01 -6.74 -12.78
N THR A 375 18.47 -5.61 -12.25
CA THR A 375 18.69 -4.43 -13.06
C THR A 375 20.17 -4.07 -13.18
N ASP A 376 20.52 -3.39 -14.28
CA ASP A 376 21.91 -3.08 -14.60
C ASP A 376 22.30 -1.67 -14.14
N ARG A 377 21.65 -0.64 -14.68
CA ARG A 377 21.81 0.76 -14.27
C ARG A 377 23.04 1.46 -14.84
N SER A 378 23.80 0.76 -15.66
CA SER A 378 25.06 1.26 -16.22
C SER A 378 24.95 2.50 -17.09
N SER A 379 23.81 2.69 -17.75
CA SER A 379 23.61 3.90 -18.57
C SER A 379 23.60 5.20 -17.76
N LEU A 380 23.37 5.14 -16.45
CA LEU A 380 23.30 6.36 -15.64
C LEU A 380 24.65 7.09 -15.54
N ARG A 381 24.61 8.42 -15.56
CA ARG A 381 25.81 9.24 -15.44
C ARG A 381 25.62 10.35 -14.42
N ILE A 382 24.39 10.83 -14.29
CA ILE A 382 24.08 11.91 -13.35
C ILE A 382 22.81 11.51 -12.62
N LEU A 383 22.79 11.76 -11.30
CA LEU A 383 21.59 11.69 -10.47
C LEU A 383 21.27 13.07 -9.94
N GLY A 384 20.00 13.27 -9.55
CA GLY A 384 19.54 14.48 -8.90
C GLY A 384 18.42 14.22 -7.89
N SER A 385 18.23 15.20 -7.01
CA SER A 385 17.28 15.10 -5.94
C SER A 385 16.66 16.48 -5.78
N VAL A 386 15.32 16.49 -5.61
CA VAL A 386 14.56 17.73 -5.48
C VAL A 386 13.38 17.57 -4.51
N GLY A 387 13.06 18.67 -3.82
CA GLY A 387 11.72 18.85 -3.29
C GLY A 387 11.70 19.00 -1.80
N GLU A 388 12.77 18.53 -1.15
CA GLU A 388 12.82 18.38 0.28
C GLU A 388 14.24 18.06 0.71
N PRO A 389 14.55 18.20 2.01
CA PRO A 389 15.88 17.81 2.43
C PRO A 389 16.10 16.32 2.24
N ILE A 390 17.35 15.94 2.06
CA ILE A 390 17.70 14.54 1.91
C ILE A 390 18.76 14.28 2.97
N ASN A 391 18.50 13.34 3.89
CA ASN A 391 19.53 13.03 4.89
C ASN A 391 20.70 12.27 4.27
N PRO A 392 21.92 12.41 4.86
CA PRO A 392 23.13 11.78 4.35
C PRO A 392 23.00 10.29 4.00
N GLU A 393 22.31 9.51 4.83
CA GLU A 393 22.21 8.06 4.54
C GLU A 393 21.30 7.70 3.39
N ALA A 394 20.26 8.49 3.16
CA ALA A 394 19.48 8.37 1.92
C ALA A 394 20.29 8.82 0.72
N TRP A 395 21.02 9.93 0.88
CA TRP A 395 21.88 10.44 -0.19
C TRP A 395 22.94 9.37 -0.58
N GLU A 396 23.55 8.74 0.42
CA GLU A 396 24.58 7.70 0.20
C GLU A 396 24.01 6.41 -0.39
N TRP A 397 22.81 6.01 0.04
CA TRP A 397 22.16 4.86 -0.53
C TRP A 397 21.85 5.08 -2.02
N TYR A 398 21.20 6.19 -2.34
CA TYR A 398 20.98 6.62 -3.74
C TYR A 398 22.28 6.64 -4.58
N TRP A 399 23.34 7.23 -4.03
CA TRP A 399 24.62 7.39 -4.74
C TRP A 399 25.27 6.03 -4.97
N LYS A 400 25.11 5.10 -4.03
CA LYS A 400 25.74 3.79 -4.09
C LYS A 400 24.94 2.74 -4.87
N LYS A 401 23.64 2.68 -4.57
CA LYS A 401 22.74 1.67 -5.11
C LYS A 401 22.22 1.99 -6.51
N ILE A 402 21.83 3.24 -6.72
CA ILE A 402 21.28 3.60 -8.00
C ILE A 402 22.40 4.04 -8.94
N GLY A 403 23.30 4.87 -8.43
CA GLY A 403 24.33 5.46 -9.27
C GLY A 403 25.60 4.65 -9.30
N LYS A 404 25.60 3.54 -8.56
CA LYS A 404 26.73 2.60 -8.52
C LYS A 404 28.04 3.31 -8.12
N GLU A 405 27.92 4.30 -7.25
CA GLU A 405 29.07 5.11 -6.80
C GLU A 405 29.75 5.87 -7.94
N LYS A 406 29.11 5.91 -9.11
CA LYS A 406 29.76 6.47 -10.31
C LYS A 406 29.21 7.84 -10.71
N CYS A 407 28.06 8.19 -10.14
CA CYS A 407 27.27 9.34 -10.59
C CYS A 407 27.20 10.40 -9.53
N PRO A 408 27.58 11.62 -9.90
CA PRO A 408 27.29 12.76 -9.04
C PRO A 408 25.78 12.91 -8.79
N VAL A 409 25.44 13.36 -7.59
CA VAL A 409 24.07 13.68 -7.24
C VAL A 409 23.97 15.20 -7.15
N VAL A 410 23.13 15.81 -7.99
CA VAL A 410 22.77 17.22 -7.82
C VAL A 410 21.52 17.37 -6.93
N ASP A 411 21.71 17.86 -5.72
CA ASP A 411 20.61 18.14 -4.80
C ASP A 411 20.23 19.57 -5.11
N THR A 412 19.09 19.75 -5.81
CA THR A 412 18.64 21.07 -6.25
C THR A 412 17.63 21.72 -5.29
N TRP A 413 18.04 22.80 -4.63
CA TRP A 413 17.09 23.60 -3.87
C TRP A 413 16.55 24.73 -4.74
N TRP A 414 15.22 24.83 -4.80
CA TRP A 414 14.53 25.94 -5.46
C TRP A 414 13.08 25.85 -5.00
N GLN A 415 12.21 26.68 -5.59
CA GLN A 415 10.79 26.72 -5.22
C GLN A 415 9.94 27.11 -6.40
N THR A 416 8.61 27.06 -6.23
CA THR A 416 7.69 27.39 -7.31
C THR A 416 7.89 28.86 -7.73
N GLU A 417 8.13 29.72 -6.74
CA GLU A 417 8.39 31.13 -6.98
C GLU A 417 9.73 31.48 -7.62
N THR A 418 10.63 30.51 -7.76
CA THR A 418 11.94 30.77 -8.36
C THR A 418 12.11 30.27 -9.80
N GLY A 419 11.16 29.48 -10.29
CA GLY A 419 11.17 29.06 -11.70
C GLY A 419 12.16 27.97 -12.05
N GLY A 420 13.33 28.01 -11.40
CA GLY A 420 14.37 27.01 -11.65
C GLY A 420 15.37 26.93 -10.53
N PHE A 421 16.37 26.08 -10.71
CA PHE A 421 17.38 25.81 -9.69
C PHE A 421 18.00 27.09 -9.14
N MET A 422 18.15 27.14 -7.82
CA MET A 422 18.69 28.29 -7.11
C MET A 422 20.03 27.97 -6.42
N ILE A 423 20.06 26.88 -5.66
CA ILE A 423 21.27 26.41 -5.01
C ILE A 423 21.40 24.93 -5.34
N THR A 424 22.49 24.60 -5.99
CA THR A 424 22.66 23.25 -6.53
C THR A 424 24.13 22.99 -6.87
N PRO A 425 24.57 21.71 -6.77
CA PRO A 425 25.91 21.43 -7.34
C PRO A 425 25.84 21.51 -8.86
N LEU A 426 26.97 21.81 -9.49
CA LEU A 426 27.17 21.44 -10.88
C LEU A 426 28.16 20.27 -10.87
N PRO A 427 27.83 19.19 -11.60
CA PRO A 427 28.52 17.90 -11.43
C PRO A 427 30.03 17.90 -11.77
N GLY A 428 30.42 18.71 -12.76
CA GLY A 428 31.84 18.84 -13.10
C GLY A 428 32.57 19.93 -12.34
N ALA A 429 31.86 20.71 -11.54
CA ALA A 429 32.44 21.92 -10.91
C ALA A 429 32.53 21.92 -9.38
N ILE A 430 31.59 21.24 -8.72
CA ILE A 430 31.45 21.32 -7.27
C ILE A 430 31.56 19.93 -6.65
N GLU A 431 32.45 19.80 -5.67
CA GLU A 431 32.57 18.58 -4.89
C GLU A 431 31.38 18.46 -3.95
N LEU A 432 30.87 17.24 -3.79
CA LEU A 432 29.58 17.03 -3.10
C LEU A 432 29.71 16.72 -1.60
N LYS A 433 28.85 17.33 -0.80
CA LYS A 433 28.62 16.88 0.58
C LYS A 433 27.22 16.28 0.67
N ALA A 434 27.14 15.02 1.11
CA ALA A 434 25.84 14.35 1.25
C ALA A 434 24.89 15.16 2.14
N GLY A 435 23.80 15.63 1.55
CA GLY A 435 22.81 16.41 2.28
C GLY A 435 22.83 17.89 1.96
N SER A 436 23.84 18.36 1.23
CA SER A 436 23.97 19.80 0.93
C SER A 436 23.61 20.16 -0.54
N ALA A 437 22.80 21.20 -0.70
CA ALA A 437 22.53 21.76 -2.04
C ALA A 437 23.80 22.43 -2.59
N THR A 438 24.66 22.89 -1.68
CA THR A 438 26.02 23.44 -2.00
C THR A 438 25.99 24.95 -2.32
N ARG A 439 26.24 25.30 -3.58
CA ARG A 439 26.53 26.67 -3.95
C ARG A 439 25.40 27.24 -4.79
N PRO A 440 25.22 28.58 -4.74
CA PRO A 440 24.17 29.24 -5.54
C PRO A 440 24.44 29.09 -7.02
N PHE A 441 23.38 29.03 -7.82
CA PHE A 441 23.55 29.04 -9.27
C PHE A 441 23.88 30.45 -9.77
N PHE A 442 24.36 30.54 -11.00
CA PHE A 442 24.53 31.83 -11.70
C PHE A 442 23.33 32.76 -11.50
N GLY A 443 23.63 33.93 -10.94
CA GLY A 443 22.68 35.01 -10.82
C GLY A 443 21.99 35.01 -9.48
N VAL A 444 22.36 34.07 -8.61
CA VAL A 444 21.64 33.86 -7.36
C VAL A 444 22.49 34.33 -6.18
N GLN A 445 21.98 35.34 -5.48
CA GLN A 445 22.62 35.85 -4.28
C GLN A 445 21.84 35.47 -3.02
N PRO A 446 22.17 34.31 -2.43
CA PRO A 446 21.54 34.03 -1.17
C PRO A 446 22.18 34.85 -0.04
N ALA A 447 21.44 35.01 1.05
CA ALA A 447 22.00 35.42 2.31
C ALA A 447 21.16 34.80 3.42
N LEU A 448 21.73 34.80 4.63
CA LEU A 448 21.03 34.35 5.80
C LEU A 448 20.87 35.55 6.71
N VAL A 449 19.65 35.72 7.22
CA VAL A 449 19.35 36.80 8.19
C VAL A 449 18.68 36.19 9.43
N ASP A 450 18.86 36.83 10.58
CA ASP A 450 18.10 36.39 11.76
C ASP A 450 16.66 36.91 11.70
N ASN A 451 15.90 36.69 12.75
CA ASN A 451 14.50 37.07 12.79
C ASN A 451 14.29 38.58 12.70
N GLU A 452 15.33 39.34 13.02
CA GLU A 452 15.31 40.82 12.98
C GLU A 452 15.86 41.37 11.66
N GLY A 453 16.25 40.50 10.75
CA GLY A 453 16.77 40.94 9.45
C GLY A 453 18.26 41.24 9.41
N HIS A 454 18.94 40.99 10.53
CA HIS A 454 20.39 41.18 10.62
C HIS A 454 21.09 40.06 9.83
N PRO A 455 21.85 40.43 8.78
CA PRO A 455 22.66 39.48 8.03
C PRO A 455 23.63 38.71 8.93
N GLN A 456 23.77 37.41 8.65
CA GLN A 456 24.63 36.52 9.42
C GLN A 456 25.71 36.03 8.47
N GLU A 457 26.97 36.35 8.82
CA GLU A 457 28.10 36.07 7.94
C GLU A 457 28.94 34.85 8.37
N GLY A 458 29.56 34.22 7.36
CA GLY A 458 30.37 33.03 7.57
C GLY A 458 29.56 31.81 7.94
N ALA A 459 30.14 30.94 8.77
CA ALA A 459 29.55 29.69 9.17
C ALA A 459 28.49 29.92 10.26
N THR A 460 27.25 30.01 9.81
CA THR A 460 26.13 30.35 10.70
C THR A 460 24.84 29.79 10.14
N GLU A 461 23.73 30.13 10.79
CA GLU A 461 22.44 29.78 10.24
C GLU A 461 21.42 30.90 10.40
N GLY A 462 20.44 30.91 9.51
CA GLY A 462 19.43 31.96 9.50
C GLY A 462 18.33 31.71 8.51
N ASN A 463 17.51 32.74 8.31
CA ASN A 463 16.44 32.72 7.32
C ASN A 463 16.98 32.92 5.92
N LEU A 464 16.61 32.04 5.00
CA LEU A 464 17.21 32.10 3.65
C LEU A 464 16.50 33.11 2.78
N VAL A 465 17.21 34.20 2.45
CA VAL A 465 16.71 35.25 1.54
C VAL A 465 17.56 35.27 0.27
N ILE A 466 16.96 35.75 -0.82
CA ILE A 466 17.71 36.03 -2.06
C ILE A 466 17.68 37.57 -2.22
N THR A 467 18.87 38.16 -2.38
CA THR A 467 19.02 39.61 -2.27
C THR A 467 18.89 40.39 -3.59
N ASP A 468 18.74 39.68 -4.70
CA ASP A 468 18.52 40.32 -6.02
C ASP A 468 17.73 39.35 -6.89
N SER A 469 17.27 39.82 -8.03
CA SER A 469 16.48 38.98 -8.92
C SER A 469 17.33 38.07 -9.81
N TRP A 470 16.68 37.14 -10.48
CA TRP A 470 17.31 36.18 -11.39
C TRP A 470 16.25 35.97 -12.48
N PRO A 471 16.66 35.57 -13.69
CA PRO A 471 15.69 35.58 -14.81
C PRO A 471 14.40 34.75 -14.63
N GLY A 472 14.47 33.65 -13.86
CA GLY A 472 13.36 32.70 -13.75
C GLY A 472 12.42 33.00 -12.62
N GLN A 473 12.63 34.13 -11.94
CA GLN A 473 11.80 34.51 -10.80
C GLN A 473 10.31 34.71 -11.20
N ALA A 474 9.39 34.09 -10.45
CA ALA A 474 7.96 34.39 -10.61
C ALA A 474 7.74 35.90 -10.54
N ARG A 475 6.80 36.42 -11.35
CA ARG A 475 6.61 37.87 -11.46
C ARG A 475 5.52 38.45 -10.54
N THR A 476 4.56 37.63 -10.16
CA THR A 476 3.45 38.08 -9.32
C THR A 476 2.60 36.88 -8.84
N LEU A 477 1.59 37.17 -8.01
CA LEU A 477 0.51 36.23 -7.74
C LEU A 477 -0.68 36.63 -8.61
N PHE A 478 -1.29 35.67 -9.28
CA PHE A 478 -2.37 35.95 -10.22
C PHE A 478 -3.44 36.82 -9.55
N GLY A 479 -3.77 37.95 -10.18
CA GLY A 479 -4.75 38.90 -9.65
C GLY A 479 -4.42 39.60 -8.34
N ASP A 480 -3.21 39.48 -7.83
CA ASP A 480 -2.90 40.08 -6.53
C ASP A 480 -1.39 40.33 -6.32
N HIS A 481 -0.91 41.36 -7.00
CA HIS A 481 0.47 41.80 -6.88
C HIS A 481 0.80 42.37 -5.50
N GLU A 482 -0.17 43.01 -4.87
CA GLU A 482 0.03 43.52 -3.51
C GLU A 482 0.24 42.41 -2.52
N ARG A 483 -0.48 41.30 -2.68
CA ARG A 483 -0.25 40.13 -1.84
C ARG A 483 1.15 39.56 -2.12
N PHE A 484 1.53 39.59 -3.40
CA PHE A 484 2.86 39.13 -3.82
C PHE A 484 3.95 39.89 -3.08
N GLU A 485 3.82 41.22 -3.01
CA GLU A 485 4.74 42.01 -2.20
C GLU A 485 4.71 41.64 -0.72
N GLN A 486 3.51 41.50 -0.18
CA GLN A 486 3.29 41.22 1.23
C GLN A 486 3.87 39.86 1.63
N THR A 487 3.68 38.85 0.79
CA THR A 487 4.10 37.52 1.12
C THR A 487 5.63 37.35 1.08
N TYR A 488 6.29 37.93 0.08
CA TYR A 488 7.71 37.64 -0.13
C TYR A 488 8.69 38.76 0.11
N PHE A 489 8.23 40.01 0.11
CA PHE A 489 9.14 41.16 0.13
C PHE A 489 8.91 42.09 1.30
N SER A 490 8.02 41.70 2.23
CA SER A 490 7.70 42.58 3.36
C SER A 490 8.38 42.16 4.65
N THR A 491 8.66 40.87 4.85
CA THR A 491 9.32 40.45 6.09
C THR A 491 10.73 41.04 6.21
N PHE A 492 11.53 40.83 5.17
CA PHE A 492 12.89 41.34 5.15
C PHE A 492 13.00 42.27 3.98
N LYS A 493 12.98 43.57 4.26
CA LYS A 493 12.72 44.56 3.22
C LYS A 493 13.76 44.55 2.14
N ASN A 494 13.30 44.69 0.90
CA ASN A 494 14.19 44.70 -0.25
C ASN A 494 14.83 43.36 -0.57
N MET A 495 14.24 42.28 -0.05
CA MET A 495 14.82 40.96 -0.20
C MET A 495 13.65 40.04 -0.45
N TYR A 496 13.88 38.99 -1.24
CA TYR A 496 12.91 37.92 -1.43
C TYR A 496 13.10 36.90 -0.32
N PHE A 497 12.09 36.73 0.52
CA PHE A 497 12.15 35.73 1.60
C PHE A 497 11.55 34.40 1.15
N SER A 498 12.39 33.35 1.18
CA SER A 498 12.06 32.01 0.70
C SER A 498 11.09 31.21 1.59
N GLY A 499 11.08 31.57 2.87
CA GLY A 499 10.29 30.85 3.87
C GLY A 499 11.06 29.67 4.44
N ASP A 500 12.29 29.47 3.98
CA ASP A 500 13.13 28.35 4.41
C ASP A 500 14.22 28.83 5.35
N GLY A 501 14.68 27.91 6.19
CA GLY A 501 15.88 28.11 6.96
C GLY A 501 17.04 27.37 6.34
N ALA A 502 18.26 27.84 6.63
CA ALA A 502 19.46 27.17 6.10
C ALA A 502 20.67 27.45 6.98
N ARG A 503 21.65 26.55 6.97
CA ARG A 503 22.97 26.92 7.42
C ARG A 503 23.99 26.97 6.29
N ARG A 504 24.98 27.83 6.48
CA ARG A 504 26.13 27.90 5.59
C ARG A 504 27.32 27.41 6.42
N ASP A 505 28.09 26.47 5.88
CA ASP A 505 29.28 25.91 6.57
C ASP A 505 30.54 26.73 6.24
N GLU A 506 31.69 26.31 6.77
CA GLU A 506 32.96 27.04 6.55
C GLU A 506 33.40 27.01 5.09
N ASP A 507 32.87 26.11 4.29
CA ASP A 507 33.22 26.03 2.88
C ASP A 507 32.32 26.92 2.03
N GLY A 508 31.33 27.55 2.69
CA GLY A 508 30.34 28.35 2.00
C GLY A 508 29.16 27.55 1.44
N TYR A 509 29.04 26.28 1.82
CA TYR A 509 27.93 25.43 1.33
C TYR A 509 26.67 25.67 2.15
N TYR A 510 25.52 25.72 1.46
CA TYR A 510 24.22 25.79 2.12
C TYR A 510 23.59 24.42 2.40
N TRP A 511 23.04 24.29 3.60
CA TRP A 511 22.30 23.12 4.03
C TRP A 511 20.88 23.58 4.35
N ILE A 512 19.92 23.23 3.50
CA ILE A 512 18.54 23.69 3.67
C ILE A 512 17.84 22.86 4.74
N THR A 513 17.45 23.52 5.82
CA THR A 513 16.92 22.80 6.96
C THR A 513 15.40 22.65 6.88
N GLY A 514 14.75 23.53 6.13
CA GLY A 514 13.32 23.42 5.85
C GLY A 514 12.54 24.70 6.14
N ARG A 515 11.23 24.66 5.91
CA ARG A 515 10.36 25.81 6.15
C ARG A 515 10.42 26.30 7.59
N VAL A 516 10.52 27.61 7.76
CA VAL A 516 10.45 28.26 9.08
C VAL A 516 9.08 28.92 9.24
N ASP A 517 8.28 28.87 8.18
CA ASP A 517 6.90 29.36 8.23
C ASP A 517 5.94 28.18 8.49
N ASP A 518 4.65 28.38 8.35
CA ASP A 518 3.71 27.31 8.67
C ASP A 518 3.34 26.49 7.43
N VAL A 519 4.38 26.07 6.70
CA VAL A 519 4.24 25.27 5.52
C VAL A 519 4.84 23.92 5.79
N LEU A 520 4.17 22.88 5.29
CA LEU A 520 4.59 21.53 5.56
C LEU A 520 5.17 20.89 4.30
N ASN A 521 5.99 19.88 4.50
CA ASN A 521 6.52 19.13 3.39
C ASN A 521 6.17 17.67 3.60
N VAL A 522 5.19 17.19 2.84
CA VAL A 522 4.61 15.87 3.07
C VAL A 522 4.72 15.08 1.79
N SER A 523 5.59 14.06 1.83
CA SER A 523 5.85 13.24 0.65
C SER A 523 6.37 14.10 -0.50
N GLY A 524 7.08 15.16 -0.17
CA GLY A 524 7.58 16.09 -1.18
C GLY A 524 6.49 16.98 -1.78
N HIS A 525 5.40 17.17 -1.02
CA HIS A 525 4.33 18.11 -1.34
C HIS A 525 4.23 19.23 -0.32
N ARG A 526 4.18 20.45 -0.85
CA ARG A 526 4.11 21.66 -0.08
C ARG A 526 2.64 21.95 0.27
N LEU A 527 2.33 22.00 1.56
CA LEU A 527 0.97 22.25 2.05
C LEU A 527 1.00 23.23 3.21
N GLY A 528 0.03 24.14 3.27
CA GLY A 528 -0.05 25.06 4.41
C GLY A 528 -0.84 24.44 5.55
N THR A 529 -0.41 24.70 6.79
CA THR A 529 -1.17 24.20 7.96
C THR A 529 -2.50 24.92 8.14
N ALA A 530 -2.53 26.21 7.81
CA ALA A 530 -3.78 26.97 7.89
C ALA A 530 -4.86 26.42 6.96
N GLU A 531 -4.48 25.97 5.76
CA GLU A 531 -5.46 25.47 4.81
C GLU A 531 -6.05 24.13 5.23
N ILE A 532 -5.26 23.33 5.97
CA ILE A 532 -5.76 22.07 6.53
C ILE A 532 -6.67 22.36 7.73
N GLU A 533 -6.25 23.30 8.58
CA GLU A 533 -7.11 23.88 9.60
C GLU A 533 -8.50 24.34 9.12
N SER A 534 -8.55 25.17 8.07
CA SER A 534 -9.83 25.55 7.45
C SER A 534 -10.66 24.34 7.01
N ALA A 535 -10.02 23.39 6.33
CA ALA A 535 -10.71 22.17 5.88
C ALA A 535 -11.38 21.48 7.07
N LEU A 536 -10.61 21.34 8.14
CA LEU A 536 -11.09 20.67 9.35
C LEU A 536 -12.25 21.40 10.02
N VAL A 537 -12.03 22.67 10.31
CA VAL A 537 -13.02 23.55 10.93
C VAL A 537 -14.32 23.63 10.12
N ALA A 538 -14.24 23.45 8.81
CA ALA A 538 -15.45 23.37 7.98
C ALA A 538 -16.29 22.12 8.29
N HIS A 539 -15.68 21.09 8.89
CA HIS A 539 -16.48 19.94 9.36
C HIS A 539 -17.54 20.40 10.41
N PRO A 540 -18.83 19.99 10.24
CA PRO A 540 -19.90 20.49 11.11
C PRO A 540 -19.78 20.12 12.61
N LYS A 541 -18.91 19.17 12.95
CA LYS A 541 -18.72 18.77 14.36
C LYS A 541 -17.49 19.37 15.02
N ILE A 542 -16.70 20.09 14.23
CA ILE A 542 -15.41 20.62 14.66
C ILE A 542 -15.52 22.12 14.89
N ALA A 543 -14.99 22.56 16.04
CA ALA A 543 -14.94 23.96 16.44
C ALA A 543 -13.57 24.58 16.15
N GLU A 544 -12.51 23.86 16.49
CA GLU A 544 -11.15 24.37 16.32
C GLU A 544 -10.19 23.26 15.90
N ALA A 545 -9.09 23.67 15.29
CA ALA A 545 -8.07 22.74 14.90
C ALA A 545 -6.71 23.43 14.79
N ALA A 546 -5.66 22.65 15.04
CA ALA A 546 -4.29 23.11 14.92
C ALA A 546 -3.49 21.95 14.36
N VAL A 547 -2.88 22.22 13.21
CA VAL A 547 -2.16 21.23 12.45
C VAL A 547 -0.69 21.54 12.57
N VAL A 548 0.10 20.50 12.83
CA VAL A 548 1.56 20.60 12.89
C VAL A 548 2.13 19.45 12.04
N GLY A 549 3.38 19.58 11.62
CA GLY A 549 4.09 18.49 10.97
C GLY A 549 4.92 17.78 12.02
N ILE A 550 5.10 16.48 11.83
CA ILE A 550 6.02 15.67 12.64
C ILE A 550 6.92 14.89 11.69
N PRO A 551 8.11 14.46 12.18
CA PRO A 551 9.02 13.67 11.38
C PRO A 551 8.40 12.34 10.99
N HIS A 552 8.76 11.86 9.82
CA HIS A 552 8.24 10.61 9.36
C HIS A 552 9.30 10.03 8.46
N ALA A 553 9.68 8.79 8.75
CA ALA A 553 10.84 8.13 8.13
C ALA A 553 10.79 8.00 6.60
N ILE A 554 9.58 7.89 6.03
CA ILE A 554 9.44 7.90 4.57
C ILE A 554 8.96 9.26 4.07
N LYS A 555 7.82 9.71 4.59
CA LYS A 555 7.16 10.93 4.15
C LYS A 555 7.91 12.25 4.42
N GLY A 556 8.88 12.21 5.35
CA GLY A 556 9.61 13.42 5.75
C GLY A 556 8.87 14.08 6.91
N GLN A 557 7.68 14.62 6.62
CA GLN A 557 6.75 15.04 7.66
C GLN A 557 5.44 14.30 7.48
N ALA A 558 4.79 14.00 8.59
CA ALA A 558 3.42 13.52 8.58
C ALA A 558 2.56 14.65 9.14
N ILE A 559 1.24 14.59 8.88
CA ILE A 559 0.29 15.60 9.32
C ILE A 559 -0.35 15.19 10.62
N TYR A 560 -0.14 15.99 11.65
CA TYR A 560 -0.71 15.71 12.97
C TYR A 560 -1.66 16.83 13.30
N ALA A 561 -2.94 16.48 13.47
CA ALA A 561 -3.99 17.49 13.68
C ALA A 561 -4.57 17.36 15.10
N TYR A 562 -4.43 18.44 15.87
CA TYR A 562 -5.16 18.58 17.12
C TYR A 562 -6.55 19.14 16.82
N VAL A 563 -7.58 18.49 17.35
CA VAL A 563 -8.97 18.80 16.98
C VAL A 563 -9.91 18.99 18.18
N THR A 564 -10.55 20.14 18.22
CA THR A 564 -11.56 20.41 19.24
C THR A 564 -12.97 20.36 18.64
N LEU A 565 -13.78 19.47 19.17
CA LEU A 565 -15.16 19.34 18.73
C LEU A 565 -16.08 20.41 19.35
N ASN A 566 -17.11 20.77 18.59
CA ASN A 566 -18.23 21.56 19.09
C ASN A 566 -18.72 20.94 20.41
N HIS A 567 -19.22 21.76 21.33
CA HIS A 567 -19.58 21.22 22.65
C HIS A 567 -20.72 20.22 22.61
N GLY A 568 -20.59 19.18 23.44
CA GLY A 568 -21.55 18.09 23.44
C GLY A 568 -21.15 16.93 22.56
N GLU A 569 -20.29 17.18 21.55
CA GLU A 569 -19.87 16.13 20.60
C GLU A 569 -18.79 15.24 21.22
N GLU A 570 -18.84 13.95 20.91
CA GLU A 570 -17.89 12.96 21.40
C GLU A 570 -17.08 12.33 20.27
N PRO A 571 -15.78 12.06 20.53
CA PRO A 571 -15.01 11.25 19.59
C PRO A 571 -15.52 9.81 19.45
N SER A 572 -15.17 9.18 18.32
CA SER A 572 -15.43 7.77 18.03
C SER A 572 -14.50 7.36 16.89
N PRO A 573 -14.29 6.04 16.70
CA PRO A 573 -13.49 5.62 15.53
C PRO A 573 -14.20 5.94 14.21
N GLU A 574 -15.54 5.89 14.21
CA GLU A 574 -16.33 6.32 13.06
C GLU A 574 -15.98 7.74 12.66
N LEU A 575 -15.97 8.63 13.66
CA LEU A 575 -15.73 10.06 13.45
C LEU A 575 -14.27 10.31 13.03
N TYR A 576 -13.38 9.49 13.53
CA TYR A 576 -11.97 9.53 13.17
C TYR A 576 -11.74 9.34 11.66
N ALA A 577 -12.28 8.25 11.12
CA ALA A 577 -12.23 7.99 9.70
C ALA A 577 -12.92 9.12 8.93
N GLU A 578 -14.05 9.59 9.48
CA GLU A 578 -14.90 10.55 8.79
C GLU A 578 -14.22 11.91 8.62
N VAL A 579 -13.50 12.32 9.67
CA VAL A 579 -12.73 13.57 9.64
C VAL A 579 -11.51 13.46 8.68
N ARG A 580 -10.84 12.31 8.63
CA ARG A 580 -9.81 12.08 7.59
C ARG A 580 -10.39 12.16 6.17
N ASN A 581 -11.49 11.44 5.95
CA ASN A 581 -12.20 11.45 4.68
C ASN A 581 -12.62 12.89 4.33
N TRP A 582 -13.05 13.64 5.35
CA TRP A 582 -13.46 15.04 5.16
C TRP A 582 -12.33 15.87 4.52
N VAL A 583 -11.13 15.78 5.07
CA VAL A 583 -9.98 16.50 4.50
C VAL A 583 -9.58 15.93 3.12
N ARG A 584 -9.66 14.62 2.98
CA ARG A 584 -9.43 13.96 1.70
C ARG A 584 -10.37 14.56 0.63
N LYS A 585 -11.60 14.86 1.02
CA LYS A 585 -12.58 15.47 0.12
C LYS A 585 -12.35 16.96 -0.15
N GLU A 586 -11.89 17.70 0.86
CA GLU A 586 -11.73 19.15 0.78
C GLU A 586 -10.52 19.55 -0.06
N ILE A 587 -9.47 18.75 0.03
CA ILE A 587 -8.18 19.07 -0.59
C ILE A 587 -7.72 17.91 -1.45
N GLY A 588 -7.59 16.73 -0.85
CA GLY A 588 -7.13 15.57 -1.57
C GLY A 588 -6.40 14.65 -0.62
N PRO A 589 -6.16 13.40 -1.05
CA PRO A 589 -5.46 12.39 -0.24
C PRO A 589 -4.10 12.84 0.26
N LEU A 590 -3.40 13.66 -0.53
CA LEU A 590 -2.11 14.23 -0.15
C LEU A 590 -2.15 15.01 1.16
N ALA A 591 -3.29 15.60 1.50
CA ALA A 591 -3.44 16.44 2.71
C ALA A 591 -4.10 15.72 3.89
N THR A 592 -4.36 14.42 3.76
CA THR A 592 -5.04 13.65 4.78
C THR A 592 -4.23 13.56 6.09
N PRO A 593 -4.80 14.05 7.21
CA PRO A 593 -4.06 13.90 8.47
C PRO A 593 -3.65 12.46 8.74
N ASP A 594 -2.42 12.30 9.17
CA ASP A 594 -1.94 11.00 9.62
C ASP A 594 -2.45 10.70 11.03
N VAL A 595 -2.47 11.71 11.88
CA VAL A 595 -2.95 11.56 13.23
C VAL A 595 -4.00 12.61 13.50
N LEU A 596 -5.06 12.19 14.18
CA LEU A 596 -6.03 13.11 14.79
C LEU A 596 -5.97 13.01 16.31
N HIS A 597 -5.68 14.14 16.94
CA HIS A 597 -5.56 14.25 18.38
C HIS A 597 -6.75 15.06 18.88
N TRP A 598 -7.78 14.37 19.37
CA TRP A 598 -8.92 15.05 19.99
C TRP A 598 -8.47 15.68 21.31
N THR A 599 -8.74 16.97 21.46
CA THR A 599 -8.39 17.68 22.68
C THR A 599 -9.36 18.84 22.98
N ASP A 600 -9.46 19.20 24.26
CA ASP A 600 -10.07 20.47 24.64
C ASP A 600 -9.01 21.43 25.17
N SER A 601 -7.75 21.00 25.10
CA SER A 601 -6.64 21.71 25.71
C SER A 601 -5.74 22.41 24.71
N LEU A 602 -6.30 23.09 23.72
CA LEU A 602 -5.43 23.84 22.81
C LEU A 602 -4.75 24.97 23.61
N PRO A 603 -3.40 25.04 23.56
CA PRO A 603 -2.63 26.03 24.31
C PRO A 603 -2.69 27.41 23.64
N LYS A 604 -3.31 28.36 24.32
CA LYS A 604 -3.48 29.72 23.78
C LYS A 604 -2.80 30.76 24.66
N THR A 605 -2.35 31.85 24.03
CA THR A 605 -1.76 32.96 24.77
C THR A 605 -2.86 33.79 25.42
N ARG A 606 -2.45 34.78 26.20
CA ARG A 606 -3.37 35.69 26.89
C ARG A 606 -4.39 36.35 25.93
N SER A 607 -3.99 36.50 24.67
CA SER A 607 -4.83 37.08 23.61
C SER A 607 -5.44 36.03 22.65
N GLY A 608 -5.48 34.77 23.09
CA GLY A 608 -6.15 33.70 22.34
C GLY A 608 -5.47 33.19 21.07
N ALA A 609 -4.15 33.35 21.00
CA ALA A 609 -3.38 32.88 19.84
C ALA A 609 -2.68 31.56 20.14
N ILE A 610 -2.74 30.63 19.19
CA ILE A 610 -2.26 29.26 19.41
C ILE A 610 -0.74 29.21 19.51
N MET A 611 -0.25 28.60 20.59
CA MET A 611 1.17 28.32 20.75
C MET A 611 1.57 27.06 19.97
N ARG A 612 1.95 27.25 18.71
CA ARG A 612 2.25 26.15 17.82
C ARG A 612 3.49 25.34 18.20
N ARG A 613 4.51 26.02 18.73
CA ARG A 613 5.80 25.39 19.00
C ARG A 613 5.65 24.23 19.98
N ILE A 614 4.82 24.43 21.01
CA ILE A 614 4.58 23.40 22.01
C ILE A 614 3.77 22.22 21.45
N LEU A 615 2.83 22.50 20.55
CA LEU A 615 2.09 21.46 19.86
C LEU A 615 3.01 20.61 19.01
N ARG A 616 3.90 21.30 18.30
CA ARG A 616 4.88 20.68 17.43
C ARG A 616 5.75 19.68 18.22
N LYS A 617 6.32 20.15 19.34
CA LYS A 617 7.22 19.34 20.16
C LYS A 617 6.49 18.15 20.82
N ILE A 618 5.25 18.37 21.25
CA ILE A 618 4.48 17.29 21.87
C ILE A 618 4.16 16.22 20.84
N ALA A 619 3.72 16.66 19.66
CA ALA A 619 3.37 15.73 18.58
C ALA A 619 4.63 14.97 18.14
N ALA A 620 5.76 15.67 18.13
CA ALA A 620 7.06 15.06 17.81
C ALA A 620 7.48 13.98 18.83
N GLY A 621 6.62 13.73 19.82
CA GLY A 621 6.83 12.66 20.78
C GLY A 621 7.63 13.04 22.01
N ASP A 622 8.02 14.31 22.12
CA ASP A 622 8.83 14.75 23.26
C ASP A 622 8.16 15.87 24.05
N ALA A 633 -1.28 30.87 28.96
CA ALA A 633 -2.53 31.42 29.48
C ALA A 633 -3.16 30.49 30.51
N ASP A 634 -3.77 29.41 30.04
CA ASP A 634 -4.24 28.34 30.94
C ASP A 634 -3.13 27.29 31.02
N PRO A 635 -2.30 27.35 32.07
CA PRO A 635 -1.05 26.57 32.07
C PRO A 635 -1.28 25.05 32.15
N GLY A 636 -2.40 24.63 32.73
CA GLY A 636 -2.72 23.21 32.90
C GLY A 636 -2.79 22.36 31.62
N VAL A 637 -2.92 23.02 30.48
CA VAL A 637 -3.17 22.34 29.21
C VAL A 637 -2.05 21.39 28.76
N VAL A 638 -0.80 21.75 29.03
CA VAL A 638 0.36 20.96 28.60
C VAL A 638 0.28 19.50 29.09
N GLU A 639 -0.01 19.31 30.38
CA GLU A 639 -0.10 17.97 30.96
C GLU A 639 -1.25 17.16 30.34
N LYS A 640 -2.40 17.80 30.14
CA LYS A 640 -3.52 17.14 29.46
C LYS A 640 -3.12 16.74 28.01
N LEU A 641 -2.47 17.65 27.29
CA LEU A 641 -1.95 17.36 25.95
C LEU A 641 -0.99 16.16 25.95
N LEU A 642 -0.11 16.10 26.94
CA LEU A 642 0.88 15.02 27.05
C LEU A 642 0.24 13.67 27.38
N GLU A 643 -0.74 13.68 28.27
CA GLU A 643 -1.51 12.48 28.61
C GLU A 643 -2.23 11.95 27.37
N GLU A 644 -2.93 12.85 26.69
CA GLU A 644 -3.63 12.51 25.45
C GLU A 644 -2.67 11.93 24.40
N LYS A 645 -1.53 12.60 24.23
CA LYS A 645 -0.54 12.15 23.26
C LYS A 645 -0.05 10.75 23.59
N GLN A 646 0.14 10.48 24.88
CA GLN A 646 0.60 9.16 25.36
C GLN A 646 -0.36 8.01 25.00
N ALA A 647 -1.67 8.25 25.10
CA ALA A 647 -2.66 7.27 24.67
C ALA A 647 -2.49 6.77 23.21
N HIS B 5 -24.02 -4.96 27.19
CA HIS B 5 -25.30 -4.99 26.43
C HIS B 5 -25.38 -6.20 25.49
N LYS B 6 -26.55 -6.80 25.38
CA LYS B 6 -26.77 -7.92 24.46
C LYS B 6 -27.45 -7.44 23.17
N HIS B 7 -27.02 -8.00 22.03
CA HIS B 7 -27.77 -7.85 20.81
C HIS B 7 -28.76 -8.99 20.76
N ALA B 8 -30.04 -8.63 20.85
CA ALA B 8 -31.14 -9.60 20.73
C ALA B 8 -31.15 -10.25 19.36
N ILE B 9 -31.77 -11.42 19.30
CA ILE B 9 -31.95 -12.16 18.04
C ILE B 9 -33.04 -11.45 17.24
N PRO B 10 -32.69 -10.94 16.05
CA PRO B 10 -33.72 -10.22 15.30
C PRO B 10 -34.86 -11.15 14.84
N ALA B 11 -36.05 -10.56 14.68
CA ALA B 11 -37.28 -11.28 14.36
C ALA B 11 -37.19 -12.17 13.09
N ASN B 12 -36.60 -11.65 12.02
CA ASN B 12 -36.45 -12.43 10.78
C ASN B 12 -35.63 -13.74 10.94
N ILE B 13 -34.60 -13.66 11.78
CA ILE B 13 -33.71 -14.78 12.08
C ILE B 13 -34.41 -15.80 12.98
N ALA B 14 -35.06 -15.31 14.04
CA ALA B 14 -35.87 -16.15 14.88
C ALA B 14 -36.86 -16.99 14.06
N ASP B 15 -37.54 -16.35 13.10
CA ASP B 15 -38.53 -17.07 12.29
C ASP B 15 -37.96 -18.21 11.46
N ARG B 16 -36.75 -18.03 10.95
CA ARG B 16 -36.18 -18.95 9.98
C ARG B 16 -35.11 -19.90 10.54
N CYS B 17 -34.66 -19.68 11.78
CA CYS B 17 -33.47 -20.37 12.29
C CYS B 17 -33.62 -21.89 12.38
N LEU B 18 -32.54 -22.59 12.05
CA LEU B 18 -32.48 -24.04 12.16
C LEU B 18 -32.51 -24.45 13.62
N ILE B 19 -31.94 -23.59 14.46
CA ILE B 19 -31.76 -23.89 15.86
C ILE B 19 -32.12 -22.68 16.73
N ASN B 20 -33.19 -22.82 17.50
CA ASN B 20 -33.62 -21.76 18.42
C ASN B 20 -32.94 -21.89 19.80
N PRO B 21 -33.17 -20.92 20.70
CA PRO B 21 -32.50 -21.04 21.99
C PRO B 21 -32.74 -22.39 22.71
N GLU B 22 -33.98 -22.90 22.68
CA GLU B 22 -34.32 -24.16 23.34
C GLU B 22 -33.61 -25.35 22.71
N GLN B 23 -33.60 -25.38 21.37
CA GLN B 23 -32.91 -26.46 20.65
C GLN B 23 -31.41 -26.45 20.88
N TYR B 24 -30.80 -25.27 21.02
CA TYR B 24 -29.38 -25.24 21.34
C TYR B 24 -29.13 -25.90 22.70
N GLU B 25 -29.89 -25.49 23.73
CA GLU B 25 -29.69 -26.03 25.08
C GLU B 25 -29.89 -27.52 25.14
N THR B 26 -30.96 -28.00 24.50
CA THR B 26 -31.28 -29.42 24.43
C THR B 26 -30.17 -30.19 23.72
N LYS B 27 -29.75 -29.70 22.56
CA LYS B 27 -28.79 -30.41 21.74
C LYS B 27 -27.41 -30.40 22.38
N TYR B 28 -27.06 -29.27 23.00
CA TYR B 28 -25.78 -29.17 23.69
C TYR B 28 -25.72 -30.19 24.82
N LYS B 29 -26.78 -30.26 25.62
CA LYS B 29 -26.85 -31.23 26.71
C LYS B 29 -26.69 -32.67 26.22
N GLN B 30 -27.37 -33.03 25.13
CA GLN B 30 -27.24 -34.41 24.63
C GLN B 30 -25.84 -34.67 24.08
N SER B 31 -25.29 -33.67 23.39
CA SER B 31 -23.96 -33.80 22.80
C SER B 31 -22.92 -34.15 23.87
N ILE B 32 -23.18 -33.69 25.09
CA ILE B 32 -22.26 -33.80 26.23
C ILE B 32 -22.54 -35.07 27.01
N ASN B 33 -23.82 -35.30 27.34
CA ASN B 33 -24.21 -36.46 28.13
C ASN B 33 -24.17 -37.76 27.35
N ASP B 34 -24.49 -37.71 26.06
CA ASP B 34 -24.53 -38.91 25.22
C ASP B 34 -24.01 -38.67 23.80
N PRO B 35 -22.67 -38.49 23.64
CA PRO B 35 -22.06 -38.16 22.33
C PRO B 35 -22.33 -39.22 21.25
N ASP B 36 -22.50 -40.48 21.67
CA ASP B 36 -22.72 -41.59 20.73
C ASP B 36 -24.06 -41.49 19.99
N THR B 37 -25.11 -41.17 20.73
CA THR B 37 -26.45 -40.96 20.13
C THR B 37 -26.44 -39.65 19.33
N PHE B 38 -25.93 -38.59 19.94
CA PHE B 38 -25.91 -37.28 19.29
C PHE B 38 -25.16 -37.29 17.95
N TRP B 39 -23.90 -37.70 17.99
CA TRP B 39 -23.07 -37.80 16.79
C TRP B 39 -23.37 -39.02 15.91
N GLY B 40 -24.09 -40.01 16.45
CA GLY B 40 -24.63 -41.11 15.64
C GLY B 40 -25.72 -40.62 14.69
N GLU B 41 -26.63 -39.82 15.22
CA GLU B 41 -27.69 -39.23 14.42
C GLU B 41 -27.16 -38.11 13.53
N GLN B 42 -26.30 -37.27 14.10
CA GLN B 42 -25.83 -36.08 13.40
C GLN B 42 -24.87 -36.45 12.25
N GLY B 43 -24.13 -37.53 12.43
CA GLY B 43 -23.24 -38.05 11.39
C GLY B 43 -23.93 -38.43 10.09
N LYS B 44 -25.26 -38.54 10.13
CA LYS B 44 -26.08 -38.80 8.95
C LYS B 44 -26.21 -37.60 8.00
N ILE B 45 -25.65 -36.45 8.39
CA ILE B 45 -25.52 -35.32 7.45
C ILE B 45 -24.76 -35.73 6.17
N LEU B 46 -23.88 -36.72 6.30
CA LEU B 46 -23.16 -37.27 5.15
C LEU B 46 -23.78 -38.57 4.70
N ASP B 47 -23.61 -38.87 3.41
CA ASP B 47 -23.82 -40.21 2.85
C ASP B 47 -22.60 -41.09 3.19
N TRP B 48 -22.88 -42.28 3.71
CA TRP B 48 -21.86 -43.23 4.08
C TRP B 48 -22.03 -44.46 3.22
N ILE B 49 -20.90 -45.01 2.76
CA ILE B 49 -20.90 -46.16 1.86
C ILE B 49 -21.15 -47.49 2.62
N THR B 50 -20.41 -47.72 3.71
CA THR B 50 -20.87 -48.67 4.71
C THR B 50 -21.11 -47.86 5.96
N PRO B 51 -22.30 -48.01 6.57
CA PRO B 51 -22.62 -47.24 7.77
C PRO B 51 -21.72 -47.64 8.92
N TYR B 52 -21.27 -46.66 9.69
CA TYR B 52 -20.55 -46.90 10.94
C TYR B 52 -21.47 -47.57 11.94
N GLN B 53 -20.85 -48.12 12.99
CA GLN B 53 -21.60 -48.70 14.09
C GLN B 53 -21.03 -48.08 15.34
N LYS B 54 -19.70 -48.02 15.43
CA LYS B 54 -19.03 -47.28 16.48
C LYS B 54 -19.07 -45.77 16.18
N VAL B 55 -19.28 -44.96 17.20
CA VAL B 55 -19.24 -43.51 17.03
C VAL B 55 -17.98 -42.90 17.67
N LYS B 56 -18.03 -42.61 18.96
CA LYS B 56 -16.88 -42.02 19.68
C LYS B 56 -15.97 -43.09 20.31
N ASN B 57 -14.68 -42.95 20.06
CA ASN B 57 -13.67 -43.85 20.63
C ASN B 57 -12.39 -43.07 20.78
N THR B 58 -12.30 -42.32 21.87
CA THR B 58 -11.22 -41.35 22.04
C THR B 58 -10.66 -41.39 23.46
N SER B 59 -9.37 -41.14 23.59
CA SER B 59 -8.78 -40.93 24.90
C SER B 59 -7.75 -39.80 24.83
N PHE B 60 -7.73 -38.97 25.86
CA PHE B 60 -6.74 -37.91 26.00
C PHE B 60 -5.66 -38.36 26.99
N ALA B 61 -5.81 -39.58 27.52
CA ALA B 61 -4.93 -40.12 28.57
C ALA B 61 -3.43 -39.98 28.24
N PRO B 62 -2.63 -39.58 29.24
CA PRO B 62 -1.17 -39.53 29.07
C PRO B 62 -0.61 -40.91 28.73
N GLY B 63 0.15 -40.96 27.64
CA GLY B 63 0.69 -42.20 27.11
C GLY B 63 -0.22 -42.87 26.09
N ASN B 64 -1.51 -42.57 26.17
CA ASN B 64 -2.50 -43.14 25.25
C ASN B 64 -3.47 -42.10 24.71
N VAL B 65 -2.92 -41.14 23.96
CA VAL B 65 -3.72 -40.15 23.26
C VAL B 65 -4.11 -40.75 21.90
N SER B 66 -5.41 -40.97 21.73
CA SER B 66 -5.92 -41.65 20.54
C SER B 66 -7.33 -41.15 20.25
N ILE B 67 -7.51 -40.62 19.05
CA ILE B 67 -8.78 -40.03 18.62
C ILE B 67 -9.38 -40.75 17.40
N LYS B 68 -10.55 -41.34 17.60
CA LYS B 68 -11.24 -42.07 16.54
C LYS B 68 -12.73 -41.79 16.58
N TRP B 69 -13.27 -41.50 15.40
CA TRP B 69 -14.69 -41.27 15.26
C TRP B 69 -15.18 -42.03 14.05
N TYR B 70 -16.39 -42.60 14.16
CA TYR B 70 -17.05 -43.36 13.10
C TYR B 70 -16.14 -44.39 12.45
N GLU B 71 -15.21 -44.92 13.24
CA GLU B 71 -14.03 -45.61 12.70
C GLU B 71 -14.35 -46.74 11.74
N ASP B 72 -15.47 -47.42 11.99
CA ASP B 72 -15.91 -48.56 11.15
C ASP B 72 -16.81 -48.17 9.96
N GLY B 73 -17.05 -46.87 9.79
CA GLY B 73 -17.76 -46.39 8.61
C GLY B 73 -16.83 -46.13 7.44
N THR B 74 -17.40 -46.15 6.25
CA THR B 74 -16.67 -45.73 5.04
C THR B 74 -17.52 -44.71 4.26
N LEU B 75 -16.85 -43.92 3.45
CA LEU B 75 -17.48 -42.79 2.79
C LEU B 75 -16.48 -42.21 1.83
N ASN B 76 -16.97 -41.36 0.91
CA ASN B 76 -16.05 -40.60 0.07
C ASN B 76 -16.41 -39.12 0.19
N LEU B 77 -15.45 -38.30 0.58
CA LEU B 77 -15.66 -36.85 0.76
C LEU B 77 -16.16 -36.21 -0.53
N ALA B 78 -15.46 -36.48 -1.64
CA ALA B 78 -15.81 -35.88 -2.93
C ALA B 78 -17.20 -36.30 -3.43
N ALA B 79 -17.65 -37.50 -3.06
CA ALA B 79 -19.01 -37.92 -3.39
C ALA B 79 -20.00 -37.09 -2.60
N ASN B 80 -19.62 -36.78 -1.35
CA ASN B 80 -20.45 -35.97 -0.46
C ASN B 80 -20.51 -34.51 -0.85
N CYS B 81 -19.42 -33.98 -1.42
CA CYS B 81 -19.32 -32.57 -1.82
C CYS B 81 -19.78 -32.34 -3.26
N LEU B 82 -20.00 -33.43 -4.01
CA LEU B 82 -20.30 -33.33 -5.43
C LEU B 82 -21.40 -34.27 -5.92
N ASP B 83 -21.12 -35.58 -5.96
CA ASP B 83 -21.98 -36.56 -6.63
C ASP B 83 -23.39 -36.56 -6.07
N ARG B 84 -23.50 -36.49 -4.75
CA ARG B 84 -24.79 -36.61 -4.11
C ARG B 84 -25.71 -35.39 -4.37
N HIS B 85 -25.17 -34.35 -4.99
CA HIS B 85 -25.94 -33.13 -5.25
C HIS B 85 -26.40 -33.09 -6.69
N LEU B 86 -25.88 -33.99 -7.51
CA LEU B 86 -26.09 -33.91 -8.95
C LEU B 86 -27.55 -34.02 -9.40
N GLN B 87 -28.30 -35.01 -8.90
CA GLN B 87 -29.69 -35.26 -9.35
C GLN B 87 -30.57 -34.03 -9.15
N GLU B 88 -30.59 -33.57 -7.89
CA GLU B 88 -31.36 -32.43 -7.49
C GLU B 88 -30.71 -31.10 -7.92
N ASN B 89 -29.38 -30.97 -7.73
CA ASN B 89 -28.74 -29.65 -7.81
C ASN B 89 -27.48 -29.63 -8.67
N GLY B 90 -27.46 -30.45 -9.71
CA GLY B 90 -26.37 -30.47 -10.65
C GLY B 90 -26.19 -29.13 -11.34
N ASP B 91 -27.29 -28.41 -11.57
CA ASP B 91 -27.23 -27.10 -12.26
C ASP B 91 -27.02 -25.89 -11.33
N ARG B 92 -27.19 -26.09 -10.02
CA ARG B 92 -26.90 -25.05 -9.03
C ARG B 92 -25.42 -24.72 -9.12
N THR B 93 -25.09 -23.44 -8.92
CA THR B 93 -23.70 -23.02 -8.86
C THR B 93 -23.05 -23.57 -7.59
N ALA B 94 -21.94 -24.26 -7.76
CA ALA B 94 -21.14 -24.77 -6.65
C ALA B 94 -20.17 -23.70 -6.17
N ILE B 95 -19.41 -23.15 -7.13
CA ILE B 95 -18.44 -22.07 -6.87
C ILE B 95 -18.69 -20.85 -7.77
N ILE B 96 -18.82 -19.68 -7.15
CA ILE B 96 -18.73 -18.43 -7.87
C ILE B 96 -17.30 -17.97 -7.73
N TRP B 97 -16.62 -17.75 -8.84
CA TRP B 97 -15.25 -17.26 -8.81
C TRP B 97 -15.22 -15.81 -9.25
N GLU B 98 -14.74 -14.94 -8.37
CA GLU B 98 -14.64 -13.51 -8.62
C GLU B 98 -13.16 -13.18 -8.78
N GLY B 99 -12.81 -12.68 -9.97
CA GLY B 99 -11.45 -12.32 -10.29
C GLY B 99 -11.00 -11.03 -9.63
N ASP B 100 -9.68 -10.87 -9.53
CA ASP B 100 -9.03 -9.71 -8.98
C ASP B 100 -9.44 -8.52 -9.83
N ASP B 101 -9.47 -8.76 -11.15
CA ASP B 101 -10.10 -7.90 -12.14
C ASP B 101 -11.56 -8.34 -12.20
N THR B 102 -12.46 -7.43 -11.81
CA THR B 102 -13.89 -7.76 -11.72
C THR B 102 -14.56 -8.24 -13.03
N SER B 103 -13.96 -7.92 -14.18
CA SER B 103 -14.50 -8.32 -15.49
C SER B 103 -14.24 -9.81 -15.79
N GLN B 104 -13.44 -10.46 -14.94
CA GLN B 104 -13.21 -11.89 -15.01
C GLN B 104 -13.97 -12.62 -13.87
N SER B 105 -14.96 -13.43 -14.21
CA SER B 105 -15.67 -14.23 -13.21
C SER B 105 -16.34 -15.45 -13.85
N LYS B 106 -16.57 -16.48 -13.05
CA LYS B 106 -17.19 -17.73 -13.49
C LYS B 106 -18.20 -18.22 -12.47
N HIS B 107 -19.21 -18.91 -12.98
CA HIS B 107 -20.10 -19.72 -12.17
C HIS B 107 -19.82 -21.17 -12.56
N ILE B 108 -19.35 -21.97 -11.62
CA ILE B 108 -19.12 -23.38 -11.86
C ILE B 108 -20.23 -24.17 -11.14
N SER B 109 -21.03 -24.89 -11.93
CA SER B 109 -22.15 -25.66 -11.38
C SER B 109 -21.60 -26.91 -10.68
N TYR B 110 -22.42 -27.55 -9.84
CA TYR B 110 -22.06 -28.84 -9.25
C TYR B 110 -21.69 -29.89 -10.31
N ARG B 111 -22.48 -29.95 -11.38
CA ARG B 111 -22.19 -30.84 -12.51
C ARG B 111 -20.85 -30.50 -13.19
N GLU B 112 -20.61 -29.23 -13.48
CA GLU B 112 -19.32 -28.79 -14.07
C GLU B 112 -18.13 -29.14 -13.17
N LEU B 113 -18.27 -28.84 -11.89
CA LEU B 113 -17.23 -29.09 -10.93
C LEU B 113 -16.97 -30.60 -10.78
N HIS B 114 -18.04 -31.39 -10.78
CA HIS B 114 -17.95 -32.85 -10.62
C HIS B 114 -17.10 -33.46 -11.74
N ARG B 115 -17.43 -33.04 -12.97
CA ARG B 115 -16.77 -33.51 -14.18
C ARG B 115 -15.26 -33.28 -14.13
N ASP B 116 -14.87 -32.05 -13.80
CA ASP B 116 -13.46 -31.68 -13.73
C ASP B 116 -12.72 -32.33 -12.57
N VAL B 117 -13.41 -32.54 -11.45
CA VAL B 117 -12.86 -33.34 -10.37
C VAL B 117 -12.58 -34.78 -10.83
N CYS B 118 -13.57 -35.40 -11.52
CA CYS B 118 -13.40 -36.73 -12.11
C CYS B 118 -12.23 -36.80 -13.10
N ARG B 119 -12.22 -35.90 -14.09
CA ARG B 119 -11.08 -35.83 -15.02
C ARG B 119 -9.77 -35.71 -14.25
N PHE B 120 -9.70 -34.79 -13.29
CA PHE B 120 -8.47 -34.60 -12.52
C PHE B 120 -8.07 -35.77 -11.58
N ALA B 121 -9.06 -36.47 -11.02
CA ALA B 121 -8.78 -37.71 -10.28
C ALA B 121 -8.11 -38.72 -11.21
N ASN B 122 -8.61 -38.81 -12.44
CA ASN B 122 -8.04 -39.72 -13.47
C ASN B 122 -6.64 -39.24 -13.86
N THR B 123 -6.47 -37.92 -13.89
CA THR B 123 -5.17 -37.31 -14.20
C THR B 123 -4.13 -37.77 -13.17
N LEU B 124 -4.41 -37.54 -11.89
CA LEU B 124 -3.55 -37.98 -10.78
C LEU B 124 -3.27 -39.49 -10.88
N LEU B 125 -4.33 -40.30 -11.00
CA LEU B 125 -4.18 -41.75 -11.19
C LEU B 125 -3.24 -42.15 -12.33
N ASP B 126 -3.49 -41.64 -13.55
CA ASP B 126 -2.64 -41.90 -14.73
C ASP B 126 -1.19 -41.41 -14.57
N LEU B 127 -0.96 -40.56 -13.59
CA LEU B 127 0.37 -40.04 -13.30
C LEU B 127 1.06 -40.94 -12.25
N GLY B 128 0.30 -41.89 -11.71
CA GLY B 128 0.85 -42.85 -10.76
C GLY B 128 0.61 -42.50 -9.30
N ILE B 129 -0.21 -41.47 -9.06
CA ILE B 129 -0.52 -41.05 -7.69
C ILE B 129 -1.49 -42.05 -7.08
N LYS B 130 -1.21 -42.47 -5.84
CA LYS B 130 -2.04 -43.48 -5.16
C LYS B 130 -2.64 -43.01 -3.81
N LYS B 131 -3.61 -43.77 -3.31
CA LYS B 131 -4.16 -43.55 -2.00
C LYS B 131 -3.03 -43.42 -0.97
N GLY B 132 -3.05 -42.35 -0.17
CA GLY B 132 -2.03 -42.13 0.85
C GLY B 132 -0.80 -41.30 0.45
N ASP B 133 -0.56 -41.16 -0.85
CA ASP B 133 0.48 -40.26 -1.36
C ASP B 133 0.15 -38.83 -0.98
N VAL B 134 1.16 -38.03 -0.66
CA VAL B 134 0.94 -36.63 -0.35
C VAL B 134 1.20 -35.79 -1.60
N VAL B 135 0.26 -34.89 -1.89
CA VAL B 135 0.36 -34.00 -3.03
C VAL B 135 0.42 -32.56 -2.52
N ALA B 136 1.50 -31.87 -2.88
CA ALA B 136 1.68 -30.47 -2.51
C ALA B 136 0.88 -29.57 -3.44
N ILE B 137 0.08 -28.69 -2.84
CA ILE B 137 -0.72 -27.74 -3.61
C ILE B 137 -0.30 -26.32 -3.27
N TYR B 138 0.16 -25.60 -4.29
CA TYR B 138 0.72 -24.27 -4.15
C TYR B 138 -0.02 -23.42 -5.18
N MET B 139 -1.22 -22.99 -4.82
CA MET B 139 -2.13 -22.40 -5.77
C MET B 139 -2.69 -21.05 -5.32
N PRO B 140 -3.03 -20.18 -6.29
CA PRO B 140 -3.71 -18.95 -5.90
C PRO B 140 -5.19 -19.26 -5.74
N MET B 141 -6.00 -18.24 -5.47
CA MET B 141 -7.42 -18.43 -5.28
C MET B 141 -8.15 -18.50 -6.61
N VAL B 142 -8.00 -19.64 -7.27
CA VAL B 142 -8.69 -19.98 -8.52
C VAL B 142 -9.45 -21.32 -8.35
N PRO B 143 -10.51 -21.56 -9.18
CA PRO B 143 -11.33 -22.77 -8.97
C PRO B 143 -10.52 -24.07 -9.08
N GLU B 144 -9.41 -24.05 -9.81
CA GLU B 144 -8.55 -25.22 -9.99
C GLU B 144 -7.85 -25.71 -8.71
N ALA B 145 -7.66 -24.79 -7.76
CA ALA B 145 -7.23 -25.19 -6.42
C ALA B 145 -8.25 -26.11 -5.79
N ALA B 146 -9.53 -25.75 -5.88
CA ALA B 146 -10.62 -26.58 -5.34
C ALA B 146 -10.68 -27.93 -6.08
N VAL B 147 -10.57 -27.88 -7.40
CA VAL B 147 -10.59 -29.09 -8.21
C VAL B 147 -9.50 -30.05 -7.75
N ALA B 148 -8.29 -29.54 -7.57
CA ALA B 148 -7.14 -30.36 -7.18
C ALA B 148 -7.30 -30.95 -5.78
N MET B 149 -7.86 -30.14 -4.89
CA MET B 149 -8.08 -30.61 -3.53
C MET B 149 -9.09 -31.72 -3.49
N LEU B 150 -10.15 -31.55 -4.27
CA LEU B 150 -11.27 -32.49 -4.27
C LEU B 150 -10.91 -33.77 -4.97
N ALA B 151 -10.12 -33.66 -6.04
CA ALA B 151 -9.66 -34.80 -6.78
C ALA B 151 -8.71 -35.66 -5.94
N CYS B 152 -7.85 -35.00 -5.15
CA CYS B 152 -6.99 -35.71 -4.20
C CYS B 152 -7.85 -36.50 -3.16
N ALA B 153 -8.84 -35.83 -2.56
CA ALA B 153 -9.78 -36.49 -1.63
C ALA B 153 -10.58 -37.65 -2.26
N ARG B 154 -10.90 -37.53 -3.55
CA ARG B 154 -11.69 -38.53 -4.24
C ARG B 154 -10.98 -39.88 -4.31
N ILE B 155 -9.65 -39.83 -4.42
CA ILE B 155 -8.84 -41.02 -4.60
C ILE B 155 -8.08 -41.39 -3.34
N GLY B 156 -8.26 -40.62 -2.26
CA GLY B 156 -7.59 -40.95 -1.00
C GLY B 156 -6.13 -40.50 -0.94
N ALA B 157 -5.70 -39.73 -1.94
CA ALA B 157 -4.46 -38.97 -1.79
C ALA B 157 -4.65 -37.89 -0.70
N VAL B 158 -3.55 -37.54 -0.05
CA VAL B 158 -3.55 -36.63 1.08
C VAL B 158 -2.94 -35.31 0.65
N HIS B 159 -3.79 -34.31 0.41
CA HIS B 159 -3.28 -33.03 -0.05
C HIS B 159 -2.61 -32.25 1.08
N SER B 160 -1.52 -31.57 0.75
CA SER B 160 -0.93 -30.59 1.63
C SER B 160 -0.88 -29.24 0.88
N VAL B 161 -1.81 -28.35 1.23
CA VAL B 161 -1.91 -27.05 0.55
C VAL B 161 -0.94 -26.09 1.22
N ILE B 162 -0.12 -25.42 0.41
CA ILE B 162 0.86 -24.43 0.85
C ILE B 162 0.42 -23.06 0.39
N PHE B 163 0.28 -22.14 1.34
CA PHE B 163 -0.11 -20.77 1.09
C PHE B 163 0.77 -20.10 0.03
N GLY B 164 0.15 -19.51 -0.99
CA GLY B 164 0.88 -18.95 -2.11
C GLY B 164 1.82 -17.83 -1.72
N GLY B 165 1.70 -17.34 -0.48
CA GLY B 165 2.57 -16.32 0.03
C GLY B 165 3.83 -16.87 0.69
N PHE B 166 3.96 -18.19 0.78
CA PHE B 166 5.21 -18.73 1.29
C PHE B 166 6.36 -18.61 0.27
N SER B 167 7.56 -18.33 0.78
CA SER B 167 8.72 -18.26 -0.07
C SER B 167 9.19 -19.67 -0.51
N PRO B 168 10.07 -19.74 -1.53
CA PRO B 168 10.68 -20.98 -2.00
C PRO B 168 11.22 -21.84 -0.86
N GLU B 169 11.93 -21.23 0.09
CA GLU B 169 12.49 -21.96 1.23
C GLU B 169 11.36 -22.58 2.09
N ALA B 170 10.33 -21.80 2.32
CA ALA B 170 9.15 -22.28 3.07
C ALA B 170 8.42 -23.40 2.30
N VAL B 171 8.42 -23.30 0.97
CA VAL B 171 7.78 -24.32 0.14
C VAL B 171 8.55 -25.63 0.21
N ALA B 172 9.87 -25.53 0.07
CA ALA B 172 10.77 -26.67 0.11
C ALA B 172 10.64 -27.36 1.45
N GLY B 173 10.66 -26.58 2.52
CA GLY B 173 10.50 -27.12 3.87
C GLY B 173 9.31 -28.07 3.96
N ARG B 174 8.18 -27.63 3.45
CA ARG B 174 6.94 -28.41 3.55
C ARG B 174 6.98 -29.62 2.62
N ILE B 175 7.64 -29.47 1.47
CA ILE B 175 7.74 -30.57 0.51
C ILE B 175 8.59 -31.69 1.11
N ILE B 176 9.71 -31.30 1.72
CA ILE B 176 10.63 -32.24 2.31
C ILE B 176 9.96 -33.05 3.44
N ASP B 177 9.33 -32.34 4.39
CA ASP B 177 8.70 -33.01 5.52
C ASP B 177 7.67 -34.04 5.05
N SER B 178 6.80 -33.63 4.11
CA SER B 178 5.68 -34.45 3.70
C SER B 178 6.05 -35.52 2.67
N SER B 179 7.24 -35.39 2.08
CA SER B 179 7.70 -36.23 0.96
C SER B 179 6.69 -36.24 -0.21
N SER B 180 6.21 -35.05 -0.59
CA SER B 180 5.21 -34.94 -1.66
C SER B 180 5.74 -35.49 -2.96
N ARG B 181 4.97 -36.37 -3.60
CA ARG B 181 5.34 -36.94 -4.90
C ARG B 181 5.05 -35.97 -6.05
N LEU B 182 4.23 -34.95 -5.76
CA LEU B 182 3.71 -34.06 -6.79
C LEU B 182 3.48 -32.63 -6.27
N VAL B 183 3.75 -31.64 -7.13
CA VAL B 183 3.40 -30.26 -6.85
C VAL B 183 2.45 -29.73 -7.92
N ILE B 184 1.30 -29.21 -7.48
CA ILE B 184 0.34 -28.53 -8.35
C ILE B 184 0.42 -27.01 -8.14
N THR B 185 0.65 -26.28 -9.23
CA THR B 185 0.83 -24.85 -9.11
C THR B 185 0.30 -24.08 -10.35
N ALA B 186 0.49 -22.77 -10.39
CA ALA B 186 0.10 -21.96 -11.54
C ALA B 186 1.34 -21.25 -12.03
N ASP B 187 1.35 -20.79 -13.27
CA ASP B 187 2.47 -19.98 -13.74
C ASP B 187 2.66 -18.75 -12.83
N GLU B 188 1.55 -18.04 -12.59
CA GLU B 188 1.52 -16.93 -11.65
C GLU B 188 0.15 -16.87 -10.97
N GLY B 189 0.13 -16.28 -9.78
CA GLY B 189 -1.11 -15.78 -9.20
C GLY B 189 -1.23 -14.31 -9.51
N VAL B 190 -2.43 -13.79 -9.28
CA VAL B 190 -2.74 -12.39 -9.55
C VAL B 190 -3.41 -11.87 -8.28
N ARG B 191 -2.95 -10.70 -7.82
CA ARG B 191 -3.45 -10.12 -6.59
C ARG B 191 -3.13 -8.64 -6.57
N ALA B 192 -4.16 -7.81 -6.40
CA ALA B 192 -4.00 -6.36 -6.41
C ALA B 192 -3.29 -5.89 -7.68
N GLY B 193 -3.73 -6.42 -8.81
CA GLY B 193 -3.23 -6.01 -10.11
C GLY B 193 -1.79 -6.41 -10.36
N ARG B 194 -1.30 -7.32 -9.52
CA ARG B 194 0.10 -7.75 -9.56
C ARG B 194 0.25 -9.26 -9.70
N SER B 195 1.38 -9.66 -10.27
CA SER B 195 1.82 -11.06 -10.40
C SER B 195 2.44 -11.65 -9.13
N ILE B 196 1.98 -12.83 -8.72
CA ILE B 196 2.78 -13.65 -7.79
C ILE B 196 3.51 -14.75 -8.61
N PRO B 197 4.85 -14.88 -8.47
CA PRO B 197 5.57 -15.85 -9.28
C PRO B 197 5.57 -17.26 -8.68
N LEU B 198 4.39 -17.87 -8.60
CA LEU B 198 4.23 -19.23 -8.07
C LEU B 198 5.17 -20.26 -8.70
N LYS B 199 5.15 -20.40 -10.02
CA LYS B 199 5.96 -21.47 -10.64
C LYS B 199 7.46 -21.25 -10.44
N LYS B 200 7.95 -20.02 -10.68
CA LYS B 200 9.36 -19.69 -10.43
C LYS B 200 9.76 -20.00 -8.99
N ASN B 201 8.87 -19.76 -8.03
CA ASN B 201 9.15 -20.10 -6.62
C ASN B 201 9.35 -21.60 -6.44
N VAL B 202 8.49 -22.39 -7.10
CA VAL B 202 8.57 -23.85 -7.07
C VAL B 202 9.87 -24.32 -7.71
N ASP B 203 10.22 -23.75 -8.86
CA ASP B 203 11.51 -24.00 -9.49
C ASP B 203 12.65 -23.80 -8.52
N ASP B 204 12.61 -22.69 -7.76
CA ASP B 204 13.62 -22.37 -6.77
C ASP B 204 13.62 -23.36 -5.61
N ALA B 205 12.44 -23.65 -5.07
CA ALA B 205 12.27 -24.62 -3.98
C ALA B 205 12.83 -26.01 -4.30
N LEU B 206 12.73 -26.42 -5.57
CA LEU B 206 13.15 -27.75 -5.99
C LEU B 206 14.63 -27.84 -6.35
N LYS B 207 15.32 -26.70 -6.37
CA LYS B 207 16.78 -26.66 -6.46
C LYS B 207 17.42 -27.00 -5.11
N ASN B 208 16.61 -27.02 -4.05
CA ASN B 208 17.04 -27.51 -2.73
C ASN B 208 17.45 -28.98 -2.86
N PRO B 209 18.72 -29.28 -2.54
CA PRO B 209 19.26 -30.62 -2.77
C PRO B 209 18.55 -31.68 -1.93
N ASN B 210 17.89 -31.25 -0.86
CA ASN B 210 17.17 -32.15 0.03
C ASN B 210 15.74 -32.51 -0.41
N VAL B 211 15.28 -31.90 -1.50
CA VAL B 211 14.01 -32.28 -2.11
C VAL B 211 14.26 -33.41 -3.09
N THR B 212 13.73 -34.59 -2.77
CA THR B 212 14.02 -35.81 -3.54
C THR B 212 12.76 -36.56 -3.98
N SER B 213 11.64 -36.24 -3.32
CA SER B 213 10.36 -36.93 -3.53
C SER B 213 9.58 -36.56 -4.80
N VAL B 214 9.78 -35.36 -5.32
CA VAL B 214 8.88 -34.80 -6.34
C VAL B 214 9.25 -35.28 -7.74
N GLU B 215 8.27 -35.86 -8.43
CA GLU B 215 8.49 -36.45 -9.76
C GLU B 215 7.94 -35.54 -10.87
N HIS B 216 6.84 -34.88 -10.57
CA HIS B 216 6.23 -33.98 -11.52
C HIS B 216 5.73 -32.69 -10.87
N VAL B 217 5.61 -31.67 -11.70
CA VAL B 217 4.98 -30.40 -11.34
C VAL B 217 3.87 -30.11 -12.37
N ILE B 218 2.64 -30.03 -11.88
CA ILE B 218 1.51 -29.68 -12.73
C ILE B 218 1.33 -28.16 -12.66
N VAL B 219 1.25 -27.54 -13.83
CA VAL B 219 1.20 -26.11 -13.93
C VAL B 219 -0.05 -25.64 -14.67
N LEU B 220 -0.87 -24.87 -13.98
CA LEU B 220 -1.98 -24.18 -14.58
C LEU B 220 -1.50 -22.90 -15.23
N LYS B 221 -1.98 -22.64 -16.44
CA LYS B 221 -1.67 -21.41 -17.15
C LYS B 221 -2.71 -20.37 -16.78
N ARG B 222 -2.44 -19.62 -15.71
CA ARG B 222 -3.36 -18.59 -15.26
C ARG B 222 -3.14 -17.30 -16.03
N THR B 223 -1.89 -16.84 -16.08
CA THR B 223 -1.58 -15.54 -16.69
C THR B 223 -0.98 -15.65 -18.09
N GLY B 224 -0.39 -16.80 -18.41
CA GLY B 224 0.31 -16.97 -19.68
C GLY B 224 1.67 -16.29 -19.78
N SER B 225 2.24 -15.89 -18.64
CA SER B 225 3.54 -15.22 -18.62
C SER B 225 4.70 -16.18 -18.91
N ASP B 226 5.84 -15.60 -19.30
CA ASP B 226 7.02 -16.39 -19.64
C ASP B 226 7.60 -17.04 -18.42
N ILE B 227 7.67 -18.37 -18.44
CA ILE B 227 8.23 -19.13 -17.32
C ILE B 227 9.28 -20.10 -17.83
N ASP B 228 10.15 -20.55 -16.94
CA ASP B 228 11.08 -21.59 -17.31
C ASP B 228 10.36 -22.93 -17.27
N TRP B 229 10.70 -23.82 -18.20
CA TRP B 229 10.04 -25.13 -18.27
C TRP B 229 11.10 -26.22 -18.25
N GLN B 230 10.86 -27.25 -17.44
CA GLN B 230 11.75 -28.41 -17.41
C GLN B 230 11.00 -29.63 -17.98
N GLU B 231 11.30 -29.94 -19.25
CA GLU B 231 10.65 -31.02 -19.98
C GLU B 231 10.65 -32.33 -19.20
N GLY B 232 9.51 -33.01 -19.15
CA GLY B 232 9.44 -34.29 -18.44
C GLY B 232 8.88 -34.10 -17.05
N ARG B 233 9.55 -33.25 -16.27
CA ARG B 233 9.06 -32.84 -14.95
C ARG B 233 7.78 -31.99 -15.05
N ASP B 234 7.85 -30.93 -15.83
CA ASP B 234 6.77 -29.95 -15.88
C ASP B 234 5.69 -30.36 -16.89
N LEU B 235 4.43 -30.32 -16.45
CA LEU B 235 3.26 -30.67 -17.27
C LEU B 235 2.12 -29.64 -17.18
N TRP B 236 1.65 -29.16 -18.33
CA TRP B 236 0.50 -28.27 -18.38
C TRP B 236 -0.80 -28.92 -17.89
N TRP B 237 -1.54 -28.17 -17.08
CA TRP B 237 -2.82 -28.59 -16.51
C TRP B 237 -3.81 -28.95 -17.60
N ARG B 238 -3.98 -28.04 -18.56
CA ARG B 238 -4.92 -28.23 -19.66
C ARG B 238 -4.59 -29.50 -20.45
N ASP B 239 -3.30 -29.72 -20.73
CA ASP B 239 -2.81 -30.91 -21.42
C ASP B 239 -3.27 -32.23 -20.77
N LEU B 240 -3.12 -32.32 -19.45
CA LEU B 240 -3.50 -33.54 -18.73
C LEU B 240 -5.02 -33.71 -18.57
N ILE B 241 -5.69 -32.65 -18.15
CA ILE B 241 -7.13 -32.73 -17.90
C ILE B 241 -7.91 -33.01 -19.18
N GLU B 242 -7.46 -32.43 -20.30
CA GLU B 242 -8.10 -32.68 -21.60
C GLU B 242 -7.97 -34.15 -22.03
N LYS B 243 -6.90 -34.83 -21.62
CA LYS B 243 -6.62 -36.21 -22.03
C LYS B 243 -7.28 -37.30 -21.14
N ALA B 244 -7.89 -36.89 -20.03
CA ALA B 244 -8.43 -37.84 -19.05
C ALA B 244 -9.93 -38.01 -19.21
N SER B 245 -10.46 -39.12 -18.71
CA SER B 245 -11.89 -39.39 -18.81
C SER B 245 -12.68 -38.66 -17.73
N PRO B 246 -13.85 -38.11 -18.09
CA PRO B 246 -14.76 -37.49 -17.11
C PRO B 246 -15.54 -38.52 -16.27
N GLU B 247 -15.38 -39.80 -16.59
CA GLU B 247 -16.00 -40.86 -15.81
C GLU B 247 -15.04 -41.27 -14.71
N HIS B 248 -15.45 -41.09 -13.46
CA HIS B 248 -14.72 -41.66 -12.34
C HIS B 248 -15.66 -42.10 -11.23
N GLN B 249 -15.44 -43.33 -10.77
CA GLN B 249 -16.26 -43.89 -9.72
C GLN B 249 -15.50 -43.78 -8.41
N PRO B 250 -16.12 -43.14 -7.40
CA PRO B 250 -15.44 -42.94 -6.15
C PRO B 250 -15.41 -44.23 -5.33
N GLU B 251 -14.26 -44.47 -4.70
CA GLU B 251 -14.08 -45.64 -3.87
C GLU B 251 -14.36 -45.27 -2.44
N ALA B 252 -14.74 -46.28 -1.66
CA ALA B 252 -14.87 -46.10 -0.22
C ALA B 252 -13.51 -45.82 0.44
N MET B 253 -13.50 -44.79 1.29
CA MET B 253 -12.42 -44.50 2.20
C MET B 253 -12.94 -44.73 3.62
N ASN B 254 -12.13 -45.36 4.45
CA ASN B 254 -12.42 -45.50 5.87
C ASN B 254 -12.47 -44.12 6.50
N ALA B 255 -13.33 -43.97 7.52
CA ALA B 255 -13.48 -42.70 8.25
C ALA B 255 -12.15 -42.14 8.76
N GLU B 256 -11.24 -43.03 9.15
CA GLU B 256 -9.98 -42.62 9.78
C GLU B 256 -8.82 -42.62 8.81
N ASP B 257 -9.12 -42.80 7.52
CA ASP B 257 -8.15 -42.57 6.46
C ASP B 257 -7.74 -41.09 6.49
N PRO B 258 -6.42 -40.81 6.44
CA PRO B 258 -5.98 -39.40 6.42
C PRO B 258 -6.54 -38.63 5.21
N LEU B 259 -6.94 -37.39 5.43
CA LEU B 259 -7.54 -36.56 4.38
C LEU B 259 -6.59 -35.46 3.92
N PHE B 260 -6.13 -34.63 4.85
CA PHE B 260 -5.10 -33.64 4.53
C PHE B 260 -4.15 -33.39 5.68
N ILE B 261 -3.04 -32.76 5.33
CA ILE B 261 -2.07 -32.25 6.28
C ILE B 261 -1.95 -30.75 6.05
N LEU B 262 -1.87 -29.97 7.13
CA LEU B 262 -1.66 -28.52 7.02
C LEU B 262 -0.59 -28.03 7.98
N TYR B 263 0.52 -27.54 7.44
CA TYR B 263 1.62 -27.06 8.28
C TYR B 263 1.24 -25.80 9.05
N THR B 264 1.51 -25.88 10.35
CA THR B 264 0.96 -24.93 11.28
C THR B 264 2.09 -24.53 12.21
N SER B 265 2.22 -23.21 12.45
CA SER B 265 3.19 -22.66 13.39
C SER B 265 2.86 -23.01 14.82
N GLY B 266 3.91 -23.21 15.61
CA GLY B 266 3.74 -23.44 17.03
C GLY B 266 4.72 -22.67 17.89
N SER B 267 4.70 -22.99 19.17
CA SER B 267 5.60 -22.43 20.18
C SER B 267 7.07 -22.86 19.99
N THR B 268 7.27 -24.04 19.42
CA THR B 268 8.58 -24.64 19.29
C THR B 268 8.90 -25.01 17.83
N GLY B 269 10.08 -24.59 17.37
CA GLY B 269 10.60 -24.99 16.06
C GLY B 269 9.75 -24.58 14.88
N LYS B 270 10.03 -25.20 13.73
CA LYS B 270 9.32 -24.92 12.47
C LYS B 270 7.87 -25.43 12.48
N PRO B 271 7.03 -24.95 11.55
CA PRO B 271 5.64 -25.41 11.48
C PRO B 271 5.50 -26.93 11.36
N LYS B 272 4.49 -27.48 12.04
CA LYS B 272 4.28 -28.94 12.05
C LYS B 272 3.03 -29.32 11.24
N GLY B 273 3.01 -30.53 10.70
CA GLY B 273 1.93 -30.96 9.82
C GLY B 273 0.71 -31.52 10.55
N VAL B 274 -0.26 -30.65 10.82
CA VAL B 274 -1.49 -31.02 11.50
C VAL B 274 -2.28 -31.92 10.55
N LEU B 275 -2.56 -33.16 10.98
CA LEU B 275 -3.22 -34.13 10.12
C LEU B 275 -4.66 -34.36 10.53
N HIS B 276 -5.55 -34.18 9.54
CA HIS B 276 -6.98 -34.48 9.66
C HIS B 276 -7.35 -35.72 8.85
N THR B 277 -8.20 -36.56 9.43
CA THR B 277 -8.71 -37.73 8.70
C THR B 277 -10.07 -37.36 8.06
N THR B 278 -10.87 -38.36 7.68
CA THR B 278 -11.96 -38.11 6.73
C THR B 278 -13.36 -37.90 7.31
N GLY B 279 -13.90 -38.89 8.03
CA GLY B 279 -15.31 -38.91 8.46
C GLY B 279 -15.73 -37.86 9.48
N GLY B 280 -15.10 -37.90 10.66
CA GLY B 280 -15.41 -36.96 11.73
C GLY B 280 -15.12 -35.53 11.32
N TYR B 281 -14.05 -35.35 10.55
CA TYR B 281 -13.71 -34.04 10.04
C TYR B 281 -14.83 -33.46 9.16
N LEU B 282 -15.35 -34.26 8.23
CA LEU B 282 -16.37 -33.78 7.30
C LEU B 282 -17.74 -33.62 7.97
N VAL B 283 -18.09 -34.56 8.85
CA VAL B 283 -19.28 -34.40 9.69
C VAL B 283 -19.21 -33.09 10.45
N TYR B 284 -18.04 -32.82 11.04
CA TYR B 284 -17.88 -31.62 11.85
C TYR B 284 -17.91 -30.32 11.02
N ALA B 285 -17.23 -30.33 9.88
CA ALA B 285 -17.21 -29.18 8.98
C ALA B 285 -18.62 -28.90 8.45
N ALA B 286 -19.30 -29.95 8.01
CA ALA B 286 -20.69 -29.86 7.47
C ALA B 286 -21.69 -29.36 8.51
N THR B 287 -21.56 -29.84 9.75
CA THR B 287 -22.49 -29.54 10.83
C THR B 287 -22.34 -28.10 11.30
N THR B 288 -21.10 -27.72 11.59
CA THR B 288 -20.80 -26.37 12.05
C THR B 288 -21.18 -25.34 11.00
N PHE B 289 -20.81 -25.60 9.73
CA PHE B 289 -21.21 -24.70 8.61
C PHE B 289 -22.73 -24.46 8.61
N LYS B 290 -23.49 -25.55 8.52
CA LYS B 290 -24.95 -25.51 8.43
C LYS B 290 -25.57 -24.67 9.55
N TYR B 291 -25.30 -25.03 10.80
CA TYR B 291 -26.00 -24.42 11.93
C TYR B 291 -25.53 -23.02 12.28
N VAL B 292 -24.22 -22.78 12.19
CA VAL B 292 -23.67 -21.50 12.71
C VAL B 292 -23.94 -20.35 11.74
N PHE B 293 -23.96 -20.67 10.44
CA PHE B 293 -24.28 -19.68 9.42
C PHE B 293 -25.76 -19.78 9.08
N ASP B 294 -26.46 -20.67 9.80
CA ASP B 294 -27.90 -20.87 9.64
C ASP B 294 -28.22 -21.04 8.16
N TYR B 295 -27.51 -21.98 7.55
CA TYR B 295 -27.58 -22.15 6.12
C TYR B 295 -28.94 -22.70 5.66
N HIS B 296 -29.48 -22.07 4.62
CA HIS B 296 -30.70 -22.52 3.96
C HIS B 296 -30.44 -22.62 2.46
N PRO B 297 -31.00 -23.65 1.81
CA PRO B 297 -30.93 -23.78 0.33
C PRO B 297 -31.09 -22.45 -0.44
N GLY B 298 -30.11 -22.16 -1.27
CA GLY B 298 -30.13 -20.95 -2.07
C GLY B 298 -29.42 -19.79 -1.41
N ASP B 299 -28.89 -20.00 -0.20
CA ASP B 299 -28.02 -18.97 0.36
C ASP B 299 -26.71 -18.97 -0.41
N ILE B 300 -26.33 -17.79 -0.85
CA ILE B 300 -25.01 -17.53 -1.44
C ILE B 300 -24.07 -17.18 -0.29
N TYR B 301 -22.97 -17.93 -0.19
CA TYR B 301 -22.10 -17.85 0.95
C TYR B 301 -20.70 -17.45 0.50
N TRP B 302 -20.10 -16.52 1.23
CA TRP B 302 -18.72 -16.03 0.93
C TRP B 302 -17.77 -16.01 2.14
N CYS B 303 -16.83 -16.92 2.14
CA CYS B 303 -15.72 -16.92 3.08
C CYS B 303 -14.51 -16.30 2.38
N THR B 304 -13.93 -15.26 2.98
CA THR B 304 -12.80 -14.51 2.38
C THR B 304 -11.44 -15.17 2.58
N ALA B 305 -11.40 -16.17 3.45
CA ALA B 305 -10.15 -16.83 3.80
C ALA B 305 -9.50 -17.54 2.62
N ASP B 306 -8.19 -17.38 2.51
CA ASP B 306 -7.40 -18.09 1.52
C ASP B 306 -7.52 -19.63 1.68
N VAL B 307 -7.57 -20.30 0.54
CA VAL B 307 -7.55 -21.77 0.47
C VAL B 307 -6.29 -22.42 1.14
N GLY B 308 -5.21 -21.63 1.28
CA GLY B 308 -4.01 -22.09 1.93
C GLY B 308 -4.10 -22.31 3.43
N TRP B 309 -5.21 -21.90 4.05
CA TRP B 309 -5.36 -21.96 5.51
C TRP B 309 -6.56 -22.82 5.87
N VAL B 310 -6.65 -23.18 7.16
CA VAL B 310 -7.68 -24.12 7.62
C VAL B 310 -9.09 -23.59 7.39
N THR B 311 -9.24 -22.27 7.51
CA THR B 311 -10.54 -21.63 7.26
C THR B 311 -11.00 -21.88 5.83
N GLY B 312 -10.06 -21.81 4.90
CA GLY B 312 -10.34 -22.07 3.49
C GLY B 312 -10.58 -23.55 3.20
N HIS B 313 -10.02 -24.44 4.03
CA HIS B 313 -10.30 -25.86 3.90
C HIS B 313 -11.72 -26.17 4.35
N SER B 314 -12.02 -25.82 5.60
CA SER B 314 -13.28 -26.19 6.22
C SER B 314 -14.48 -25.40 5.74
N TYR B 315 -14.27 -24.11 5.45
CA TYR B 315 -15.39 -23.19 5.28
C TYR B 315 -15.44 -22.42 3.98
N LEU B 316 -14.40 -22.45 3.16
CA LEU B 316 -14.54 -22.00 1.78
C LEU B 316 -15.05 -23.17 0.99
N LEU B 317 -14.46 -24.34 1.26
CA LEU B 317 -14.63 -25.54 0.47
C LEU B 317 -15.52 -26.62 1.06
N TYR B 318 -15.03 -27.33 2.06
CA TYR B 318 -15.58 -28.62 2.46
C TYR B 318 -16.94 -28.62 3.14
N GLY B 319 -17.11 -27.79 4.17
CA GLY B 319 -18.39 -27.61 4.82
C GLY B 319 -19.48 -27.14 3.87
N PRO B 320 -19.27 -25.98 3.20
CA PRO B 320 -20.29 -25.50 2.26
C PRO B 320 -20.69 -26.50 1.16
N LEU B 321 -19.71 -27.07 0.48
CA LEU B 321 -19.96 -28.05 -0.59
C LEU B 321 -20.63 -29.33 -0.08
N ALA B 322 -20.22 -29.81 1.09
CA ALA B 322 -20.91 -30.95 1.70
C ALA B 322 -22.43 -30.66 1.83
N CYS B 323 -22.77 -29.41 2.13
CA CYS B 323 -24.16 -29.01 2.36
C CYS B 323 -24.89 -28.60 1.08
N GLY B 324 -24.16 -28.55 -0.03
CA GLY B 324 -24.78 -28.26 -1.32
C GLY B 324 -24.92 -26.79 -1.60
N ALA B 325 -24.13 -25.99 -0.88
CA ALA B 325 -24.19 -24.52 -0.98
C ALA B 325 -23.45 -23.94 -2.19
N THR B 326 -23.86 -22.75 -2.59
CA THR B 326 -23.04 -21.93 -3.45
C THR B 326 -22.05 -21.18 -2.60
N THR B 327 -20.76 -21.45 -2.86
CA THR B 327 -19.67 -20.81 -2.16
C THR B 327 -18.87 -19.92 -3.10
N LEU B 328 -18.39 -18.78 -2.58
CA LEU B 328 -17.75 -17.77 -3.42
C LEU B 328 -16.26 -17.83 -3.19
N MET B 329 -15.52 -18.02 -4.27
CA MET B 329 -14.07 -17.91 -4.19
C MET B 329 -13.57 -16.62 -4.83
N PHE B 330 -13.03 -15.74 -3.99
CA PHE B 330 -12.49 -14.47 -4.44
C PHE B 330 -10.98 -14.54 -4.64
N GLU B 331 -10.54 -14.17 -5.83
CA GLU B 331 -9.12 -14.18 -6.20
C GLU B 331 -8.28 -13.07 -5.55
N GLY B 332 -8.87 -11.90 -5.32
CA GLY B 332 -8.08 -10.72 -4.95
C GLY B 332 -8.05 -10.38 -3.47
N VAL B 333 -8.20 -9.10 -3.15
CA VAL B 333 -8.08 -8.64 -1.79
C VAL B 333 -9.18 -7.59 -1.53
N PRO B 334 -9.87 -7.69 -0.37
CA PRO B 334 -11.17 -7.04 -0.11
C PRO B 334 -11.21 -5.53 -0.22
N ASN B 335 -10.04 -4.90 -0.35
CA ASN B 335 -9.96 -3.47 -0.48
C ASN B 335 -9.19 -3.03 -1.71
N TRP B 336 -9.08 -3.92 -2.71
CA TRP B 336 -8.46 -3.54 -3.96
C TRP B 336 -9.40 -3.78 -5.13
N PRO B 337 -9.53 -2.77 -6.01
CA PRO B 337 -8.81 -1.48 -6.08
C PRO B 337 -9.31 -0.37 -5.14
N THR B 338 -10.46 -0.53 -4.51
CA THR B 338 -10.93 0.47 -3.54
C THR B 338 -11.42 -0.22 -2.27
N PRO B 339 -11.50 0.52 -1.15
CA PRO B 339 -12.08 -0.04 0.09
C PRO B 339 -13.48 -0.66 -0.09
N ALA B 340 -14.26 -0.18 -1.06
CA ALA B 340 -15.61 -0.71 -1.30
C ALA B 340 -15.62 -2.05 -1.98
N ARG B 341 -14.45 -2.60 -2.32
CA ARG B 341 -14.43 -3.82 -3.12
C ARG B 341 -15.22 -4.97 -2.49
N MET B 342 -14.96 -5.27 -1.22
CA MET B 342 -15.62 -6.40 -0.57
C MET B 342 -17.13 -6.30 -0.68
N CYS B 343 -17.65 -5.10 -0.44
CA CYS B 343 -19.08 -4.83 -0.51
C CYS B 343 -19.60 -4.79 -1.95
N GLN B 344 -18.74 -4.43 -2.89
CA GLN B 344 -19.05 -4.50 -4.31
C GLN B 344 -19.23 -5.96 -4.74
N VAL B 345 -18.47 -6.86 -4.13
CA VAL B 345 -18.56 -8.30 -4.41
C VAL B 345 -19.87 -8.86 -3.85
N VAL B 346 -20.24 -8.39 -2.65
CA VAL B 346 -21.51 -8.75 -2.02
C VAL B 346 -22.69 -8.36 -2.89
N ASP B 347 -22.68 -7.12 -3.38
CA ASP B 347 -23.69 -6.64 -4.31
C ASP B 347 -23.74 -7.44 -5.62
N LYS B 348 -22.58 -7.59 -6.25
CA LYS B 348 -22.49 -8.22 -7.56
C LYS B 348 -23.02 -9.65 -7.51
N HIS B 349 -22.67 -10.41 -6.46
CA HIS B 349 -23.06 -11.81 -6.41
C HIS B 349 -24.21 -12.12 -5.44
N GLN B 350 -24.82 -11.06 -4.91
CA GLN B 350 -25.91 -11.14 -3.96
C GLN B 350 -25.60 -12.11 -2.81
N VAL B 351 -24.41 -11.95 -2.22
CA VAL B 351 -24.02 -12.73 -1.04
C VAL B 351 -24.99 -12.52 0.13
N ASN B 352 -25.38 -13.63 0.75
CA ASN B 352 -26.32 -13.61 1.89
C ASN B 352 -25.60 -13.83 3.23
N ILE B 353 -24.40 -14.40 3.16
CA ILE B 353 -23.62 -14.78 4.33
C ILE B 353 -22.19 -14.37 4.07
N LEU B 354 -21.63 -13.54 4.96
CA LEU B 354 -20.24 -13.11 4.82
C LEU B 354 -19.40 -13.49 6.02
N TYR B 355 -18.25 -14.11 5.76
CA TYR B 355 -17.36 -14.60 6.81
C TYR B 355 -15.95 -14.08 6.51
N THR B 356 -15.47 -13.19 7.36
CA THR B 356 -14.18 -12.60 7.13
C THR B 356 -13.36 -12.48 8.42
N ALA B 357 -12.34 -11.63 8.40
CA ALA B 357 -11.35 -11.52 9.47
C ALA B 357 -11.33 -10.12 10.02
N PRO B 358 -11.10 -9.98 11.33
CA PRO B 358 -10.93 -8.67 11.97
C PRO B 358 -9.82 -7.78 11.33
N THR B 359 -8.71 -8.35 10.86
CA THR B 359 -7.70 -7.51 10.18
C THR B 359 -8.29 -6.85 8.93
N ALA B 360 -9.05 -7.61 8.13
CA ALA B 360 -9.79 -7.04 7.00
C ALA B 360 -10.80 -5.99 7.44
N ILE B 361 -11.55 -6.29 8.49
CA ILE B 361 -12.55 -5.38 9.03
C ILE B 361 -11.89 -4.07 9.49
N ARG B 362 -10.82 -4.17 10.27
CA ARG B 362 -10.09 -2.98 10.74
C ARG B 362 -9.52 -2.17 9.56
N ALA B 363 -9.01 -2.86 8.54
CA ALA B 363 -8.52 -2.17 7.34
C ALA B 363 -9.63 -1.37 6.64
N LEU B 364 -10.82 -1.94 6.58
CA LEU B 364 -11.96 -1.24 5.98
C LEU B 364 -12.44 -0.08 6.85
N MET B 365 -12.51 -0.30 8.15
CA MET B 365 -12.98 0.66 9.14
C MET B 365 -12.13 1.93 9.13
N ALA B 366 -10.82 1.77 8.94
CA ALA B 366 -9.91 2.91 8.90
C ALA B 366 -10.30 3.89 7.79
N GLU B 367 -10.91 3.35 6.73
CA GLU B 367 -11.40 4.10 5.56
C GLU B 367 -12.85 4.62 5.70
N GLY B 368 -13.48 4.32 6.83
CA GLY B 368 -14.84 4.76 7.09
C GLY B 368 -15.79 4.35 5.99
N ASP B 369 -16.62 5.32 5.59
CA ASP B 369 -17.71 5.08 4.66
C ASP B 369 -17.25 4.86 3.22
N LYS B 370 -15.98 5.07 2.96
CA LYS B 370 -15.39 4.64 1.68
C LYS B 370 -15.47 3.11 1.50
N ALA B 371 -15.61 2.39 2.62
CA ALA B 371 -15.82 0.96 2.61
C ALA B 371 -17.20 0.54 2.06
N ILE B 372 -18.18 1.47 2.09
CA ILE B 372 -19.56 1.16 1.69
C ILE B 372 -20.17 2.08 0.61
N GLU B 373 -19.49 3.18 0.33
CA GLU B 373 -19.93 4.17 -0.66
C GLU B 373 -20.32 3.51 -1.96
N GLY B 374 -21.53 3.82 -2.44
CA GLY B 374 -22.03 3.27 -3.69
C GLY B 374 -22.34 1.78 -3.64
N THR B 375 -22.40 1.19 -2.44
CA THR B 375 -22.82 -0.20 -2.35
C THR B 375 -24.12 -0.29 -1.61
N ASP B 376 -24.78 -1.41 -1.80
CA ASP B 376 -26.11 -1.60 -1.24
C ASP B 376 -26.13 -2.53 0.01
N ARG B 377 -25.52 -3.73 -0.12
CA ARG B 377 -25.34 -4.65 1.01
C ARG B 377 -26.62 -5.32 1.55
N SER B 378 -27.77 -5.05 0.92
CA SER B 378 -29.07 -5.56 1.38
C SER B 378 -29.25 -7.06 1.30
N SER B 379 -28.40 -7.75 0.55
CA SER B 379 -28.55 -9.22 0.45
C SER B 379 -28.09 -9.98 1.71
N LEU B 380 -27.24 -9.34 2.51
CA LEU B 380 -26.68 -10.02 3.69
C LEU B 380 -27.73 -10.27 4.75
N ARG B 381 -27.70 -11.50 5.29
CA ARG B 381 -28.51 -11.93 6.43
C ARG B 381 -27.63 -12.31 7.62
N ILE B 382 -26.44 -12.85 7.34
CA ILE B 382 -25.51 -13.37 8.35
C ILE B 382 -24.05 -12.92 8.09
N LEU B 383 -23.42 -12.41 9.17
CA LEU B 383 -22.02 -12.04 9.18
C LEU B 383 -21.22 -12.98 10.09
N GLY B 384 -19.97 -13.20 9.71
CA GLY B 384 -19.06 -14.01 10.51
C GLY B 384 -17.73 -13.31 10.70
N SER B 385 -17.02 -13.72 11.74
CA SER B 385 -15.68 -13.25 12.03
C SER B 385 -14.83 -14.41 12.56
N VAL B 386 -13.61 -14.53 12.09
CA VAL B 386 -12.74 -15.62 12.46
C VAL B 386 -11.29 -15.16 12.50
N GLY B 387 -10.50 -15.78 13.38
CA GLY B 387 -9.06 -15.73 13.25
C GLY B 387 -8.28 -14.96 14.29
N GLU B 388 -8.93 -14.04 14.98
CA GLU B 388 -8.26 -13.16 15.93
C GLU B 388 -9.30 -12.53 16.86
N PRO B 389 -8.83 -11.97 18.00
CA PRO B 389 -9.76 -11.22 18.82
C PRO B 389 -10.34 -10.09 17.97
N ILE B 390 -11.58 -9.71 18.28
CA ILE B 390 -12.18 -8.54 17.66
C ILE B 390 -12.65 -7.59 18.76
N ASN B 391 -12.20 -6.34 18.71
CA ASN B 391 -12.57 -5.41 19.74
C ASN B 391 -14.02 -4.99 19.50
N PRO B 392 -14.71 -4.54 20.57
CA PRO B 392 -16.12 -4.15 20.47
C PRO B 392 -16.41 -3.09 19.42
N GLU B 393 -15.55 -2.08 19.31
CA GLU B 393 -15.70 -0.98 18.35
C GLU B 393 -15.64 -1.49 16.92
N ALA B 394 -14.72 -2.41 16.67
CA ALA B 394 -14.63 -3.05 15.36
C ALA B 394 -15.87 -3.90 15.08
N TRP B 395 -16.29 -4.67 16.07
CA TRP B 395 -17.47 -5.53 15.95
C TRP B 395 -18.72 -4.67 15.64
N GLU B 396 -18.88 -3.58 16.38
CA GLU B 396 -20.00 -2.68 16.19
C GLU B 396 -20.02 -2.05 14.80
N TRP B 397 -18.85 -1.63 14.31
CA TRP B 397 -18.73 -1.05 12.97
C TRP B 397 -19.08 -2.08 11.89
N TYR B 398 -18.54 -3.28 11.99
CA TYR B 398 -18.92 -4.38 11.10
C TYR B 398 -20.45 -4.60 11.11
N TRP B 399 -21.01 -4.71 12.31
CA TRP B 399 -22.43 -4.98 12.50
C TRP B 399 -23.30 -3.87 11.91
N LYS B 400 -22.87 -2.62 12.06
CA LYS B 400 -23.62 -1.49 11.55
C LYS B 400 -23.38 -1.19 10.04
N LYS B 401 -22.10 -1.16 9.64
CA LYS B 401 -21.73 -0.65 8.32
C LYS B 401 -21.89 -1.73 7.25
N ILE B 402 -21.45 -2.92 7.57
CA ILE B 402 -21.56 -4.00 6.62
C ILE B 402 -22.91 -4.68 6.75
N GLY B 403 -23.33 -4.93 7.99
CA GLY B 403 -24.55 -5.66 8.25
C GLY B 403 -25.81 -4.82 8.30
N LYS B 404 -25.65 -3.50 8.25
CA LYS B 404 -26.79 -2.56 8.34
C LYS B 404 -27.65 -2.82 9.58
N GLU B 405 -27.00 -3.30 10.65
CA GLU B 405 -27.65 -3.50 11.93
C GLU B 405 -28.73 -4.56 11.84
N LYS B 406 -28.66 -5.39 10.80
CA LYS B 406 -29.71 -6.37 10.56
C LYS B 406 -29.16 -7.78 10.71
N CYS B 407 -27.84 -7.90 10.83
CA CYS B 407 -27.19 -9.20 10.67
C CYS B 407 -26.46 -9.67 11.89
N PRO B 408 -26.87 -10.82 12.45
CA PRO B 408 -26.07 -11.47 13.50
C PRO B 408 -24.61 -11.61 13.06
N VAL B 409 -23.69 -11.38 13.99
CA VAL B 409 -22.28 -11.64 13.74
C VAL B 409 -21.86 -12.88 14.49
N VAL B 410 -21.42 -13.90 13.76
CA VAL B 410 -20.86 -15.08 14.43
C VAL B 410 -19.32 -15.03 14.51
N ASP B 411 -18.84 -14.69 15.70
CA ASP B 411 -17.44 -14.72 16.07
C ASP B 411 -17.01 -16.16 16.40
N THR B 412 -16.36 -16.82 15.45
CA THR B 412 -16.07 -18.26 15.59
C THR B 412 -14.66 -18.45 16.06
N TRP B 413 -14.52 -18.96 17.29
CA TRP B 413 -13.23 -19.36 17.80
C TRP B 413 -12.98 -20.84 17.52
N TRP B 414 -11.80 -21.12 16.96
CA TRP B 414 -11.31 -22.46 16.71
C TRP B 414 -9.86 -22.38 16.18
N GLN B 415 -9.28 -23.55 15.82
CA GLN B 415 -7.87 -23.62 15.41
C GLN B 415 -7.71 -24.71 14.37
N THR B 416 -6.53 -24.72 13.73
CA THR B 416 -6.21 -25.72 12.71
C THR B 416 -6.43 -27.08 13.33
N GLU B 417 -6.04 -27.22 14.60
CA GLU B 417 -6.07 -28.53 15.27
C GLU B 417 -7.49 -29.00 15.65
N THR B 418 -8.49 -28.14 15.48
CA THR B 418 -9.85 -28.48 15.86
C THR B 418 -10.76 -28.74 14.65
N GLY B 419 -10.23 -28.51 13.44
CA GLY B 419 -10.94 -28.80 12.21
C GLY B 419 -12.16 -27.93 11.93
N GLY B 420 -12.90 -27.54 12.99
CA GLY B 420 -14.09 -26.71 12.87
C GLY B 420 -14.39 -25.88 14.10
N PHE B 421 -15.40 -25.02 13.97
CA PHE B 421 -15.86 -24.12 15.05
C PHE B 421 -15.97 -24.81 16.40
N MET B 422 -15.58 -24.08 17.44
CA MET B 422 -15.49 -24.62 18.77
C MET B 422 -16.31 -23.80 19.74
N ILE B 423 -16.05 -22.49 19.76
CA ILE B 423 -16.84 -21.58 20.57
C ILE B 423 -17.32 -20.53 19.61
N THR B 424 -18.64 -20.38 19.58
CA THR B 424 -19.28 -19.60 18.54
C THR B 424 -20.74 -19.30 18.92
N PRO B 425 -21.27 -18.15 18.49
CA PRO B 425 -22.73 -17.99 18.61
C PRO B 425 -23.40 -18.82 17.53
N LEU B 426 -24.68 -19.09 17.73
CA LEU B 426 -25.55 -19.59 16.67
C LEU B 426 -26.56 -18.46 16.48
N PRO B 427 -26.86 -18.11 15.22
CA PRO B 427 -27.59 -16.87 14.94
C PRO B 427 -28.98 -16.79 15.55
N GLY B 428 -29.70 -17.92 15.58
CA GLY B 428 -31.07 -17.92 16.10
C GLY B 428 -31.23 -18.44 17.51
N ALA B 429 -30.11 -18.70 18.20
CA ALA B 429 -30.12 -19.30 19.53
C ALA B 429 -29.43 -18.47 20.60
N ILE B 430 -28.40 -17.71 20.20
CA ILE B 430 -27.53 -17.05 21.17
C ILE B 430 -27.50 -15.53 20.98
N GLU B 431 -27.90 -14.81 22.03
CA GLU B 431 -27.77 -13.35 22.09
C GLU B 431 -26.30 -12.94 22.09
N LEU B 432 -26.01 -11.86 21.40
CA LEU B 432 -24.63 -11.52 21.04
C LEU B 432 -24.04 -10.45 21.91
N LYS B 433 -22.76 -10.59 22.23
CA LYS B 433 -22.01 -9.52 22.89
C LYS B 433 -20.81 -9.16 22.00
N ALA B 434 -20.58 -7.87 21.80
CA ALA B 434 -19.54 -7.43 20.87
C ALA B 434 -18.13 -7.80 21.40
N GLY B 435 -17.46 -8.76 20.74
CA GLY B 435 -16.15 -9.23 21.16
C GLY B 435 -16.10 -10.64 21.75
N SER B 436 -17.27 -11.20 22.06
CA SER B 436 -17.41 -12.55 22.64
C SER B 436 -17.73 -13.63 21.60
N ALA B 437 -16.93 -14.70 21.60
CA ALA B 437 -17.23 -15.89 20.81
C ALA B 437 -18.48 -16.58 21.35
N THR B 438 -18.84 -16.22 22.60
CA THR B 438 -20.01 -16.71 23.31
C THR B 438 -19.82 -18.13 23.89
N ARG B 439 -20.54 -19.11 23.35
CA ARG B 439 -20.74 -20.42 23.97
C ARG B 439 -20.17 -21.58 23.12
N PRO B 440 -19.81 -22.70 23.78
CA PRO B 440 -19.23 -23.85 23.03
C PRO B 440 -20.19 -24.44 22.02
N PHE B 441 -19.67 -24.94 20.90
CA PHE B 441 -20.50 -25.69 19.99
C PHE B 441 -20.87 -27.09 20.56
N PHE B 442 -21.84 -27.75 19.93
CA PHE B 442 -22.20 -29.11 20.24
C PHE B 442 -21.00 -30.02 20.22
N GLY B 443 -20.80 -30.71 21.34
CA GLY B 443 -19.73 -31.68 21.45
C GLY B 443 -18.49 -31.11 22.10
N VAL B 444 -18.50 -29.78 22.31
CA VAL B 444 -17.29 -29.06 22.76
C VAL B 444 -17.34 -28.77 24.26
N GLN B 445 -16.32 -29.26 24.97
CA GLN B 445 -16.27 -29.13 26.43
C GLN B 445 -15.12 -28.27 26.93
N PRO B 446 -15.31 -26.94 26.91
CA PRO B 446 -14.18 -26.09 27.29
C PRO B 446 -14.05 -26.00 28.79
N ALA B 447 -12.85 -25.68 29.25
CA ALA B 447 -12.61 -25.30 30.63
C ALA B 447 -11.48 -24.26 30.69
N LEU B 448 -11.40 -23.55 31.83
CA LEU B 448 -10.31 -22.59 32.10
C LEU B 448 -9.47 -23.04 33.29
N VAL B 449 -8.18 -23.27 33.05
CA VAL B 449 -7.29 -23.77 34.09
C VAL B 449 -6.21 -22.74 34.42
N ASP B 450 -5.74 -22.73 35.67
CA ASP B 450 -4.60 -21.86 35.98
C ASP B 450 -3.31 -22.54 35.50
N ASN B 451 -2.18 -21.89 35.74
CA ASN B 451 -0.89 -22.42 35.27
C ASN B 451 -0.49 -23.77 35.87
N GLU B 452 -1.23 -24.20 36.91
CA GLU B 452 -1.04 -25.53 37.51
C GLU B 452 -2.11 -26.53 37.08
N GLY B 453 -2.95 -26.10 36.14
CA GLY B 453 -3.98 -26.98 35.61
C GLY B 453 -5.20 -27.12 36.50
N HIS B 454 -5.35 -26.24 37.48
CA HIS B 454 -6.56 -26.21 38.31
C HIS B 454 -7.67 -25.53 37.53
N PRO B 455 -8.77 -26.27 37.25
CA PRO B 455 -9.93 -25.64 36.63
C PRO B 455 -10.52 -24.51 37.48
N GLN B 456 -10.78 -23.38 36.82
CA GLN B 456 -11.34 -22.19 37.45
C GLN B 456 -12.84 -22.17 37.19
N GLU B 457 -13.62 -22.02 38.25
CA GLU B 457 -15.07 -22.06 38.16
C GLU B 457 -15.71 -20.66 38.14
N GLY B 458 -16.85 -20.54 37.48
CA GLY B 458 -17.60 -19.28 37.41
C GLY B 458 -16.92 -18.21 36.57
N ALA B 459 -17.22 -16.95 36.87
CA ALA B 459 -16.59 -15.82 36.19
C ALA B 459 -15.13 -15.72 36.58
N THR B 460 -14.26 -15.98 35.60
CA THR B 460 -12.84 -16.17 35.84
C THR B 460 -12.07 -16.02 34.53
N GLU B 461 -10.74 -16.10 34.61
CA GLU B 461 -9.92 -16.27 33.42
C GLU B 461 -8.82 -17.30 33.63
N GLY B 462 -8.33 -17.86 32.53
CA GLY B 462 -7.25 -18.82 32.56
C GLY B 462 -6.91 -19.39 31.20
N ASN B 463 -6.12 -20.46 31.23
CA ASN B 463 -5.70 -21.20 30.07
C ASN B 463 -6.87 -21.99 29.54
N LEU B 464 -7.11 -21.88 28.23
CA LEU B 464 -8.24 -22.51 27.61
C LEU B 464 -7.91 -23.92 27.11
N VAL B 465 -8.53 -24.89 27.76
CA VAL B 465 -8.39 -26.30 27.41
C VAL B 465 -9.76 -26.86 26.98
N ILE B 466 -9.73 -27.96 26.24
CA ILE B 466 -10.95 -28.70 25.92
C ILE B 466 -10.79 -30.07 26.60
N THR B 467 -11.80 -30.47 27.38
CA THR B 467 -11.64 -31.63 28.30
C THR B 467 -11.96 -33.01 27.71
N ASP B 468 -12.57 -33.01 26.53
CA ASP B 468 -12.95 -34.22 25.83
C ASP B 468 -12.89 -33.97 24.31
N SER B 469 -12.97 -35.03 23.51
CA SER B 469 -12.84 -34.93 22.06
C SER B 469 -14.14 -34.51 21.37
N TRP B 470 -14.01 -34.16 20.09
CA TRP B 470 -15.12 -33.73 19.24
C TRP B 470 -14.75 -34.27 17.87
N PRO B 471 -15.75 -34.55 17.01
CA PRO B 471 -15.52 -35.25 15.75
C PRO B 471 -14.44 -34.68 14.82
N GLY B 472 -14.25 -33.37 14.81
CA GLY B 472 -13.38 -32.74 13.82
C GLY B 472 -11.95 -32.57 14.27
N GLN B 473 -11.64 -33.05 15.48
CA GLN B 473 -10.32 -32.88 16.09
C GLN B 473 -9.23 -33.48 15.20
N ALA B 474 -8.11 -32.74 15.09
CA ALA B 474 -6.93 -33.25 14.37
C ALA B 474 -6.48 -34.51 15.08
N ARG B 475 -6.07 -35.52 14.32
CA ARG B 475 -5.78 -36.82 14.90
C ARG B 475 -4.34 -36.96 15.35
N THR B 476 -3.44 -36.18 14.73
CA THR B 476 -2.01 -36.37 14.92
C THR B 476 -1.20 -35.28 14.23
N LEU B 477 0.10 -35.29 14.46
CA LEU B 477 1.05 -34.53 13.66
C LEU B 477 1.74 -35.48 12.70
N PHE B 478 1.75 -35.12 11.42
CA PHE B 478 2.23 -36.01 10.37
C PHE B 478 3.53 -36.70 10.72
N GLY B 479 3.44 -38.03 10.84
CA GLY B 479 4.59 -38.89 11.09
C GLY B 479 5.30 -38.62 12.40
N ASP B 480 4.55 -38.21 13.43
CA ASP B 480 5.13 -37.92 14.72
C ASP B 480 4.05 -37.76 15.79
N HIS B 481 3.41 -38.88 16.14
CA HIS B 481 2.34 -38.84 17.12
C HIS B 481 2.81 -38.39 18.51
N GLU B 482 4.08 -38.64 18.83
CA GLU B 482 4.63 -38.29 20.15
C GLU B 482 4.78 -36.79 20.33
N ARG B 483 5.26 -36.11 19.29
CA ARG B 483 5.30 -34.65 19.26
C ARG B 483 3.90 -34.12 19.46
N PHE B 484 2.95 -34.73 18.76
CA PHE B 484 1.53 -34.39 18.85
C PHE B 484 1.03 -34.47 20.31
N GLU B 485 1.20 -35.63 20.96
CA GLU B 485 0.88 -35.79 22.39
C GLU B 485 1.59 -34.77 23.29
N GLN B 486 2.86 -34.48 22.96
CA GLN B 486 3.67 -33.57 23.76
C GLN B 486 3.21 -32.12 23.60
N THR B 487 2.93 -31.73 22.36
CA THR B 487 2.54 -30.36 22.03
C THR B 487 1.20 -29.96 22.66
N TYR B 488 0.21 -30.84 22.67
CA TYR B 488 -1.14 -30.43 23.09
C TYR B 488 -1.71 -31.10 24.35
N PHE B 489 -1.19 -32.26 24.71
CA PHE B 489 -1.77 -33.06 25.79
C PHE B 489 -0.83 -33.38 26.94
N SER B 490 0.25 -32.61 27.07
CA SER B 490 1.20 -32.88 28.14
C SER B 490 1.26 -31.78 29.19
N THR B 491 0.94 -30.55 28.77
CA THR B 491 0.93 -29.38 29.67
C THR B 491 -0.14 -29.49 30.74
N PHE B 492 -1.37 -29.83 30.35
CA PHE B 492 -2.44 -30.06 31.31
C PHE B 492 -2.98 -31.44 31.03
N LYS B 493 -2.61 -32.39 31.89
CA LYS B 493 -2.84 -33.82 31.71
C LYS B 493 -4.30 -34.21 31.44
N ASN B 494 -4.51 -35.08 30.45
CA ASN B 494 -5.83 -35.54 30.02
C ASN B 494 -6.68 -34.46 29.35
N MET B 495 -6.04 -33.36 28.94
CA MET B 495 -6.77 -32.23 28.40
C MET B 495 -6.14 -31.69 27.13
N TYR B 496 -7.00 -31.29 26.18
CA TYR B 496 -6.48 -30.65 24.98
C TYR B 496 -6.21 -29.18 25.29
N PHE B 497 -4.96 -28.75 25.17
CA PHE B 497 -4.58 -27.36 25.42
C PHE B 497 -4.45 -26.54 24.13
N SER B 498 -5.19 -25.44 24.05
CA SER B 498 -5.33 -24.68 22.81
C SER B 498 -4.15 -23.77 22.55
N GLY B 499 -3.47 -23.37 23.61
CA GLY B 499 -2.41 -22.41 23.50
C GLY B 499 -2.95 -21.03 23.72
N ASP B 500 -4.27 -20.92 23.88
CA ASP B 500 -4.95 -19.63 24.13
C ASP B 500 -5.33 -19.40 25.60
N GLY B 501 -5.47 -18.12 25.95
CA GLY B 501 -6.12 -17.69 27.19
C GLY B 501 -7.49 -17.11 26.91
N ALA B 502 -8.37 -17.14 27.91
CA ALA B 502 -9.72 -16.61 27.76
C ALA B 502 -10.30 -16.22 29.11
N ARG B 503 -11.32 -15.38 29.08
CA ARG B 503 -12.12 -15.20 30.27
C ARG B 503 -13.55 -15.65 30.04
N ARG B 504 -14.19 -16.14 31.11
CA ARG B 504 -15.60 -16.53 31.07
C ARG B 504 -16.35 -15.55 31.95
N ASP B 505 -17.47 -15.02 31.44
CA ASP B 505 -18.28 -14.10 32.24
C ASP B 505 -19.39 -14.78 33.04
N GLU B 506 -20.20 -13.98 33.72
CA GLU B 506 -21.28 -14.51 34.57
C GLU B 506 -22.35 -15.32 33.82
N ASP B 507 -22.54 -15.03 32.53
CA ASP B 507 -23.51 -15.75 31.68
C ASP B 507 -22.88 -16.95 31.00
N GLY B 508 -21.60 -17.19 31.30
CA GLY B 508 -20.90 -18.34 30.75
C GLY B 508 -20.36 -18.07 29.36
N TYR B 509 -20.40 -16.81 28.92
CA TYR B 509 -19.80 -16.39 27.64
C TYR B 509 -18.27 -16.37 27.72
N TYR B 510 -17.62 -16.90 26.67
CA TYR B 510 -16.15 -16.85 26.57
C TYR B 510 -15.66 -15.64 25.76
N TRP B 511 -14.57 -15.06 26.24
CA TRP B 511 -13.93 -13.94 25.58
C TRP B 511 -12.48 -14.36 25.40
N ILE B 512 -12.10 -14.69 24.16
CA ILE B 512 -10.78 -15.20 23.86
C ILE B 512 -9.79 -14.05 23.75
N THR B 513 -8.75 -14.07 24.58
CA THR B 513 -7.80 -12.95 24.61
C THR B 513 -6.53 -13.16 23.79
N GLY B 514 -6.25 -14.41 23.39
CA GLY B 514 -5.17 -14.66 22.45
C GLY B 514 -4.25 -15.71 23.00
N ARG B 515 -3.13 -15.93 22.30
CA ARG B 515 -2.17 -16.97 22.69
C ARG B 515 -1.45 -16.64 23.99
N VAL B 516 -1.24 -17.67 24.81
CA VAL B 516 -0.47 -17.53 26.04
C VAL B 516 0.94 -18.10 25.86
N ASP B 517 1.18 -18.73 24.73
CA ASP B 517 2.46 -19.33 24.39
C ASP B 517 3.20 -18.39 23.42
N ASP B 518 4.29 -18.85 22.83
CA ASP B 518 5.12 -17.95 22.03
C ASP B 518 4.76 -18.00 20.54
N VAL B 519 3.50 -17.67 20.28
CA VAL B 519 2.92 -17.69 18.94
C VAL B 519 2.26 -16.35 18.72
N LEU B 520 2.47 -15.76 17.55
CA LEU B 520 1.89 -14.46 17.22
C LEU B 520 0.67 -14.56 16.31
N ASN B 521 -0.17 -13.52 16.40
CA ASN B 521 -1.16 -13.26 15.37
C ASN B 521 -0.87 -11.98 14.62
N VAL B 522 -0.32 -12.13 13.43
CA VAL B 522 0.04 -11.00 12.62
C VAL B 522 -0.90 -10.97 11.42
N SER B 523 -1.84 -10.02 11.42
CA SER B 523 -2.86 -9.89 10.37
C SER B 523 -3.65 -11.18 10.20
N GLY B 524 -3.97 -11.85 11.31
CA GLY B 524 -4.67 -13.11 11.26
C GLY B 524 -3.76 -14.29 10.92
N HIS B 525 -2.46 -14.05 10.79
CA HIS B 525 -1.55 -15.16 10.52
C HIS B 525 -0.86 -15.61 11.80
N ARG B 526 -0.89 -16.93 12.01
CA ARG B 526 -0.31 -17.57 13.18
C ARG B 526 1.15 -17.91 12.88
N LEU B 527 2.05 -17.32 13.64
CA LEU B 527 3.49 -17.45 13.40
C LEU B 527 4.24 -17.66 14.72
N GLY B 528 5.22 -18.54 14.73
CA GLY B 528 5.99 -18.75 15.94
C GLY B 528 7.07 -17.70 16.10
N THR B 529 7.29 -17.21 17.33
CA THR B 529 8.46 -16.35 17.56
C THR B 529 9.77 -17.10 17.29
N ALA B 530 9.84 -18.36 17.69
CA ALA B 530 11.07 -19.13 17.51
C ALA B 530 11.46 -19.30 16.05
N GLU B 531 10.47 -19.49 15.20
CA GLU B 531 10.73 -19.66 13.76
C GLU B 531 11.26 -18.39 13.08
N ILE B 532 10.81 -17.23 13.55
CA ILE B 532 11.34 -15.96 13.05
C ILE B 532 12.77 -15.73 13.58
N GLU B 533 13.00 -16.08 14.84
CA GLU B 533 14.35 -16.04 15.44
C GLU B 533 15.34 -16.92 14.71
N SER B 534 14.88 -18.08 14.27
CA SER B 534 15.70 -18.99 13.48
C SER B 534 16.07 -18.37 12.15
N ALA B 535 15.05 -17.83 11.47
CA ALA B 535 15.29 -17.20 10.20
C ALA B 535 16.31 -16.08 10.36
N LEU B 536 16.15 -15.26 11.39
CA LEU B 536 17.07 -14.16 11.64
C LEU B 536 18.50 -14.64 11.85
N VAL B 537 18.71 -15.42 12.92
CA VAL B 537 20.03 -16.00 13.26
C VAL B 537 20.72 -16.73 12.07
N ALA B 538 19.94 -17.22 11.10
CA ALA B 538 20.56 -17.85 9.92
C ALA B 538 21.27 -16.83 9.01
N HIS B 539 20.94 -15.55 9.15
CA HIS B 539 21.60 -14.50 8.37
C HIS B 539 23.07 -14.42 8.78
N PRO B 540 24.00 -14.36 7.79
CA PRO B 540 25.42 -14.54 8.13
C PRO B 540 26.02 -13.46 9.03
N LYS B 541 25.27 -12.40 9.30
CA LYS B 541 25.79 -11.30 10.11
C LYS B 541 25.11 -11.20 11.48
N ILE B 542 24.10 -12.04 11.71
CA ILE B 542 23.37 -12.05 12.97
C ILE B 542 23.89 -13.16 13.89
N ALA B 543 24.22 -12.78 15.12
CA ALA B 543 24.60 -13.72 16.18
C ALA B 543 23.41 -14.30 16.93
N GLU B 544 22.37 -13.49 17.09
CA GLU B 544 21.40 -13.70 18.13
C GLU B 544 20.17 -12.85 17.83
N ALA B 545 18.98 -13.41 18.06
CA ALA B 545 17.76 -12.64 17.92
C ALA B 545 16.70 -13.07 18.92
N ALA B 546 15.94 -12.10 19.41
CA ALA B 546 14.71 -12.40 20.16
C ALA B 546 13.55 -11.63 19.55
N VAL B 547 12.48 -12.35 19.26
CA VAL B 547 11.32 -11.79 18.59
C VAL B 547 10.13 -11.80 19.53
N VAL B 548 9.53 -10.62 19.69
CA VAL B 548 8.27 -10.46 20.43
C VAL B 548 7.18 -9.85 19.57
N GLY B 549 5.93 -10.08 19.98
CA GLY B 549 4.77 -9.40 19.43
C GLY B 549 4.39 -8.15 20.22
N ILE B 550 4.07 -7.09 19.48
CA ILE B 550 3.54 -5.87 20.06
C ILE B 550 2.15 -5.57 19.48
N PRO B 551 1.32 -4.82 20.23
CA PRO B 551 0.02 -4.36 19.74
C PRO B 551 0.15 -3.59 18.43
N HIS B 552 -0.76 -3.82 17.49
CA HIS B 552 -0.79 -3.06 16.24
C HIS B 552 -2.24 -2.80 15.85
N ALA B 553 -2.53 -1.55 15.48
CA ALA B 553 -3.91 -1.09 15.29
C ALA B 553 -4.65 -1.80 14.15
N ILE B 554 -3.92 -2.18 13.12
CA ILE B 554 -4.56 -2.84 11.99
C ILE B 554 -4.31 -4.34 12.05
N LYS B 555 -3.02 -4.67 12.13
CA LYS B 555 -2.52 -6.04 12.11
C LYS B 555 -2.91 -6.90 13.32
N GLY B 556 -3.31 -6.29 14.43
CA GLY B 556 -3.54 -7.03 15.66
C GLY B 556 -2.23 -7.03 16.41
N GLN B 557 -1.26 -7.77 15.89
CA GLN B 557 0.12 -7.70 16.40
C GLN B 557 1.13 -7.41 15.30
N ALA B 558 2.20 -6.70 15.66
CA ALA B 558 3.35 -6.48 14.79
C ALA B 558 4.54 -7.30 15.27
N ILE B 559 5.51 -7.54 14.39
CA ILE B 559 6.67 -8.34 14.74
C ILE B 559 7.87 -7.45 15.09
N TYR B 560 8.27 -7.50 16.36
CA TYR B 560 9.32 -6.65 16.89
C TYR B 560 10.52 -7.56 17.23
N ALA B 561 11.61 -7.32 16.53
CA ALA B 561 12.76 -8.22 16.59
C ALA B 561 13.97 -7.51 17.18
N TYR B 562 14.44 -8.03 18.31
CA TYR B 562 15.71 -7.58 18.88
C TYR B 562 16.86 -8.35 18.22
N VAL B 563 17.85 -7.64 17.70
CA VAL B 563 18.91 -8.29 16.94
C VAL B 563 20.31 -7.89 17.40
N THR B 564 21.10 -8.91 17.75
CA THR B 564 22.51 -8.78 18.08
C THR B 564 23.35 -9.26 16.90
N LEU B 565 24.23 -8.39 16.43
CA LEU B 565 25.06 -8.68 15.27
C LEU B 565 26.35 -9.38 15.68
N ASN B 566 26.96 -10.12 14.76
CA ASN B 566 28.27 -10.75 15.01
C ASN B 566 29.30 -9.68 15.30
N HIS B 567 30.34 -10.02 16.05
CA HIS B 567 31.41 -9.08 16.29
C HIS B 567 31.99 -8.68 14.96
N GLY B 568 32.26 -7.37 14.83
CA GLY B 568 32.77 -6.82 13.58
C GLY B 568 31.69 -6.24 12.68
N GLU B 569 30.46 -6.70 12.85
CA GLU B 569 29.35 -6.22 12.02
C GLU B 569 28.70 -4.98 12.63
N GLU B 570 28.06 -4.18 11.78
CA GLU B 570 27.60 -2.86 12.19
C GLU B 570 26.26 -2.49 11.56
N PRO B 571 25.35 -1.88 12.35
CA PRO B 571 24.03 -1.49 11.84
C PRO B 571 24.12 -0.39 10.78
N SER B 572 23.17 -0.42 9.85
CA SER B 572 23.04 0.62 8.83
C SER B 572 21.66 0.44 8.25
N PRO B 573 21.09 1.50 7.63
CA PRO B 573 19.87 1.39 6.84
C PRO B 573 19.94 0.30 5.76
N GLU B 574 21.08 0.18 5.09
CA GLU B 574 21.28 -0.91 4.14
C GLU B 574 21.03 -2.29 4.79
N LEU B 575 21.64 -2.53 5.93
CA LEU B 575 21.56 -3.83 6.56
C LEU B 575 20.18 -4.07 7.15
N TYR B 576 19.53 -3.00 7.59
CA TYR B 576 18.18 -3.06 8.13
C TYR B 576 17.21 -3.62 7.07
N ALA B 577 17.33 -3.12 5.84
CA ALA B 577 16.51 -3.57 4.72
C ALA B 577 16.89 -5.00 4.32
N GLU B 578 18.18 -5.29 4.35
CA GLU B 578 18.69 -6.63 4.08
C GLU B 578 18.11 -7.69 5.02
N VAL B 579 18.26 -7.46 6.32
CA VAL B 579 17.71 -8.36 7.34
C VAL B 579 16.19 -8.59 7.19
N ARG B 580 15.44 -7.50 6.96
CA ARG B 580 14.01 -7.66 6.66
C ARG B 580 13.76 -8.53 5.43
N ASN B 581 14.51 -8.29 4.34
CA ASN B 581 14.36 -9.08 3.11
C ASN B 581 14.77 -10.54 3.32
N TRP B 582 15.68 -10.76 4.26
CA TRP B 582 16.14 -12.10 4.57
C TRP B 582 14.98 -12.92 5.14
N VAL B 583 14.24 -12.32 6.07
CA VAL B 583 13.06 -13.02 6.63
C VAL B 583 11.99 -13.21 5.56
N ARG B 584 11.78 -12.20 4.71
CA ARG B 584 10.87 -12.35 3.55
C ARG B 584 11.20 -13.58 2.72
N LYS B 585 12.48 -13.83 2.52
CA LYS B 585 12.87 -14.93 1.68
C LYS B 585 12.96 -16.28 2.40
N GLU B 586 13.29 -16.26 3.69
CA GLU B 586 13.33 -17.49 4.48
C GLU B 586 11.94 -18.09 4.72
N ILE B 587 10.95 -17.22 4.96
CA ILE B 587 9.58 -17.65 5.32
C ILE B 587 8.56 -17.08 4.32
N GLY B 588 8.50 -15.77 4.24
CA GLY B 588 7.53 -15.08 3.40
C GLY B 588 7.29 -13.65 3.90
N PRO B 589 6.74 -12.80 3.03
CA PRO B 589 6.31 -11.44 3.37
C PRO B 589 5.52 -11.33 4.68
N LEU B 590 4.66 -12.33 4.94
CA LEU B 590 3.84 -12.37 6.17
C LEU B 590 4.66 -12.34 7.47
N ALA B 591 5.89 -12.86 7.41
CA ALA B 591 6.78 -12.89 8.58
C ALA B 591 7.77 -11.73 8.69
N THR B 592 7.65 -10.73 7.82
CA THR B 592 8.57 -9.58 7.84
C THR B 592 8.50 -8.81 9.18
N PRO B 593 9.66 -8.65 9.86
CA PRO B 593 9.65 -7.83 11.06
C PRO B 593 9.24 -6.40 10.75
N ASP B 594 8.37 -5.88 11.59
CA ASP B 594 7.95 -4.50 11.52
C ASP B 594 9.03 -3.60 12.14
N VAL B 595 9.66 -4.07 13.20
CA VAL B 595 10.72 -3.33 13.87
C VAL B 595 11.95 -4.20 14.01
N LEU B 596 13.11 -3.68 13.63
CA LEU B 596 14.36 -4.31 14.02
C LEU B 596 15.03 -3.42 15.06
N HIS B 597 15.31 -4.00 16.21
CA HIS B 597 15.91 -3.29 17.33
C HIS B 597 17.33 -3.82 17.48
N TRP B 598 18.32 -3.05 17.04
CA TRP B 598 19.72 -3.47 17.14
C TRP B 598 20.17 -3.26 18.57
N THR B 599 20.78 -4.27 19.14
CA THR B 599 21.25 -4.18 20.52
C THR B 599 22.38 -5.16 20.80
N ASP B 600 23.25 -4.82 21.75
CA ASP B 600 24.16 -5.76 22.38
C ASP B 600 23.75 -6.10 23.81
N SER B 601 22.51 -5.76 24.18
CA SER B 601 22.09 -5.89 25.57
C SER B 601 20.92 -6.83 25.78
N LEU B 602 20.91 -7.97 25.09
CA LEU B 602 19.82 -8.92 25.32
C LEU B 602 19.86 -9.31 26.80
N PRO B 603 18.71 -9.22 27.50
CA PRO B 603 18.75 -9.52 28.92
C PRO B 603 18.81 -11.03 29.08
N LYS B 604 19.75 -11.52 29.86
CA LYS B 604 19.92 -12.95 30.04
C LYS B 604 20.12 -13.38 31.48
N THR B 605 19.73 -14.61 31.75
CA THR B 605 20.02 -15.26 33.01
C THR B 605 21.50 -15.57 33.05
N ARG B 606 21.99 -15.93 34.24
CA ARG B 606 23.41 -16.23 34.42
C ARG B 606 23.81 -17.50 33.66
N SER B 607 22.82 -18.34 33.37
CA SER B 607 23.03 -19.54 32.53
C SER B 607 22.78 -19.26 31.05
N GLY B 608 22.42 -18.02 30.71
CA GLY B 608 22.37 -17.56 29.32
C GLY B 608 21.03 -17.59 28.63
N ALA B 609 19.97 -17.96 29.35
CA ALA B 609 18.61 -17.93 28.79
C ALA B 609 18.14 -16.48 28.64
N ILE B 610 17.50 -16.19 27.52
CA ILE B 610 16.95 -14.85 27.29
C ILE B 610 15.70 -14.68 28.12
N MET B 611 15.61 -13.55 28.80
CA MET B 611 14.47 -13.20 29.61
C MET B 611 13.45 -12.48 28.75
N ARG B 612 12.48 -13.23 28.22
CA ARG B 612 11.52 -12.72 27.23
C ARG B 612 10.47 -11.73 27.76
N ARG B 613 10.03 -11.91 29.01
CA ARG B 613 9.04 -11.00 29.63
C ARG B 613 9.52 -9.55 29.61
N ILE B 614 10.80 -9.34 29.92
CA ILE B 614 11.39 -8.01 29.86
C ILE B 614 11.39 -7.41 28.44
N LEU B 615 11.76 -8.20 27.42
CA LEU B 615 11.75 -7.73 26.04
C LEU B 615 10.33 -7.41 25.54
N ARG B 616 9.38 -8.22 25.97
CA ARG B 616 7.97 -8.10 25.60
C ARG B 616 7.42 -6.79 26.16
N LYS B 617 7.76 -6.53 27.43
CA LYS B 617 7.36 -5.31 28.13
C LYS B 617 7.94 -4.06 27.50
N ILE B 618 9.26 -4.05 27.29
CA ILE B 618 9.95 -2.90 26.72
C ILE B 618 9.46 -2.57 25.31
N ALA B 619 9.26 -3.59 24.49
CA ALA B 619 8.84 -3.41 23.11
C ALA B 619 7.45 -2.79 23.03
N ALA B 620 6.61 -3.12 24.02
CA ALA B 620 5.26 -2.56 24.16
C ALA B 620 5.24 -1.16 24.79
N GLY B 621 6.42 -0.63 25.15
CA GLY B 621 6.50 0.68 25.78
C GLY B 621 6.06 0.74 27.24
N ASP B 622 5.62 -0.42 27.77
CA ASP B 622 5.22 -0.57 29.18
C ASP B 622 6.41 -0.49 30.13
N LEU B 632 18.52 -9.89 35.31
CA LEU B 632 19.47 -10.78 35.99
C LEU B 632 20.83 -10.54 35.33
N ALA B 633 21.83 -11.34 35.69
CA ALA B 633 23.20 -11.28 35.13
C ALA B 633 23.82 -9.89 35.00
N ASP B 634 23.40 -9.13 33.97
CA ASP B 634 23.79 -7.73 33.82
C ASP B 634 22.55 -6.82 33.87
N PRO B 635 22.28 -6.22 35.04
CA PRO B 635 21.06 -5.44 35.19
C PRO B 635 21.08 -4.08 34.46
N GLY B 636 22.24 -3.68 33.94
CA GLY B 636 22.39 -2.44 33.18
C GLY B 636 21.84 -2.50 31.76
N VAL B 637 21.48 -3.70 31.30
CA VAL B 637 20.85 -3.89 29.99
C VAL B 637 19.46 -3.22 29.91
N VAL B 638 18.73 -3.20 31.01
CA VAL B 638 17.38 -2.62 31.00
C VAL B 638 17.41 -1.16 30.53
N GLU B 639 18.24 -0.35 31.21
CA GLU B 639 18.48 1.05 30.81
C GLU B 639 18.91 1.17 29.35
N LYS B 640 19.84 0.33 28.90
CA LYS B 640 20.31 0.39 27.51
C LYS B 640 19.16 0.06 26.53
N LEU B 641 18.47 -1.06 26.78
CA LEU B 641 17.33 -1.46 25.98
C LEU B 641 16.25 -0.37 25.88
N LEU B 642 15.95 0.30 27.00
CA LEU B 642 15.00 1.41 27.07
C LEU B 642 15.44 2.61 26.24
N GLU B 643 16.68 3.04 26.45
CA GLU B 643 17.28 4.09 25.64
C GLU B 643 17.12 3.80 24.14
N GLU B 644 17.48 2.58 23.75
CA GLU B 644 17.40 2.14 22.36
C GLU B 644 15.95 2.14 21.84
N LYS B 645 15.00 1.71 22.68
CA LYS B 645 13.57 1.70 22.36
C LYS B 645 13.10 3.10 21.96
N GLN B 646 13.58 4.10 22.72
CA GLN B 646 13.20 5.51 22.55
C GLN B 646 13.72 6.13 21.27
N ALA B 647 14.83 5.62 20.74
CA ALA B 647 15.41 6.13 19.50
C ALA B 647 14.87 5.40 18.26
N1A COA C . -3.10 11.41 -9.48
C2A COA C . -4.11 10.89 -8.68
N3A COA C . -3.84 10.36 -7.44
C4A COA C . -2.58 10.35 -6.98
C5A COA C . -1.54 10.88 -7.75
C6A COA C . -1.81 11.41 -9.01
N6A COA C . -0.82 11.80 -9.82
N7A COA C . -0.39 10.75 -7.04
C8A COA C . -0.69 10.16 -5.86
N9A COA C . -2.03 9.91 -5.81
C1B COA C . -2.76 9.31 -4.69
C2B COA C . -2.33 7.87 -4.44
O2B COA C . -3.00 6.95 -5.30
C3B COA C . -2.71 7.71 -2.99
O3B COA C . -4.10 7.57 -2.93
P3B COA C . -4.84 6.56 -1.92
O7A COA C . -6.32 6.63 -2.23
O8A COA C . -4.28 5.16 -2.14
O9A COA C . -4.58 7.01 -0.50
C4B COA C . -2.43 9.08 -2.39
O4B COA C . -2.50 10.00 -3.49
C5B COA C . -1.11 9.17 -1.62
O5B COA C . -0.01 9.28 -2.51
P1A COA C . 1.52 9.09 -2.04
O1A COA C . 1.71 9.39 -0.57
O2A COA C . 2.43 9.91 -2.90
O3A COA C . 1.76 7.50 -2.22
P2A COA C . 2.26 6.87 -3.61
O4A COA C . 1.16 7.09 -4.61
O5A COA C . 2.59 5.40 -3.42
O6A COA C . 3.57 7.71 -4.04
CBP COA C . 5.86 8.53 -3.93
CCP COA C . 4.79 7.62 -3.33
CDP COA C . 6.33 7.88 -5.25
CEP COA C . 7.04 8.54 -2.98
CAP COA C . 5.31 9.97 -4.16
OAP COA C . 4.70 10.48 -2.99
C9P COA C . 6.24 11.00 -4.76
O9P COA C . 6.88 10.77 -6.00
N8P COA C . 6.42 12.13 -4.08
C7P COA C . 7.46 13.10 -4.40
C6P COA C . 6.92 14.43 -4.92
C5P COA C . 7.88 14.99 -5.96
O5P COA C . 7.92 14.46 -7.09
N4P COA C . 8.63 16.03 -5.60
C3P COA C . 8.90 17.16 -6.47
C2P COA C . 7.64 17.67 -7.17
S1P COA C . 7.61 19.47 -7.40
O2' PRX D . 11.25 23.92 1.76
C2' PRX D . 11.84 23.87 0.44
C1' PRX D . 11.53 22.51 -0.14
O4' PRX D . 10.38 22.69 -0.98
C4' PRX D . 9.93 24.04 -0.94
C5' PRX D . 9.45 24.51 -2.31
O5' PRX D . 8.30 23.75 -2.66
P PRX D . 7.67 23.90 -4.12
O1P PRX D . 7.49 25.38 -4.35
O2P PRX D . 6.47 22.98 -4.14
O3P PRX D . 8.77 23.39 -5.16
C1P PRX D . 9.34 22.09 -5.08
C2P PRX D . 10.26 21.88 -6.27
C3P PRX D . 11.64 22.47 -5.98
C3' PRX D . 11.17 24.81 -0.55
O3' PRX D . 10.85 26.12 -0.05
N9 PRX D . 12.66 22.06 -0.98
C8 PRX D . 12.68 22.00 -2.32
N7 PRX D . 13.88 21.54 -2.73
C5 PRX D . 14.61 21.30 -1.62
C4 PRX D . 13.84 21.64 -0.53
N3 PRX D . 14.36 21.49 0.74
C2 PRX D . 15.60 21.02 0.89
N1 PRX D . 16.37 20.68 -0.16
C6 PRX D . 15.89 20.81 -1.42
N6 PRX D . 16.67 20.47 -2.47
N1A COA E . -0.45 -15.14 -2.20
C2A COA E . 0.75 -14.51 -2.42
N3A COA E . 1.11 -13.38 -1.70
C4A COA E . 0.28 -12.88 -0.77
C5A COA E . -0.95 -13.49 -0.53
C6A COA E . -1.31 -14.63 -1.24
N6A COA E . -2.49 -15.21 -1.01
N7A COA E . -1.58 -12.78 0.44
C8A COA E . -0.79 -11.76 0.82
N9A COA E . 0.36 -11.80 0.07
C1B COA E . 1.47 -10.82 0.10
C2B COA E . 1.03 -9.41 -0.30
O2B COA E . 1.13 -9.19 -1.69
C3B COA E . 2.02 -8.57 0.47
O3B COA E . 3.19 -8.44 -0.31
P3B COA E . 4.21 -7.20 -0.21
O7A COA E . 4.47 -6.88 1.25
O8A COA E . 3.64 -5.99 -0.94
O9A COA E . 5.50 -7.63 -0.87
C4B COA E . 2.34 -9.38 1.72
O4B COA E . 1.98 -10.71 1.43
C5B COA E . 1.65 -8.88 3.00
O5B COA E . 0.24 -9.07 2.91
P1A COA E . -0.83 -8.53 4.00
O1A COA E . -0.18 -8.03 5.28
O2A COA E . -1.84 -9.61 4.31
O3A COA E . -1.49 -7.26 3.28
P2A COA E . -2.63 -7.50 2.17
O4A COA E . -2.11 -8.49 1.16
O5A COA E . -3.04 -6.18 1.54
O6A COA E . -3.86 -8.17 2.97
CBP COA E . -5.74 -8.29 4.45
CCP COA E . -4.74 -7.38 3.75
CDP COA E . -6.96 -8.44 3.53
CEP COA E . -6.19 -7.59 5.72
CAP COA E . -5.09 -9.67 4.72
OAP COA E . -3.88 -9.55 5.44
C9P COA E . -5.94 -10.76 5.32
O9P COA E . -6.96 -11.36 4.55
N8P COA E . -5.65 -11.13 6.57
C7P COA E . -6.56 -11.90 7.38
C6P COA E . -6.13 -13.36 7.50
C5P COA E . -7.35 -14.24 7.60
O5P COA E . -8.13 -14.35 6.63
N4P COA E . -7.49 -14.87 8.78
C3P COA E . -8.67 -15.63 9.19
C2P COA E . -8.96 -16.86 8.34
S1P COA E . -7.53 -17.94 8.04
O2' PRX F . -5.34 -17.53 19.05
C2' PRX F . -6.50 -18.08 18.40
C1' PRX F . -6.76 -17.29 17.12
O4' PRX F . -6.19 -18.09 16.06
C4' PRX F . -5.55 -19.28 16.57
C5' PRX F . -5.70 -20.45 15.61
O5' PRX F . -5.13 -20.14 14.34
P PRX F . -5.10 -21.17 13.10
O1P PRX F . -4.70 -22.53 13.63
O2P PRX F . -4.26 -20.51 12.04
O3P PRX F . -6.61 -21.22 12.60
C1P PRX F . -7.29 -19.99 12.31
C2P PRX F . -8.75 -20.27 12.05
C3P PRX F . -9.53 -20.29 13.34
C3' PRX F . -6.26 -19.50 17.90
O3' PRX F . -5.47 -20.29 18.79
N9 PRX F . -8.21 -17.16 16.91
C8 PRX F . -8.91 -17.87 16.01
N7 PRX F . -10.20 -17.53 16.08
C5 PRX F . -10.31 -16.57 17.04
C4 PRX F . -9.06 -16.34 17.57
N3 PRX F . -8.92 -15.42 18.57
C2 PRX F . -9.96 -14.75 19.03
N1 PRX F . -11.18 -14.96 18.52
C6 PRX F . -11.39 -15.87 17.53
N6 PRX F . -12.60 -16.10 16.99
#